data_8CS8
# 
_entry.id   8CS8 
# 
_audit_conform.dict_name       mmcif_pdbx.dic 
_audit_conform.dict_version    5.380 
_audit_conform.dict_location   http://mmcif.pdb.org/dictionaries/ascii/mmcif_pdbx.dic 
# 
loop_
_database_2.database_id 
_database_2.database_code 
_database_2.pdbx_database_accession 
_database_2.pdbx_DOI 
PDB   8CS8         pdb_00008cs8 10.2210/pdb8cs8/pdb 
WWPDB D_1000265368 ?            ?                   
# 
_pdbx_database_related.db_name        PDB 
_pdbx_database_related.details        'Different sticky ends' 
_pdbx_database_related.db_id          7R96 
_pdbx_database_related.content_type   unspecified 
# 
_pdbx_database_status.status_code                     REL 
_pdbx_database_status.status_code_sf                  REL 
_pdbx_database_status.status_code_mr                  ? 
_pdbx_database_status.entry_id                        8CS8 
_pdbx_database_status.recvd_initial_deposition_date   2022-05-12 
_pdbx_database_status.SG_entry                        N 
_pdbx_database_status.deposit_site                    RCSB 
_pdbx_database_status.process_site                    RCSB 
_pdbx_database_status.status_code_cs                  ? 
_pdbx_database_status.status_code_nmr_data            ? 
_pdbx_database_status.methods_development_category    ? 
_pdbx_database_status.pdb_format_compatible           N 
# 
loop_
_audit_author.name 
_audit_author.pdbx_ordinal 
_audit_author.identifier_ORCID 
'Lu, B.'        1 0000-0001-6424-2197 
'Vecchioni, S.' 2 0000-0001-8243-650X 
'Ohayon, Y.P.'  3 0000-0001-7500-4282 
'Seeman, N.C.'  4 0000-0002-9680-4649 
'Mao, C.'       5 0000-0001-7516-8666 
'Sha, R.'       6 0000-0002-0807-734X 
# 
_citation.abstract                  ? 
_citation.abstract_id_CAS           ? 
_citation.book_id_ISBN              ? 
_citation.book_publisher            ? 
_citation.book_publisher_city       ? 
_citation.book_title                ? 
_citation.coordinate_linkage        ? 
_citation.country                   GE 
_citation.database_id_Medline       ? 
_citation.details                   ? 
_citation.id                        primary 
_citation.journal_abbrev            Angew.Chem.Int.Ed.Engl. 
_citation.journal_id_ASTM           ACIEAY 
_citation.journal_id_CSD            0179 
_citation.journal_id_ISSN           1521-3773 
_citation.journal_full              ? 
_citation.journal_issue             ? 
_citation.journal_volume            62 
_citation.language                  ? 
_citation.page_first                e202213451 
_citation.page_last                 e202213451 
_citation.title                     'Programmable 3D Hexagonal Geometry of DNA Tensegrity Triangles.' 
_citation.year                      2023 
_citation.database_id_CSD           ? 
_citation.pdbx_database_id_DOI      10.1002/anie.202213451 
_citation.pdbx_database_id_PubMed   36520622 
_citation.pdbx_database_id_patent   ? 
_citation.unpublished_flag          ? 
# 
loop_
_citation_author.citation_id 
_citation_author.name 
_citation_author.ordinal 
_citation_author.identifier_ORCID 
primary 'Lu, B.'        1 ?                   
primary 'Woloszyn, K.'  2 ?                   
primary 'Ohayon, Y.P.'  3 ?                   
primary 'Yang, B.'      4 ?                   
primary 'Zhang, C.'     5 ?                   
primary 'Mao, C.'       6 ?                   
primary 'Seeman, N.C.'  7 ?                   
primary 'Vecchioni, S.' 8 ?                   
primary 'Sha, R.'       9 0000-0002-0807-734X 
# 
_cell.angle_alpha                  90.000 
_cell.angle_alpha_esd              ? 
_cell.angle_beta                   90.000 
_cell.angle_beta_esd               ? 
_cell.angle_gamma                  120.000 
_cell.angle_gamma_esd              ? 
_cell.entry_id                     8CS8 
_cell.details                      ? 
_cell.formula_units_Z              ? 
_cell.length_a                     126.928 
_cell.length_a_esd                 ? 
_cell.length_b                     126.928 
_cell.length_b_esd                 ? 
_cell.length_c                     57.857 
_cell.length_c_esd                 ? 
_cell.volume                       807237.663 
_cell.volume_esd                   ? 
_cell.Z_PDB                        6 
_cell.reciprocal_angle_alpha       ? 
_cell.reciprocal_angle_beta        ? 
_cell.reciprocal_angle_gamma       ? 
_cell.reciprocal_angle_alpha_esd   ? 
_cell.reciprocal_angle_beta_esd    ? 
_cell.reciprocal_angle_gamma_esd   ? 
_cell.reciprocal_length_a          ? 
_cell.reciprocal_length_b          ? 
_cell.reciprocal_length_c          ? 
_cell.reciprocal_length_a_esd      ? 
_cell.reciprocal_length_b_esd      ? 
_cell.reciprocal_length_c_esd      ? 
_cell.pdbx_unique_axis             ? 
_cell.pdbx_esd_method              ? 
# 
_symmetry.entry_id                         8CS8 
_symmetry.cell_setting                     ? 
_symmetry.Int_Tables_number                173 
_symmetry.space_group_name_Hall            'P 6c' 
_symmetry.space_group_name_H-M             'P 63' 
_symmetry.pdbx_full_space_group_name_H-M   ? 
# 
loop_
_entity.id 
_entity.type 
_entity.src_method 
_entity.pdbx_description 
_entity.formula_weight 
_entity.pdbx_number_of_molecules 
_entity.pdbx_ec 
_entity.pdbx_mutation 
_entity.pdbx_fragment 
_entity.details 
1 polymer syn 
;DNA (5'-D(*GP*AP*GP*GP*AP*GP*CP*CP*TP*GP*CP*GP*CP*GP*GP*AP*CP*AP*GP*AP*G)-3')
;
6563.237 1 ? ? ? ? 
2 polymer syn 
;DNA (5'-D(P*CP*CP*GP*CP*GP*CP*A)-3')
;
2083.388 1 ? ? ? ? 
3 polymer syn 
;DNA (5'-D(P*GP*GP*CP*TP*CP*C)-3')
;
1785.193 1 ? ? ? ? 
4 polymer syn 
;DNA (5'-D(*TP*CP*CP*TP*CP*TP*GP*T)-3')
;
2368.565 1 ? ? ? ? 
# 
loop_
_entity_poly.entity_id 
_entity_poly.type 
_entity_poly.nstd_linkage 
_entity_poly.nstd_monomer 
_entity_poly.pdbx_seq_one_letter_code 
_entity_poly.pdbx_seq_one_letter_code_can 
_entity_poly.pdbx_strand_id 
_entity_poly.pdbx_target_identifier 
1 polydeoxyribonucleotide no no 
;(DG)(DA)(DG)(DG)(DA)(DG)(DC)(DC)(DT)(DG)(DC)(DG)(DC)(DG)(DG)(DA)(DC)(DA)(DG)(DA)
(DG)
;
GAGGAGCCTGCGCGGACAGAG A ? 
2 polydeoxyribonucleotide no no '(DC)(DC)(DG)(DC)(DG)(DC)(DA)'                                                          CCGCGCA B 
? 
3 polydeoxyribonucleotide no no '(DG)(DG)(DC)(DT)(DC)(DC)'                                                              GGCTCC C ? 
4 polydeoxyribonucleotide no no '(DT)(DC)(DC)(DT)(DC)(DT)(DG)(DT)'                                                      TCCTCTGT D 
? 
# 
loop_
_entity_poly_seq.entity_id 
_entity_poly_seq.num 
_entity_poly_seq.mon_id 
_entity_poly_seq.hetero 
1 1  DG n 
1 2  DA n 
1 3  DG n 
1 4  DG n 
1 5  DA n 
1 6  DG n 
1 7  DC n 
1 8  DC n 
1 9  DT n 
1 10 DG n 
1 11 DC n 
1 12 DG n 
1 13 DC n 
1 14 DG n 
1 15 DG n 
1 16 DA n 
1 17 DC n 
1 18 DA n 
1 19 DG n 
1 20 DA n 
1 21 DG n 
2 1  DC n 
2 2  DC n 
2 3  DG n 
2 4  DC n 
2 5  DG n 
2 6  DC n 
2 7  DA n 
3 1  DG n 
3 2  DG n 
3 3  DC n 
3 4  DT n 
3 5  DC n 
3 6  DC n 
4 1  DT n 
4 2  DC n 
4 3  DC n 
4 4  DT n 
4 5  DC n 
4 6  DT n 
4 7  DG n 
4 8  DT n 
# 
loop_
_pdbx_entity_src_syn.entity_id 
_pdbx_entity_src_syn.pdbx_src_id 
_pdbx_entity_src_syn.pdbx_alt_source_flag 
_pdbx_entity_src_syn.pdbx_beg_seq_num 
_pdbx_entity_src_syn.pdbx_end_seq_num 
_pdbx_entity_src_syn.organism_scientific 
_pdbx_entity_src_syn.organism_common_name 
_pdbx_entity_src_syn.ncbi_taxonomy_id 
_pdbx_entity_src_syn.details 
1 1 sample 1 21 'synthetic construct' ? 32630 ? 
2 1 sample 1 7  'synthetic construct' ? 32630 ? 
3 1 sample 1 6  'synthetic construct' ? 32630 ? 
4 1 sample 1 8  'synthetic construct' ? 32630 ? 
# 
loop_
_struct_ref.id 
_struct_ref.db_name 
_struct_ref.db_code 
_struct_ref.pdbx_db_accession 
_struct_ref.pdbx_db_isoform 
_struct_ref.entity_id 
_struct_ref.pdbx_seq_one_letter_code 
_struct_ref.pdbx_align_begin 
1 PDB 8CS8 8CS8 ? 1 ? 1 
2 PDB 8CS8 8CS8 ? 2 ? 1 
3 PDB 8CS8 8CS8 ? 3 ? 1 
4 PDB 8CS8 8CS8 ? 4 ? 1 
# 
loop_
_struct_ref_seq.align_id 
_struct_ref_seq.ref_id 
_struct_ref_seq.pdbx_PDB_id_code 
_struct_ref_seq.pdbx_strand_id 
_struct_ref_seq.seq_align_beg 
_struct_ref_seq.pdbx_seq_align_beg_ins_code 
_struct_ref_seq.seq_align_end 
_struct_ref_seq.pdbx_seq_align_end_ins_code 
_struct_ref_seq.pdbx_db_accession 
_struct_ref_seq.db_align_beg 
_struct_ref_seq.pdbx_db_align_beg_ins_code 
_struct_ref_seq.db_align_end 
_struct_ref_seq.pdbx_db_align_end_ins_code 
_struct_ref_seq.pdbx_auth_seq_align_beg 
_struct_ref_seq.pdbx_auth_seq_align_end 
1 1 8CS8 A 1 ? 21 ? 8CS8 101 ? 121 ? 101 121 
2 2 8CS8 B 1 ? 7  ? 8CS8 119 ? 125 ? 119 125 
3 3 8CS8 C 1 ? 6  ? 8CS8 209 ? 214 ? 209 214 
4 4 8CS8 D 1 ? 8  ? 8CS8 201 ? 208 ? 201 208 
# 
loop_
_chem_comp.id 
_chem_comp.type 
_chem_comp.mon_nstd_flag 
_chem_comp.name 
_chem_comp.pdbx_synonyms 
_chem_comp.formula 
_chem_comp.formula_weight 
DA 'DNA linking' y "2'-DEOXYADENOSINE-5'-MONOPHOSPHATE" ? 'C10 H14 N5 O6 P' 331.222 
DC 'DNA linking' y "2'-DEOXYCYTIDINE-5'-MONOPHOSPHATE"  ? 'C9 H14 N3 O7 P'  307.197 
DG 'DNA linking' y "2'-DEOXYGUANOSINE-5'-MONOPHOSPHATE" ? 'C10 H14 N5 O7 P' 347.221 
DT 'DNA linking' y "THYMIDINE-5'-MONOPHOSPHATE"         ? 'C10 H15 N2 O8 P' 322.208 
# 
_exptl.absorpt_coefficient_mu     ? 
_exptl.absorpt_correction_T_max   ? 
_exptl.absorpt_correction_T_min   ? 
_exptl.absorpt_correction_type    ? 
_exptl.absorpt_process_details    ? 
_exptl.entry_id                   8CS8 
_exptl.crystals_number            1 
_exptl.details                    ? 
_exptl.method                     'X-RAY DIFFRACTION' 
_exptl.method_details             ? 
# 
_exptl_crystal.colour                       ? 
_exptl_crystal.density_diffrn               ? 
_exptl_crystal.density_Matthews             10.51 
_exptl_crystal.density_method               ? 
_exptl_crystal.density_percent_sol          88.30 
_exptl_crystal.description                  ? 
_exptl_crystal.F_000                        ? 
_exptl_crystal.id                           1 
_exptl_crystal.preparation                  ? 
_exptl_crystal.size_max                     ? 
_exptl_crystal.size_mid                     ? 
_exptl_crystal.size_min                     ? 
_exptl_crystal.size_rad                     ? 
_exptl_crystal.colour_lustre                ? 
_exptl_crystal.colour_modifier              ? 
_exptl_crystal.colour_primary               ? 
_exptl_crystal.density_meas                 ? 
_exptl_crystal.density_meas_esd             ? 
_exptl_crystal.density_meas_gt              ? 
_exptl_crystal.density_meas_lt              ? 
_exptl_crystal.density_meas_temp            ? 
_exptl_crystal.density_meas_temp_esd        ? 
_exptl_crystal.density_meas_temp_gt         ? 
_exptl_crystal.density_meas_temp_lt         ? 
_exptl_crystal.pdbx_crystal_image_url       ? 
_exptl_crystal.pdbx_crystal_image_format    ? 
_exptl_crystal.pdbx_mosaicity               ? 
_exptl_crystal.pdbx_mosaicity_esd           ? 
_exptl_crystal.pdbx_mosaic_method           ? 
_exptl_crystal.pdbx_mosaic_block_size       ? 
_exptl_crystal.pdbx_mosaic_block_size_esd   ? 
# 
_exptl_crystal_grow.apparatus       ? 
_exptl_crystal_grow.atmosphere      ? 
_exptl_crystal_grow.crystal_id      1 
_exptl_crystal_grow.details         ? 
_exptl_crystal_grow.method          'VAPOR DIFFUSION, HANGING DROP' 
_exptl_crystal_grow.method_ref      ? 
_exptl_crystal_grow.pH              9.5 
_exptl_crystal_grow.pressure        ? 
_exptl_crystal_grow.pressure_esd    ? 
_exptl_crystal_grow.seeding         ? 
_exptl_crystal_grow.seeding_ref     ? 
_exptl_crystal_grow.temp            293 
_exptl_crystal_grow.temp_details    '338-293 at 0.4/hr' 
_exptl_crystal_grow.temp_esd        ? 
_exptl_crystal_grow.time            ? 
_exptl_crystal_grow.pdbx_details    '800 mM Tris, 800 mM Acetic Acid, 20 mM EDTA' 
_exptl_crystal_grow.pdbx_pH_range   ? 
# 
_diffrn.ambient_environment              ? 
_diffrn.ambient_temp                     100 
_diffrn.ambient_temp_details             ? 
_diffrn.ambient_temp_esd                 ? 
_diffrn.crystal_id                       1 
_diffrn.crystal_support                  ? 
_diffrn.crystal_treatment                ? 
_diffrn.details                          ? 
_diffrn.id                               1 
_diffrn.ambient_pressure                 ? 
_diffrn.ambient_pressure_esd             ? 
_diffrn.ambient_pressure_gt              ? 
_diffrn.ambient_pressure_lt              ? 
_diffrn.ambient_temp_gt                  ? 
_diffrn.ambient_temp_lt                  ? 
_diffrn.pdbx_serial_crystal_experiment   N 
# 
_diffrn_detector.details                      ? 
_diffrn_detector.detector                     PIXEL 
_diffrn_detector.diffrn_id                    1 
_diffrn_detector.type                         'DECTRIS EIGER2 X 9M' 
_diffrn_detector.area_resol_mean              ? 
_diffrn_detector.dtime                        ? 
_diffrn_detector.pdbx_frames_total            ? 
_diffrn_detector.pdbx_collection_time_total   ? 
_diffrn_detector.pdbx_collection_date         2021-10-17 
_diffrn_detector.pdbx_frequency               ? 
# 
_diffrn_radiation.collimation                      ? 
_diffrn_radiation.diffrn_id                        1 
_diffrn_radiation.filter_edge                      ? 
_diffrn_radiation.inhomogeneity                    ? 
_diffrn_radiation.monochromator                    ? 
_diffrn_radiation.polarisn_norm                    ? 
_diffrn_radiation.polarisn_ratio                   ? 
_diffrn_radiation.probe                            ? 
_diffrn_radiation.type                             ? 
_diffrn_radiation.xray_symbol                      ? 
_diffrn_radiation.wavelength_id                    1 
_diffrn_radiation.pdbx_monochromatic_or_laue_m_l   M 
_diffrn_radiation.pdbx_wavelength_list             ? 
_diffrn_radiation.pdbx_wavelength                  ? 
_diffrn_radiation.pdbx_diffrn_protocol             'SINGLE WAVELENGTH' 
_diffrn_radiation.pdbx_analyzer                    ? 
_diffrn_radiation.pdbx_scattering_type             x-ray 
# 
_diffrn_radiation_wavelength.id           1 
_diffrn_radiation_wavelength.wavelength   1.00743 
_diffrn_radiation_wavelength.wt           1.0 
# 
_diffrn_source.current                     ? 
_diffrn_source.details                     ? 
_diffrn_source.diffrn_id                   1 
_diffrn_source.power                       ? 
_diffrn_source.size                        ? 
_diffrn_source.source                      SYNCHROTRON 
_diffrn_source.target                      ? 
_diffrn_source.type                        'APS BEAMLINE 17-ID' 
_diffrn_source.voltage                     ? 
_diffrn_source.take-off_angle              ? 
_diffrn_source.pdbx_wavelength_list        1.00743 
_diffrn_source.pdbx_wavelength             ? 
_diffrn_source.pdbx_synchrotron_beamline   17-ID 
_diffrn_source.pdbx_synchrotron_site       APS 
# 
_reflns.B_iso_Wilson_estimate                          342.07 
_reflns.entry_id                                       8CS8 
_reflns.data_reduction_details                         ? 
_reflns.data_reduction_method                          ? 
_reflns.d_resolution_high                              6.00 
_reflns.d_resolution_low                               64.96 
_reflns.details                                        ? 
_reflns.limit_h_max                                    ? 
_reflns.limit_h_min                                    ? 
_reflns.limit_k_max                                    ? 
_reflns.limit_k_min                                    ? 
_reflns.limit_l_max                                    ? 
_reflns.limit_l_min                                    ? 
_reflns.number_all                                     ? 
_reflns.number_obs                                     1146 
_reflns.observed_criterion                             ? 
_reflns.observed_criterion_F_max                       ? 
_reflns.observed_criterion_F_min                       ? 
_reflns.observed_criterion_I_max                       ? 
_reflns.observed_criterion_I_min                       ? 
_reflns.observed_criterion_sigma_F                     ? 
_reflns.observed_criterion_sigma_I                     ? 
_reflns.percent_possible_obs                           86.4 
_reflns.R_free_details                                 ? 
_reflns.Rmerge_F_all                                   ? 
_reflns.Rmerge_F_obs                                   ? 
_reflns.Friedel_coverage                               ? 
_reflns.number_gt                                      ? 
_reflns.threshold_expression                           ? 
_reflns.pdbx_redundancy                                19.6 
_reflns.pdbx_Rmerge_I_obs                              ? 
_reflns.pdbx_Rmerge_I_all                              ? 
_reflns.pdbx_Rsym_value                                ? 
_reflns.pdbx_netI_over_av_sigmaI                       ? 
_reflns.pdbx_netI_over_sigmaI                          10.8 
_reflns.pdbx_res_netI_over_av_sigmaI_2                 ? 
_reflns.pdbx_res_netI_over_sigmaI_2                    ? 
_reflns.pdbx_chi_squared                               ? 
_reflns.pdbx_scaling_rejects                           ? 
_reflns.pdbx_d_res_high_opt                            ? 
_reflns.pdbx_d_res_low_opt                             ? 
_reflns.pdbx_d_res_opt_method                          ? 
_reflns.phase_calculation_details                      ? 
_reflns.pdbx_Rrim_I_all                                ? 
_reflns.pdbx_Rpim_I_all                                ? 
_reflns.pdbx_d_opt                                     ? 
_reflns.pdbx_number_measured_all                       ? 
_reflns.pdbx_diffrn_id                                 1 
_reflns.pdbx_ordinal                                   1 
_reflns.pdbx_CC_half                                   0.999 
_reflns.pdbx_CC_star                                   ? 
_reflns.pdbx_R_split                                   ? 
_reflns.pdbx_aniso_diffraction_limit_axis_1_ortho[1]   ? 
_reflns.pdbx_aniso_diffraction_limit_axis_1_ortho[2]   ? 
_reflns.pdbx_aniso_diffraction_limit_axis_1_ortho[3]   ? 
_reflns.pdbx_aniso_diffraction_limit_axis_2_ortho[1]   ? 
_reflns.pdbx_aniso_diffraction_limit_axis_2_ortho[2]   ? 
_reflns.pdbx_aniso_diffraction_limit_axis_2_ortho[3]   ? 
_reflns.pdbx_aniso_diffraction_limit_axis_3_ortho[1]   ? 
_reflns.pdbx_aniso_diffraction_limit_axis_3_ortho[2]   ? 
_reflns.pdbx_aniso_diffraction_limit_axis_3_ortho[3]   ? 
_reflns.pdbx_aniso_diffraction_limit_1                 ? 
_reflns.pdbx_aniso_diffraction_limit_2                 ? 
_reflns.pdbx_aniso_diffraction_limit_3                 ? 
_reflns.pdbx_aniso_B_tensor_eigenvector_1_ortho[1]     ? 
_reflns.pdbx_aniso_B_tensor_eigenvector_1_ortho[2]     ? 
_reflns.pdbx_aniso_B_tensor_eigenvector_1_ortho[3]     ? 
_reflns.pdbx_aniso_B_tensor_eigenvector_2_ortho[1]     ? 
_reflns.pdbx_aniso_B_tensor_eigenvector_2_ortho[2]     ? 
_reflns.pdbx_aniso_B_tensor_eigenvector_2_ortho[3]     ? 
_reflns.pdbx_aniso_B_tensor_eigenvector_3_ortho[1]     ? 
_reflns.pdbx_aniso_B_tensor_eigenvector_3_ortho[2]     ? 
_reflns.pdbx_aniso_B_tensor_eigenvector_3_ortho[3]     ? 
_reflns.pdbx_aniso_B_tensor_eigenvalue_1               ? 
_reflns.pdbx_aniso_B_tensor_eigenvalue_2               ? 
_reflns.pdbx_aniso_B_tensor_eigenvalue_3               ? 
_reflns.pdbx_orthogonalization_convention              ? 
_reflns.pdbx_percent_possible_ellipsoidal              ? 
_reflns.pdbx_percent_possible_spherical                ? 
_reflns.pdbx_percent_possible_ellipsoidal_anomalous    ? 
_reflns.pdbx_percent_possible_spherical_anomalous      ? 
_reflns.pdbx_redundancy_anomalous                      ? 
_reflns.pdbx_CC_half_anomalous                         ? 
_reflns.pdbx_absDiff_over_sigma_anomalous              ? 
_reflns.pdbx_percent_possible_anomalous                ? 
_reflns.pdbx_observed_signal_threshold                 ? 
_reflns.pdbx_signal_type                               ? 
_reflns.pdbx_signal_details                            ? 
_reflns.pdbx_signal_software_id                        ? 
_reflns.pdbx_CC_split_method                           ? 
# 
_reflns_shell.d_res_high                                    6.00 
_reflns_shell.d_res_low                                     6.85 
_reflns_shell.meanI_over_sigI_all                           ? 
_reflns_shell.meanI_over_sigI_obs                           ? 
_reflns_shell.number_measured_all                           ? 
_reflns_shell.number_measured_obs                           ? 
_reflns_shell.number_possible                               ? 
_reflns_shell.number_unique_all                             ? 
_reflns_shell.number_unique_obs                             192 
_reflns_shell.percent_possible_all                          ? 
_reflns_shell.percent_possible_obs                          ? 
_reflns_shell.Rmerge_F_all                                  ? 
_reflns_shell.Rmerge_F_obs                                  ? 
_reflns_shell.Rmerge_I_all                                  ? 
_reflns_shell.Rmerge_I_obs                                  ? 
_reflns_shell.meanI_over_sigI_gt                            ? 
_reflns_shell.meanI_over_uI_all                             ? 
_reflns_shell.meanI_over_uI_gt                              ? 
_reflns_shell.number_measured_gt                            ? 
_reflns_shell.number_unique_gt                              ? 
_reflns_shell.percent_possible_gt                           ? 
_reflns_shell.Rmerge_F_gt                                   ? 
_reflns_shell.Rmerge_I_gt                                   ? 
_reflns_shell.pdbx_redundancy                               ? 
_reflns_shell.pdbx_Rsym_value                               ? 
_reflns_shell.pdbx_chi_squared                              ? 
_reflns_shell.pdbx_netI_over_sigmaI_all                     ? 
_reflns_shell.pdbx_netI_over_sigmaI_obs                     ? 
_reflns_shell.pdbx_Rrim_I_all                               ? 
_reflns_shell.pdbx_Rpim_I_all                               ? 
_reflns_shell.pdbx_rejects                                  ? 
_reflns_shell.pdbx_ordinal                                  1 
_reflns_shell.pdbx_diffrn_id                                1 
_reflns_shell.pdbx_CC_half                                  0.677 
_reflns_shell.pdbx_CC_star                                  ? 
_reflns_shell.pdbx_R_split                                  ? 
_reflns_shell.pdbx_percent_possible_ellipsoidal             ? 
_reflns_shell.pdbx_percent_possible_spherical               ? 
_reflns_shell.pdbx_percent_possible_ellipsoidal_anomalous   ? 
_reflns_shell.pdbx_percent_possible_spherical_anomalous     ? 
_reflns_shell.pdbx_redundancy_anomalous                     ? 
_reflns_shell.pdbx_CC_half_anomalous                        ? 
_reflns_shell.pdbx_absDiff_over_sigma_anomalous             ? 
_reflns_shell.pdbx_percent_possible_anomalous               ? 
# 
_refine.aniso_B[1][1]                            ? 
_refine.aniso_B[1][2]                            ? 
_refine.aniso_B[1][3]                            ? 
_refine.aniso_B[2][2]                            ? 
_refine.aniso_B[2][3]                            ? 
_refine.aniso_B[3][3]                            ? 
_refine.B_iso_max                                ? 
_refine.B_iso_mean                               578.42 
_refine.B_iso_min                                ? 
_refine.correlation_coeff_Fo_to_Fc               ? 
_refine.correlation_coeff_Fo_to_Fc_free          ? 
_refine.details                                  ? 
_refine.diff_density_max                         ? 
_refine.diff_density_max_esd                     ? 
_refine.diff_density_min                         ? 
_refine.diff_density_min_esd                     ? 
_refine.diff_density_rms                         ? 
_refine.diff_density_rms_esd                     ? 
_refine.entry_id                                 8CS8 
_refine.pdbx_refine_id                           'X-RAY DIFFRACTION' 
_refine.ls_abs_structure_details                 ? 
_refine.ls_abs_structure_Flack                   ? 
_refine.ls_abs_structure_Flack_esd               ? 
_refine.ls_abs_structure_Rogers                  ? 
_refine.ls_abs_structure_Rogers_esd              ? 
_refine.ls_d_res_high                            6.00 
_refine.ls_d_res_low                             54.96 
_refine.ls_extinction_coef                       ? 
_refine.ls_extinction_coef_esd                   ? 
_refine.ls_extinction_expression                 ? 
_refine.ls_extinction_method                     ? 
_refine.ls_goodness_of_fit_all                   ? 
_refine.ls_goodness_of_fit_all_esd               ? 
_refine.ls_goodness_of_fit_obs                   ? 
_refine.ls_goodness_of_fit_obs_esd               ? 
_refine.ls_hydrogen_treatment                    ? 
_refine.ls_matrix_type                           ? 
_refine.ls_number_constraints                    ? 
_refine.ls_number_parameters                     ? 
_refine.ls_number_reflns_all                     ? 
_refine.ls_number_reflns_obs                     1134 
_refine.ls_number_reflns_R_free                  71 
_refine.ls_number_reflns_R_work                  1063 
_refine.ls_number_restraints                     ? 
_refine.ls_percent_reflns_obs                    80.43 
_refine.ls_percent_reflns_R_free                 6.26 
_refine.ls_R_factor_all                          ? 
_refine.ls_R_factor_obs                          0.2364 
_refine.ls_R_factor_R_free                       0.3015 
_refine.ls_R_factor_R_free_error                 ? 
_refine.ls_R_factor_R_free_error_details         ? 
_refine.ls_R_factor_R_work                       0.2313 
_refine.ls_R_Fsqd_factor_obs                     ? 
_refine.ls_R_I_factor_obs                        ? 
_refine.ls_redundancy_reflns_all                 ? 
_refine.ls_redundancy_reflns_obs                 ? 
_refine.ls_restrained_S_all                      ? 
_refine.ls_restrained_S_obs                      ? 
_refine.ls_shift_over_esd_max                    ? 
_refine.ls_shift_over_esd_mean                   ? 
_refine.ls_structure_factor_coef                 ? 
_refine.ls_weighting_details                     ? 
_refine.ls_weighting_scheme                      ? 
_refine.ls_wR_factor_all                         ? 
_refine.ls_wR_factor_obs                         ? 
_refine.ls_wR_factor_R_free                      ? 
_refine.ls_wR_factor_R_work                      ? 
_refine.occupancy_max                            ? 
_refine.occupancy_min                            ? 
_refine.solvent_model_details                    'FLAT BULK SOLVENT MODEL' 
_refine.solvent_model_param_bsol                 ? 
_refine.solvent_model_param_ksol                 ? 
_refine.pdbx_R_complete                          ? 
_refine.ls_R_factor_gt                           ? 
_refine.ls_goodness_of_fit_gt                    ? 
_refine.ls_goodness_of_fit_ref                   ? 
_refine.ls_shift_over_su_max                     ? 
_refine.ls_shift_over_su_max_lt                  ? 
_refine.ls_shift_over_su_mean                    ? 
_refine.ls_shift_over_su_mean_lt                 ? 
_refine.pdbx_ls_sigma_I                          ? 
_refine.pdbx_ls_sigma_F                          1.38 
_refine.pdbx_ls_sigma_Fsqd                       ? 
_refine.pdbx_data_cutoff_high_absF               ? 
_refine.pdbx_data_cutoff_high_rms_absF           ? 
_refine.pdbx_data_cutoff_low_absF                ? 
_refine.pdbx_isotropic_thermal_model             ? 
_refine.pdbx_ls_cross_valid_method               'FREE R-VALUE' 
_refine.pdbx_method_to_determine_struct          'MOLECULAR REPLACEMENT' 
_refine.pdbx_starting_model                      7R96 
_refine.pdbx_stereochemistry_target_values       'GeoStd + Monomer Library + CDL v1.2' 
_refine.pdbx_R_Free_selection_details            ? 
_refine.pdbx_stereochem_target_val_spec_case     ? 
_refine.pdbx_overall_ESU_R                       ? 
_refine.pdbx_overall_ESU_R_Free                  ? 
_refine.pdbx_solvent_vdw_probe_radii             1.1100 
_refine.pdbx_solvent_ion_probe_radii             ? 
_refine.pdbx_solvent_shrinkage_radii             0.9000 
_refine.pdbx_real_space_R                        ? 
_refine.pdbx_density_correlation                 ? 
_refine.pdbx_pd_number_of_powder_patterns        ? 
_refine.pdbx_pd_number_of_points                 ? 
_refine.pdbx_pd_meas_number_of_points            ? 
_refine.pdbx_pd_proc_ls_prof_R_factor            ? 
_refine.pdbx_pd_proc_ls_prof_wR_factor           ? 
_refine.pdbx_pd_Marquardt_correlation_coeff      ? 
_refine.pdbx_pd_Fsqrd_R_factor                   ? 
_refine.pdbx_pd_ls_matrix_band_width             ? 
_refine.pdbx_overall_phase_error                 39.1215 
_refine.pdbx_overall_SU_R_free_Cruickshank_DPI   ? 
_refine.pdbx_overall_SU_R_free_Blow_DPI          ? 
_refine.pdbx_overall_SU_R_Blow_DPI               ? 
_refine.pdbx_TLS_residual_ADP_flag               ? 
_refine.pdbx_diffrn_id                           1 
_refine.overall_SU_B                             ? 
_refine.overall_SU_ML                            0.0000 
_refine.overall_SU_R_Cruickshank_DPI             ? 
_refine.overall_SU_R_free                        ? 
_refine.overall_FOM_free_R_set                   ? 
_refine.overall_FOM_work_R_set                   ? 
_refine.pdbx_average_fsc_overall                 ? 
_refine.pdbx_average_fsc_work                    ? 
_refine.pdbx_average_fsc_free                    ? 
# 
_refine_hist.pdbx_refine_id                   'X-RAY DIFFRACTION' 
_refine_hist.cycle_id                         LAST 
_refine_hist.details                          ? 
_refine_hist.d_res_high                       6.00 
_refine_hist.d_res_low                        54.96 
_refine_hist.number_atoms_solvent             0 
_refine_hist.number_atoms_total               855 
_refine_hist.number_reflns_all                ? 
_refine_hist.number_reflns_obs                ? 
_refine_hist.number_reflns_R_free             ? 
_refine_hist.number_reflns_R_work             ? 
_refine_hist.R_factor_all                     ? 
_refine_hist.R_factor_obs                     ? 
_refine_hist.R_factor_R_free                  ? 
_refine_hist.R_factor_R_work                  ? 
_refine_hist.pdbx_number_residues_total       ? 
_refine_hist.pdbx_B_iso_mean_ligand           ? 
_refine_hist.pdbx_B_iso_mean_solvent          ? 
_refine_hist.pdbx_number_atoms_protein        0 
_refine_hist.pdbx_number_atoms_nucleic_acid   855 
_refine_hist.pdbx_number_atoms_ligand         0 
_refine_hist.pdbx_number_atoms_lipid          ? 
_refine_hist.pdbx_number_atoms_carb           ? 
_refine_hist.pdbx_pseudo_atom_details         ? 
# 
loop_
_refine_ls_restr.pdbx_refine_id 
_refine_ls_restr.criterion 
_refine_ls_restr.dev_ideal 
_refine_ls_restr.dev_ideal_target 
_refine_ls_restr.number 
_refine_ls_restr.rejects 
_refine_ls_restr.type 
_refine_ls_restr.weight 
_refine_ls_restr.pdbx_restraint_function 
'X-RAY DIFFRACTION' ? 0.0057  ? 956  ? f_bond_d           ? ? 
'X-RAY DIFFRACTION' ? 1.7682  ? 1467 ? f_angle_d          ? ? 
'X-RAY DIFFRACTION' ? 0.0613  ? 166  ? f_chiral_restr     ? ? 
'X-RAY DIFFRACTION' ? 0.0046  ? 42   ? f_plane_restr      ? ? 
'X-RAY DIFFRACTION' ? 38.0762 ? 406  ? f_dihedral_angle_d ? ? 
# 
_refine_ls_shell.pdbx_refine_id                   'X-RAY DIFFRACTION' 
_refine_ls_shell.d_res_high                       6.00 
_refine_ls_shell.d_res_low                        54.96 
_refine_ls_shell.number_reflns_all                ? 
_refine_ls_shell.number_reflns_obs                ? 
_refine_ls_shell.number_reflns_R_free             71 
_refine_ls_shell.number_reflns_R_work             1063 
_refine_ls_shell.percent_reflns_obs               80.43 
_refine_ls_shell.percent_reflns_R_free            ? 
_refine_ls_shell.R_factor_all                     ? 
_refine_ls_shell.R_factor_obs                     ? 
_refine_ls_shell.R_factor_R_free                  0.3015 
_refine_ls_shell.R_factor_R_free_error            ? 
_refine_ls_shell.R_factor_R_work                  0.2313 
_refine_ls_shell.redundancy_reflns_all            ? 
_refine_ls_shell.redundancy_reflns_obs            ? 
_refine_ls_shell.wR_factor_all                    ? 
_refine_ls_shell.wR_factor_obs                    ? 
_refine_ls_shell.wR_factor_R_free                 ? 
_refine_ls_shell.wR_factor_R_work                 ? 
_refine_ls_shell.pdbx_R_complete                  ? 
_refine_ls_shell.pdbx_total_number_of_bins_used   ? 
_refine_ls_shell.pdbx_phase_error                 ? 
_refine_ls_shell.pdbx_fsc_work                    ? 
_refine_ls_shell.pdbx_fsc_free                    ? 
# 
_struct.entry_id                     8CS8 
_struct.title                        '[High G:C, High Vapor Diffusion] Self-Assembled 3D DNA Hexagonal Tensegrity Triangle' 
_struct.pdbx_model_details           ? 
_struct.pdbx_formula_weight          ? 
_struct.pdbx_formula_weight_method   ? 
_struct.pdbx_model_type_details      ? 
_struct.pdbx_CASP_flag               N 
# 
_struct_keywords.entry_id        8CS8 
_struct_keywords.text            'Tensegrity triangle, synthetic construct, self-assembly, DNA' 
_struct_keywords.pdbx_keywords   DNA 
# 
loop_
_struct_asym.id 
_struct_asym.pdbx_blank_PDB_chainid_flag 
_struct_asym.pdbx_modified 
_struct_asym.entity_id 
_struct_asym.details 
A N N 1 ? 
B N N 2 ? 
C N N 3 ? 
D N N 4 ? 
# 
loop_
_struct_conn.id 
_struct_conn.conn_type_id 
_struct_conn.pdbx_leaving_atom_flag 
_struct_conn.pdbx_PDB_id 
_struct_conn.ptnr1_label_asym_id 
_struct_conn.ptnr1_label_comp_id 
_struct_conn.ptnr1_label_seq_id 
_struct_conn.ptnr1_label_atom_id 
_struct_conn.pdbx_ptnr1_label_alt_id 
_struct_conn.pdbx_ptnr1_PDB_ins_code 
_struct_conn.pdbx_ptnr1_standard_comp_id 
_struct_conn.ptnr1_symmetry 
_struct_conn.ptnr2_label_asym_id 
_struct_conn.ptnr2_label_comp_id 
_struct_conn.ptnr2_label_seq_id 
_struct_conn.ptnr2_label_atom_id 
_struct_conn.pdbx_ptnr2_label_alt_id 
_struct_conn.pdbx_ptnr2_PDB_ins_code 
_struct_conn.ptnr1_auth_asym_id 
_struct_conn.ptnr1_auth_comp_id 
_struct_conn.ptnr1_auth_seq_id 
_struct_conn.ptnr2_auth_asym_id 
_struct_conn.ptnr2_auth_comp_id 
_struct_conn.ptnr2_auth_seq_id 
_struct_conn.ptnr2_symmetry 
_struct_conn.pdbx_ptnr3_label_atom_id 
_struct_conn.pdbx_ptnr3_label_seq_id 
_struct_conn.pdbx_ptnr3_label_comp_id 
_struct_conn.pdbx_ptnr3_label_asym_id 
_struct_conn.pdbx_ptnr3_label_alt_id 
_struct_conn.pdbx_ptnr3_PDB_ins_code 
_struct_conn.details 
_struct_conn.pdbx_dist_value 
_struct_conn.pdbx_value_order 
_struct_conn.pdbx_role 
hydrog1  hydrog ? ? A DG 3  N1 ? ? ? 1_555 C DC 6 N3 ? ? A DG 103 C DC 214 1_555 ? ? ? ? ? ? WATSON-CRICK ? ? ? 
hydrog2  hydrog ? ? A DG 3  N2 ? ? ? 1_555 C DC 6 O2 ? ? A DG 103 C DC 214 1_555 ? ? ? ? ? ? WATSON-CRICK ? ? ? 
hydrog3  hydrog ? ? A DG 3  O6 ? ? ? 1_555 C DC 6 N4 ? ? A DG 103 C DC 214 1_555 ? ? ? ? ? ? WATSON-CRICK ? ? ? 
hydrog4  hydrog ? ? A DG 4  N1 ? ? ? 1_555 C DC 5 N3 ? ? A DG 104 C DC 213 1_555 ? ? ? ? ? ? WATSON-CRICK ? ? ? 
hydrog5  hydrog ? ? A DG 4  N2 ? ? ? 1_555 C DC 5 O2 ? ? A DG 104 C DC 213 1_555 ? ? ? ? ? ? WATSON-CRICK ? ? ? 
hydrog6  hydrog ? ? A DG 4  O6 ? ? ? 1_555 C DC 5 N4 ? ? A DG 104 C DC 213 1_555 ? ? ? ? ? ? WATSON-CRICK ? ? ? 
hydrog7  hydrog ? ? A DA 5  N1 ? ? ? 1_555 C DT 4 N3 ? ? A DA 105 C DT 212 1_555 ? ? ? ? ? ? WATSON-CRICK ? ? ? 
hydrog8  hydrog ? ? A DA 5  N6 ? ? ? 1_555 C DT 4 O4 ? ? A DA 105 C DT 212 1_555 ? ? ? ? ? ? WATSON-CRICK ? ? ? 
hydrog9  hydrog ? ? A DG 6  N1 ? ? ? 1_555 C DC 3 N3 ? ? A DG 106 C DC 211 1_555 ? ? ? ? ? ? WATSON-CRICK ? ? ? 
hydrog10 hydrog ? ? A DG 6  N2 ? ? ? 1_555 C DC 3 O2 ? ? A DG 106 C DC 211 1_555 ? ? ? ? ? ? WATSON-CRICK ? ? ? 
hydrog11 hydrog ? ? A DG 6  O6 ? ? ? 1_555 C DC 3 N4 ? ? A DG 106 C DC 211 1_555 ? ? ? ? ? ? WATSON-CRICK ? ? ? 
hydrog12 hydrog ? ? A DC 7  O2 ? ? ? 1_555 C DG 2 N2 ? ? A DC 107 C DG 210 1_555 ? ? ? ? ? ? 'DC-DG PAIR' ? ? ? 
hydrog13 hydrog ? ? A DC 8  N3 ? ? ? 1_555 C DG 1 N2 ? ? A DC 108 C DG 209 1_555 ? ? ? ? ? ? 'DC-DG PAIR' ? ? ? 
hydrog14 hydrog ? ? A DT 9  N3 ? ? ? 1_555 B DA 7 N1 ? ? A DT 109 B DA 125 1_555 ? ? ? ? ? ? WATSON-CRICK ? ? ? 
hydrog15 hydrog ? ? A DT 9  O4 ? ? ? 1_555 B DA 7 N6 ? ? A DT 109 B DA 125 1_555 ? ? ? ? ? ? WATSON-CRICK ? ? ? 
hydrog16 hydrog ? ? A DG 10 N1 ? ? ? 1_555 B DC 6 N3 ? ? A DG 110 B DC 124 1_555 ? ? ? ? ? ? WATSON-CRICK ? ? ? 
hydrog17 hydrog ? ? A DG 10 N2 ? ? ? 1_555 B DC 6 O2 ? ? A DG 110 B DC 124 1_555 ? ? ? ? ? ? WATSON-CRICK ? ? ? 
hydrog18 hydrog ? ? A DG 10 O6 ? ? ? 1_555 B DC 6 N4 ? ? A DG 110 B DC 124 1_555 ? ? ? ? ? ? WATSON-CRICK ? ? ? 
hydrog19 hydrog ? ? A DC 11 N3 ? ? ? 1_555 B DG 5 N1 ? ? A DC 111 B DG 123 1_555 ? ? ? ? ? ? WATSON-CRICK ? ? ? 
hydrog20 hydrog ? ? A DC 11 N4 ? ? ? 1_555 B DG 5 O6 ? ? A DC 111 B DG 123 1_555 ? ? ? ? ? ? WATSON-CRICK ? ? ? 
hydrog21 hydrog ? ? A DC 11 O2 ? ? ? 1_555 B DG 5 N2 ? ? A DC 111 B DG 123 1_555 ? ? ? ? ? ? WATSON-CRICK ? ? ? 
hydrog22 hydrog ? ? A DG 12 N1 ? ? ? 1_555 B DC 4 N3 ? ? A DG 112 B DC 122 1_555 ? ? ? ? ? ? WATSON-CRICK ? ? ? 
hydrog23 hydrog ? ? A DG 12 N2 ? ? ? 1_555 B DC 4 O2 ? ? A DG 112 B DC 122 1_555 ? ? ? ? ? ? WATSON-CRICK ? ? ? 
hydrog24 hydrog ? ? A DG 12 O6 ? ? ? 1_555 B DC 4 N4 ? ? A DG 112 B DC 122 1_555 ? ? ? ? ? ? WATSON-CRICK ? ? ? 
hydrog25 hydrog ? ? A DC 13 N3 ? ? ? 1_555 B DG 3 N1 ? ? A DC 113 B DG 121 1_555 ? ? ? ? ? ? WATSON-CRICK ? ? ? 
hydrog26 hydrog ? ? A DC 13 N4 ? ? ? 1_555 B DG 3 O6 ? ? A DC 113 B DG 121 1_555 ? ? ? ? ? ? WATSON-CRICK ? ? ? 
hydrog27 hydrog ? ? A DC 13 O2 ? ? ? 1_555 B DG 3 N2 ? ? A DC 113 B DG 121 1_555 ? ? ? ? ? ? WATSON-CRICK ? ? ? 
hydrog28 hydrog ? ? A DG 15 N1 ? ? ? 1_555 B DC 1 N3 ? ? A DG 115 B DC 119 1_555 ? ? ? ? ? ? WATSON-CRICK ? ? ? 
hydrog29 hydrog ? ? A DG 15 N2 ? ? ? 1_555 B DC 1 O2 ? ? A DG 115 B DC 119 1_555 ? ? ? ? ? ? WATSON-CRICK ? ? ? 
hydrog30 hydrog ? ? A DG 15 O6 ? ? ? 1_555 B DC 1 N4 ? ? A DG 115 B DC 119 1_555 ? ? ? ? ? ? WATSON-CRICK ? ? ? 
hydrog31 hydrog ? ? A DA 16 N1 ? ? ? 1_555 D DG 7 N1 ? ? A DA 116 D DG 207 1_555 ? ? ? ? ? ? TYPE_8_PAIR  ? ? ? 
hydrog32 hydrog ? ? A DA 16 N6 ? ? ? 1_555 D DG 7 O6 ? ? A DA 116 D DG 207 1_555 ? ? ? ? ? ? TYPE_8_PAIR  ? ? ? 
hydrog33 hydrog ? ? A DA 16 N1 ? ? ? 1_555 D DT 8 N3 ? ? A DA 116 D DT 208 1_555 ? ? ? ? ? ? WATSON-CRICK ? ? ? 
hydrog34 hydrog ? ? A DA 16 N6 ? ? ? 1_555 D DT 8 O4 ? ? A DA 116 D DT 208 1_555 ? ? ? ? ? ? WATSON-CRICK ? ? ? 
hydrog35 hydrog ? ? A DC 17 N3 ? ? ? 1_555 D DG 7 N1 ? ? A DC 117 D DG 207 1_555 ? ? ? ? ? ? WATSON-CRICK ? ? ? 
hydrog36 hydrog ? ? A DC 17 N4 ? ? ? 1_555 D DG 7 O6 ? ? A DC 117 D DG 207 1_555 ? ? ? ? ? ? WATSON-CRICK ? ? ? 
hydrog37 hydrog ? ? A DC 17 O2 ? ? ? 1_555 D DG 7 N2 ? ? A DC 117 D DG 207 1_555 ? ? ? ? ? ? WATSON-CRICK ? ? ? 
hydrog38 hydrog ? ? A DA 18 N1 ? ? ? 1_555 D DT 6 N3 ? ? A DA 118 D DT 206 1_555 ? ? ? ? ? ? WATSON-CRICK ? ? ? 
hydrog39 hydrog ? ? A DA 18 N6 ? ? ? 1_555 D DT 6 O4 ? ? A DA 118 D DT 206 1_555 ? ? ? ? ? ? WATSON-CRICK ? ? ? 
hydrog40 hydrog ? ? A DG 19 N1 ? ? ? 1_555 D DC 5 N3 ? ? A DG 119 D DC 205 1_555 ? ? ? ? ? ? WATSON-CRICK ? ? ? 
hydrog41 hydrog ? ? A DG 19 N2 ? ? ? 1_555 D DC 5 O2 ? ? A DG 119 D DC 205 1_555 ? ? ? ? ? ? WATSON-CRICK ? ? ? 
hydrog42 hydrog ? ? A DG 19 O6 ? ? ? 1_555 D DC 5 N4 ? ? A DG 119 D DC 205 1_555 ? ? ? ? ? ? WATSON-CRICK ? ? ? 
hydrog43 hydrog ? ? A DA 20 N1 ? ? ? 1_555 D DT 4 N3 ? ? A DA 120 D DT 204 1_555 ? ? ? ? ? ? WATSON-CRICK ? ? ? 
hydrog44 hydrog ? ? A DA 20 N6 ? ? ? 1_555 D DT 4 O4 ? ? A DA 120 D DT 204 1_555 ? ? ? ? ? ? WATSON-CRICK ? ? ? 
hydrog45 hydrog ? ? A DG 21 N1 ? ? ? 1_555 D DC 3 N3 ? ? A DG 121 D DC 203 1_555 ? ? ? ? ? ? WATSON-CRICK ? ? ? 
hydrog46 hydrog ? ? A DG 21 N2 ? ? ? 1_555 D DC 3 O2 ? ? A DG 121 D DC 203 1_555 ? ? ? ? ? ? WATSON-CRICK ? ? ? 
hydrog47 hydrog ? ? A DG 21 O6 ? ? ? 1_555 D DC 3 N4 ? ? A DG 121 D DC 203 1_555 ? ? ? ? ? ? WATSON-CRICK ? ? ? 
# 
_struct_conn_type.id          hydrog 
_struct_conn_type.criteria    ? 
_struct_conn_type.reference   ? 
# 
_atom_sites.entry_id                    8CS8 
_atom_sites.Cartn_transf_matrix[1][1]   ? 
_atom_sites.Cartn_transf_matrix[1][2]   ? 
_atom_sites.Cartn_transf_matrix[1][3]   ? 
_atom_sites.Cartn_transf_matrix[2][1]   ? 
_atom_sites.Cartn_transf_matrix[2][2]   ? 
_atom_sites.Cartn_transf_matrix[2][3]   ? 
_atom_sites.Cartn_transf_matrix[3][1]   ? 
_atom_sites.Cartn_transf_matrix[3][2]   ? 
_atom_sites.Cartn_transf_matrix[3][3]   ? 
_atom_sites.Cartn_transf_vector[1]      ? 
_atom_sites.Cartn_transf_vector[2]      ? 
_atom_sites.Cartn_transf_vector[3]      ? 
_atom_sites.fract_transf_matrix[1][1]   -0.00006004 
_atom_sites.fract_transf_matrix[1][2]   -0.00898524 
_atom_sites.fract_transf_matrix[1][3]   0.00142061 
_atom_sites.fract_transf_matrix[2][1]   -0.00707025 
_atom_sites.fract_transf_matrix[2][2]   -0.00389514 
_atom_sites.fract_transf_matrix[2][3]   0.00419462 
_atom_sites.fract_transf_matrix[3][1]   -0.00775524 
_atom_sites.fract_transf_matrix[3][2]   -0.00236163 
_atom_sites.fract_transf_matrix[3][3]   -0.01526485 
_atom_sites.fract_transf_vector[1]      -0.264042 
_atom_sites.fract_transf_vector[2]      0.257944 
_atom_sites.fract_transf_vector[3]      0.256471 
_atom_sites.solution_primary            ? 
_atom_sites.solution_secondary          ? 
_atom_sites.solution_hydrogens          ? 
_atom_sites.special_details             ? 
# 
loop_
_atom_type.symbol 
_atom_type.scat_dispersion_real 
_atom_type.scat_dispersion_imag 
_atom_type.scat_Cromer_Mann_a1 
_atom_type.scat_Cromer_Mann_a2 
_atom_type.scat_Cromer_Mann_a3 
_atom_type.scat_Cromer_Mann_a4 
_atom_type.scat_Cromer_Mann_b1 
_atom_type.scat_Cromer_Mann_b2 
_atom_type.scat_Cromer_Mann_b3 
_atom_type.scat_Cromer_Mann_b4 
_atom_type.scat_Cromer_Mann_c 
_atom_type.scat_source 
_atom_type.scat_dispersion_source 
C ? ? 5.96793  ? ? ? 14.89577 ? ? ? 0.0 
;1-Gaussian fit: Grosse-Kunstleve RW, Sauter NK, Adams PD: Newsletter of the IUCr Commission on Crystallographic Computing 2004, 3, 22-31.
;
? 
N ? ? 6.96715  ? ? ? 11.43723 ? ? ? 0.0 
;1-Gaussian fit: Grosse-Kunstleve RW, Sauter NK, Adams PD: Newsletter of the IUCr Commission on Crystallographic Computing 2004, 3, 22-31.
;
? 
O ? ? 7.96527  ? ? ? 9.05267  ? ? ? 0.0 
;1-Gaussian fit: Grosse-Kunstleve RW, Sauter NK, Adams PD: Newsletter of the IUCr Commission on Crystallographic Computing 2004, 3, 22-31.
;
? 
P ? ? 14.90797 ? ? ? 11.91318 ? ? ? 0.0 
;1-Gaussian fit: Grosse-Kunstleve RW, Sauter NK, Adams PD: Newsletter of the IUCr Commission on Crystallographic Computing 2004, 3, 22-31.
;
? 
# 
loop_
_atom_site.group_PDB 
_atom_site.id 
_atom_site.type_symbol 
_atom_site.label_atom_id 
_atom_site.label_alt_id 
_atom_site.label_comp_id 
_atom_site.label_asym_id 
_atom_site.label_entity_id 
_atom_site.label_seq_id 
_atom_site.pdbx_PDB_ins_code 
_atom_site.Cartn_x 
_atom_site.Cartn_y 
_atom_site.Cartn_z 
_atom_site.occupancy 
_atom_site.B_iso_or_equiv 
_atom_site.pdbx_formal_charge 
_atom_site.auth_seq_id 
_atom_site.auth_comp_id 
_atom_site.auth_asym_id 
_atom_site.auth_atom_id 
_atom_site.pdbx_PDB_model_num 
ATOM 1   O "O5'" . DG A 1 1  ? -22.37451 -27.30035 -1.17477  1.000 1198.88440 ? 101 DG A "O5'" 1 
ATOM 2   C "C5'" . DG A 1 1  ? -21.51143 -28.27713 -0.59974  1.000 1199.85003 ? 101 DG A "C5'" 1 
ATOM 3   C "C4'" . DG A 1 1  ? -22.27346 -29.16436 0.37380   1.000 1198.86591 ? 101 DG A "C4'" 1 
ATOM 4   O "O4'" . DG A 1 1  ? -22.56561 -30.44345 -0.25473  1.000 1197.82216 ? 101 DG A "O4'" 1 
ATOM 5   C "C3'" . DG A 1 1  ? -21.53089 -29.48214 1.67558   1.000 1200.94125 ? 101 DG A "C3'" 1 
ATOM 6   O "O3'" . DG A 1 1  ? -22.06776 -28.70204 2.75512   1.000 1199.81715 ? 101 DG A "O3'" 1 
ATOM 7   C "C2'" . DG A 1 1  ? -21.77477 -30.98040 1.87384   1.000 1201.86731 ? 101 DG A "C2'" 1 
ATOM 8   C "C1'" . DG A 1 1  ? -21.90102 -31.47706 0.43819   1.000 1200.91233 ? 101 DG A "C1'" 1 
ATOM 9   N N9    . DG A 1 1  ? -20.62856 -31.74069 -0.25806  1.000 970.70295  ? 101 DG A N9    1 
ATOM 10  C C8    . DG A 1 1  ? -20.43983 -31.73054 -1.62016  1.000 973.17938  ? 101 DG A C8    1 
ATOM 11  N N7    . DG A 1 1  ? -19.21930 -31.99643 -1.98618  1.000 978.86386  ? 101 DG A N7    1 
ATOM 12  C C5    . DG A 1 1  ? -18.53910 -32.19649 -0.79556  1.000 980.28327  ? 101 DG A C5    1 
ATOM 13  C C6    . DG A 1 1  ? -17.17629 -32.51151 -0.57340  1.000 986.39499  ? 101 DG A C6    1 
ATOM 14  O O6    . DG A 1 1  ? -16.27870 -32.68021 -1.41415  1.000 991.83198  ? 101 DG A O6    1 
ATOM 15  N N1    . DG A 1 1  ? -16.88891 -32.62531 0.78262   1.000 986.51475  ? 101 DG A N1    1 
ATOM 16  C C2    . DG A 1 1  ? -17.79995 -32.45892 1.79724   1.000 981.48743  ? 101 DG A C2    1 
ATOM 17  N N2    . DG A 1 1  ? -17.33123 -32.61149 3.04422   1.000 983.28435  ? 101 DG A N2    1 
ATOM 18  N N3    . DG A 1 1  ? -19.08060 -32.16634 1.60671   1.000 975.73181  ? 101 DG A N3    1 
ATOM 19  C C4    . DG A 1 1  ? -19.38510 -32.04766 0.28732   1.000 975.38848  ? 101 DG A C4    1 
ATOM 20  P P     . DA A 1 2  ? -21.25162 -28.52206 4.13303   1.000 753.82126  ? 102 DA A P     1 
ATOM 21  O OP1   . DA A 1 2  ? -20.91669 -29.86033 4.66872   1.000 757.16517  ? 102 DA A OP1   1 
ATOM 22  O OP2   . DA A 1 2  ? -22.03481 -27.58710 4.96537   1.000 750.24112  ? 102 DA A OP2   1 
ATOM 23  O "O5'" . DA A 1 2  ? -19.90240 -27.76389 3.71568   1.000 756.89563  ? 102 DA A "O5'" 1 
ATOM 24  C "C5'" . DA A 1 2  ? -18.99988 -27.29594 4.73433   1.000 756.90215  ? 102 DA A "C5'" 1 
ATOM 25  C "C4'" . DA A 1 2  ? -17.67350 -28.03015 4.65392   1.000 759.67028  ? 102 DA A "C4'" 1 
ATOM 26  O "O4'" . DA A 1 2  ? -17.84300 -29.16352 3.76642   1.000 758.39297  ? 102 DA A "O4'" 1 
ATOM 27  C "C3'" . DA A 1 2  ? -16.52884 -27.21597 4.06147   1.000 762.75908  ? 102 DA A "C3'" 1 
ATOM 28  O "O3'" . DA A 1 2  ? -15.71362 -26.57865 5.08505   1.000 764.54826  ? 102 DA A "O3'" 1 
ATOM 29  C "C2'" . DA A 1 2  ? -15.69967 -28.25734 3.30659   1.000 767.49290  ? 102 DA A "C2'" 1 
ATOM 30  C "C1'" . DA A 1 2  ? -16.69574 -29.34296 2.95882   1.000 762.31786  ? 102 DA A "C1'" 1 
ATOM 31  N N9    . DA A 1 2  ? -17.07498 -29.30962 1.55577   1.000 608.02305  ? 102 DA A N9    1 
ATOM 32  C C8    . DA A 1 2  ? -18.32224 -29.13780 1.03646   1.000 602.95154  ? 102 DA A C8    1 
ATOM 33  N N7    . DA A 1 2  ? -18.35279 -29.14247 -0.27557  1.000 604.19165  ? 102 DA A N7    1 
ATOM 34  C C5    . DA A 1 2  ? -17.02744 -29.31594 -0.63697  1.000 610.50412  ? 102 DA A C5    1 
ATOM 35  C C6    . DA A 1 2  ? -16.38541 -29.40819 -1.88658  1.000 615.28031  ? 102 DA A C6    1 
ATOM 36  N N6    . DA A 1 2  ? -17.03194 -29.32937 -3.05311  1.000 614.35383  ? 102 DA A N6    1 
ATOM 37  N N1    . DA A 1 2  ? -15.04756 -29.58283 -1.89099  1.000 621.71422  ? 102 DA A N1    1 
ATOM 38  C C2    . DA A 1 2  ? -14.40388 -29.66114 -0.72179  1.000 623.20721  ? 102 DA A C2    1 
ATOM 39  N N3    . DA A 1 2  ? -14.89731 -29.59220 0.50929   1.000 619.29287  ? 102 DA A N3    1 
ATOM 40  C C4    . DA A 1 2  ? -16.22757 -29.41780 0.48128   1.000 612.89733  ? 102 DA A C4    1 
ATOM 41  P P     . DG A 1 3  ? -14.15486 -26.39316 4.74200   1.000 472.74037  ? 103 DG A P     1 
ATOM 42  O OP1   . DG A 1 3  ? -14.90752 -25.32651 4.02412   1.000 469.08667  ? 103 DG A OP1   1 
ATOM 43  O OP2   . DG A 1 3  ? -14.25021 -27.59029 5.62454   1.000 469.42959  ? 103 DG A OP2   1 
ATOM 44  O "O5'" . DG A 1 3  ? -13.43622 -25.52370 5.87067   1.000 476.64930  ? 103 DG A "O5'" 1 
ATOM 45  C "C5'" . DG A 1 3  ? -12.23775 -26.05434 6.50333   1.000 483.06659  ? 103 DG A "C5'" 1 
ATOM 46  C "C4'" . DG A 1 3  ? -11.06448 -26.28725 5.52121   1.000 490.35988  ? 103 DG A "C4'" 1 
ATOM 47  O "O4'" . DG A 1 3  ? -11.50554 -26.86138 4.26329   1.000 489.45003  ? 103 DG A "O4'" 1 
ATOM 48  C "C3'" . DG A 1 3  ? -10.25397 -25.04472 5.15393   1.000 493.12881  ? 103 DG A "C3'" 1 
ATOM 49  O "O3'" . DG A 1 3  ? -9.01338  -25.00695 5.90058   1.000 497.18389  ? 103 DG A "O3'" 1 
ATOM 50  C "C2'" . DG A 1 3  ? -10.02411 -25.14608 3.63329   1.000 494.96221  ? 103 DG A "C2'" 1 
ATOM 51  C "C1'" . DG A 1 3  ? -10.59400 -26.51410 3.25147   1.000 493.56420  ? 103 DG A "C1'" 1 
ATOM 52  N N9    . DG A 1 3  ? -11.28596 -26.49540 1.95951   1.000 491.19190  ? 103 DG A N9    1 
ATOM 53  C C8    . DG A 1 3  ? -12.63522 -26.34489 1.73812   1.000 483.34947  ? 103 DG A C8    1 
ATOM 54  N N7    . DG A 1 3  ? -12.95872 -26.34431 0.47238   1.000 483.77575  ? 103 DG A N7    1 
ATOM 55  C C5    . DG A 1 3  ? -11.74514 -26.49633 -0.19009  1.000 495.10757  ? 103 DG A C5    1 
ATOM 56  C C6    . DG A 1 3  ? -11.46157 -26.56588 -1.57838  1.000 504.34809  ? 103 DG A C6    1 
ATOM 57  O O6    . DG A 1 3  ? -12.25291 -26.50456 -2.53162  1.000 504.09142  ? 103 DG A O6    1 
ATOM 58  N N1    . DG A 1 3  ? -10.09768 -26.72317 -1.81821  1.000 514.85689  ? 103 DG A N1    1 
ATOM 59  C C2    . DG A 1 3  ? -9.13149  -26.80316 -0.84131  1.000 516.03845  ? 103 DG A C2    1 
ATOM 60  N N2    . DG A 1 3  ? -7.86702  -26.95397 -1.25894  1.000 525.82106  ? 103 DG A N2    1 
ATOM 61  N N3    . DG A 1 3  ? -9.38464  -26.73953 0.45976   1.000 508.11634  ? 103 DG A N3    1 
ATOM 62  C C4    . DG A 1 3  ? -10.70707 -26.58629 0.71245   1.000 497.99953  ? 103 DG A C4    1 
ATOM 63  P P     . DG A 1 4  ? -7.74445  -25.91899 5.49674   1.000 470.80867  ? 104 DG A P     1 
ATOM 64  O OP1   . DG A 1 4  ? -8.18303  -27.26012 5.05515   1.000 468.52169  ? 104 DG A OP1   1 
ATOM 65  O OP2   . DG A 1 4  ? -6.78220  -25.82663 6.61346   1.000 476.45738  ? 104 DG A OP2   1 
ATOM 66  O "O5'" . DG A 1 4  ? -7.07920  -25.14785 4.26505   1.000 474.85121  ? 104 DG A "O5'" 1 
ATOM 67  C "C5'" . DG A 1 4  ? -5.94077  -25.69768 3.60956   1.000 482.02165  ? 104 DG A "C5'" 1 
ATOM 68  C "C4'" . DG A 1 4  ? -5.57876  -24.87612 2.38418   1.000 484.96740  ? 104 DG A "C4'" 1 
ATOM 69  O "O4'" . DG A 1 4  ? -6.61102  -25.01996 1.38911   1.000 479.89638  ? 104 DG A "O4'" 1 
ATOM 70  C "C3'" . DG A 1 4  ? -5.46305  -23.36840 2.63436   1.000 485.20077  ? 104 DG A "C3'" 1 
ATOM 71  O "O3'" . DG A 1 4  ? -4.07183  -22.90020 2.69568   1.000 493.31437  ? 104 DG A "O3'" 1 
ATOM 72  C "C2'" . DG A 1 4  ? -6.24539  -22.71426 1.48127   1.000 482.00889  ? 104 DG A "C2'" 1 
ATOM 73  C "C1'" . DG A 1 4  ? -6.57093  -23.88974 0.56430   1.000 481.29539  ? 104 DG A "C1'" 1 
ATOM 74  N N9    . DG A 1 4  ? -7.85115  -23.75112 -0.13040  1.000 475.17657  ? 104 DG A N9    1 
ATOM 75  C C8    . DG A 1 4  ? -9.09421  -23.60097 0.43674   1.000 467.61343  ? 104 DG A C8    1 
ATOM 76  N N7    . DG A 1 4  ? -10.05508 -23.49012 -0.44131  1.000 464.05471  ? 104 DG A N7    1 
ATOM 77  C C5    . DG A 1 4  ? -9.40585  -23.56698 -1.66816  1.000 469.67151  ? 104 DG A C5    1 
ATOM 78  C C6    . DG A 1 4  ? -9.92444  -23.50878 -2.98623  1.000 469.87530  ? 104 DG A C6    1 
ATOM 79  O O6    . DG A 1 4  ? -11.10255 -23.37191 -3.34576  1.000 464.86089  ? 104 DG A O6    1 
ATOM 80  N N1    . DG A 1 4  ? -8.91601  -23.62794 -3.94174  1.000 477.46973  ? 104 DG A N1    1 
ATOM 81  C C2    . DG A 1 4  ? -7.57920  -23.78479 -3.66057  1.000 483.99735  ? 104 DG A C2    1 
ATOM 82  N N2    . DG A 1 4  ? -6.74804  -23.88311 -4.70871  1.000 491.44997  ? 104 DG A N2    1 
ATOM 83  N N3    . DG A 1 4  ? -7.08449  -23.84331 -2.43339  1.000 483.86555  ? 104 DG A N3    1 
ATOM 84  C C4    . DG A 1 4  ? -8.04909  -23.72612 -1.49083  1.000 476.54422  ? 104 DG A C4    1 
ATOM 85  P P     . DA A 1 5  ? -2.82048  -23.68357 2.03558   1.000 462.93020  ? 105 DA A P     1 
ATOM 86  O OP1   . DA A 1 5  ? -2.67387  -25.04888 2.58978   1.000 463.94544  ? 105 DA A OP1   1 
ATOM 87  O OP2   . DA A 1 5  ? -1.67408  -22.76688 2.20878   1.000 469.61219  ? 105 DA A OP2   1 
ATOM 88  O "O5'" . DA A 1 5  ? -3.11554  -23.71821 0.45777   1.000 463.17673  ? 105 DA A "O5'" 1 
ATOM 89  C "C5'" . DA A 1 5  ? -2.29542  -24.54293 -0.39203  1.000 470.05829  ? 105 DA A "C5'" 1 
ATOM 90  C "C4'" . DA A 1 5  ? -1.87629  -23.83053 -1.67925  1.000 474.98928  ? 105 DA A "C4'" 1 
ATOM 91  O "O4'" . DA A 1 5  ? -3.04590  -23.47776 -2.46126  1.000 469.11967  ? 105 DA A "O4'" 1 
ATOM 92  C "C3'" . DA A 1 5  ? -1.07550  -22.54085 -1.50929  1.000 479.47311  ? 105 DA A "C3'" 1 
ATOM 93  O "O3'" . DA A 1 5  ? -0.07704  -22.45816 -2.52888  1.000 488.31582  ? 105 DA A "O3'" 1 
ATOM 94  C "C2'" . DA A 1 5  ? -2.13724  -21.46003 -1.67883  1.000 472.85502  ? 105 DA A "C2'" 1 
ATOM 95  C "C1'" . DA A 1 5  ? -3.05956  -22.08640 -2.71472  1.000 469.60106  ? 105 DA A "C1'" 1 
ATOM 96  N N9    . DA A 1 5  ? -4.43530  -21.63562 -2.59031  1.000 461.09598  ? 105 DA A N9    1 
ATOM 97  C C8    . DA A 1 5  ? -5.15720  -21.56578 -1.43824  1.000 454.31023  ? 105 DA A C8    1 
ATOM 98  N N7    . DA A 1 5  ? -6.37942  -21.13530 -1.60216  1.000 447.94923  ? 105 DA A N7    1 
ATOM 99  C C5    . DA A 1 5  ? -6.47040  -20.90465 -2.96147  1.000 450.77117  ? 105 DA A C5    1 
ATOM 100 C C6    . DA A 1 5  ? -7.52210  -20.44194 -3.76359  1.000 447.57022  ? 105 DA A C6    1 
ATOM 101 N N6    . DA A 1 5  ? -8.71739  -20.11879 -3.27113  1.000 440.37987  ? 105 DA A N6    1 
ATOM 102 N N1    . DA A 1 5  ? -7.29862  -20.32308 -5.08910  1.000 452.72415  ? 105 DA A N1    1 
ATOM 103 C C2    . DA A 1 5  ? -6.09082  -20.65195 -5.57106  1.000 460.51141  ? 105 DA A C2    1 
ATOM 104 N N3    . DA A 1 5  ? -5.01996  -21.10560 -4.90952  1.000 464.20240  ? 105 DA A N3    1 
ATOM 105 C C4    . DA A 1 5  ? -5.28348  -21.21412 -3.59435  1.000 458.89157  ? 105 DA A C4    1 
ATOM 106 P P     . DG A 1 6  ? 0.77920   -21.11201 -2.73665  1.000 614.70807  ? 106 DG A P     1 
ATOM 107 O OP1   . DG A 1 6  ? 2.08937   -21.51363 -3.29325  1.000 622.93953  ? 106 DG A OP1   1 
ATOM 108 O OP2   . DG A 1 6  ? 0.73139   -20.32410 -1.48503  1.000 606.02635  ? 106 DG A OP2   1 
ATOM 109 O "O5'" . DG A 1 6  ? -0.02125  -20.31289 -3.87103  1.000 618.34426  ? 106 DG A "O5'" 1 
ATOM 110 C "C5'" . DG A 1 6  ? -0.05890  -20.82023 -5.20324  1.000 627.72082  ? 106 DG A "C5'" 1 
ATOM 111 C "C4'" . DG A 1 6  ? -0.81258  -19.88141 -6.13479  1.000 632.59338  ? 106 DG A "C4'" 1 
ATOM 112 O "O4'" . DG A 1 6  ? -2.19601  -19.75550 -5.70042  1.000 625.29197  ? 106 DG A "O4'" 1 
ATOM 113 C "C3'" . DG A 1 6  ? -0.27216  -18.44929 -6.20933  1.000 635.02708  ? 106 DG A "C3'" 1 
ATOM 114 O "O3'" . DG A 1 6  ? -0.39744  -17.96338 -7.54591  1.000 644.94741  ? 106 DG A "O3'" 1 
ATOM 115 C "C2'" . DG A 1 6  ? -1.20687  -17.70392 -5.26501  1.000 625.50668  ? 106 DG A "C2'" 1 
ATOM 116 C "C1'" . DG A 1 6  ? -2.51633  -18.38505 -5.60735  1.000 624.13237  ? 106 DG A "C1'" 1 
ATOM 117 N N9    . DG A 1 6  ? -3.56854  -18.20577 -4.61127  1.000 614.36839  ? 106 DG A N9    1 
ATOM 118 C C8    . DG A 1 6  ? -3.54129  -18.59042 -3.29293  1.000 605.74321  ? 106 DG A C8    1 
ATOM 119 N N7    . DG A 1 6  ? -4.63796  -18.30174 -2.64646  1.000 598.84592  ? 106 DG A N7    1 
ATOM 120 C C5    . DG A 1 6  ? -5.44279  -17.68624 -3.59859  1.000 602.64842  ? 106 DG A C5    1 
ATOM 121 C C6    . DG A 1 6  ? -6.74971  -17.15488 -3.48427  1.000 597.99502  ? 106 DG A C6    1 
ATOM 122 O O6    . DG A 1 6  ? -7.47815  -17.12350 -2.48508  1.000 589.05916  ? 106 DG A O6    1 
ATOM 123 N N1    . DG A 1 6  ? -7.19866  -16.61948 -4.69149  1.000 604.76165  ? 106 DG A N1    1 
ATOM 124 C C2    . DG A 1 6  ? -6.47405  -16.60201 -5.86034  1.000 615.26195  ? 106 DG A C2    1 
ATOM 125 N N2    . DG A 1 6  ? -7.06506  -16.04354 -6.92864  1.000 621.57620  ? 106 DG A N2    1 
ATOM 126 N N3    . DG A 1 6  ? -5.24901  -17.09704 -5.97757  1.000 619.58798  ? 106 DG A N3    1 
ATOM 127 C C4    . DG A 1 6  ? -4.79866  -17.62026 -4.81138  1.000 612.51771  ? 106 DG A C4    1 
ATOM 128 P P     . DC A 1 7  ? 0.15953   -16.50920 -7.94869  1.000 779.81124  ? 107 DC A P     1 
ATOM 129 O OP1   . DC A 1 7  ? 0.19091   -16.44637 -9.42688  1.000 792.31907  ? 107 DC A OP1   1 
ATOM 130 O OP2   . DC A 1 7  ? 1.39766   -16.26826 -7.17592  1.000 777.15792  ? 107 DC A OP2   1 
ATOM 131 O "O5'" . DC A 1 7  ? -0.96306  -15.49323 -7.42224  1.000 772.35729  ? 107 DC A "O5'" 1 
ATOM 132 C "C5'" . DC A 1 7  ? -2.26769  -15.50857 -7.99808  1.000 773.71808  ? 107 DC A "C5'" 1 
ATOM 133 C "C4'" . DC A 1 7  ? -3.10800  -14.34610 -7.48863  1.000 767.54490  ? 107 DC A "C4'" 1 
ATOM 134 O "O4'" . DC A 1 7  ? -3.63678  -14.65171 -6.16813  1.000 755.93328  ? 107 DC A "O4'" 1 
ATOM 135 C "C3'" . DC A 1 7  ? -2.36621  -13.01297 -7.34678  1.000 768.43286  ? 107 DC A "C3'" 1 
ATOM 136 O "O3'" . DC A 1 7  ? -3.20993  -11.95050 -7.76687  1.000 769.98382  ? 107 DC A "O3'" 1 
ATOM 137 C "C2'" . DC A 1 7  ? -2.10960  -12.93636 -5.84289  1.000 757.00887  ? 107 DC A "C2'" 1 
ATOM 138 C "C1'" . DC A 1 7  ? -3.38958  -13.55806 -5.31425  1.000 750.17222  ? 107 DC A "C1'" 1 
ATOM 139 N N1    . DC A 1 7  ? -3.29472  -14.05627 -3.90755  1.000 739.80260  ? 107 DC A N1    1 
ATOM 140 C C2    . DC A 1 7  ? -4.29388  -13.72019 -2.98351  1.000 731.32241  ? 107 DC A C2    1 
ATOM 141 O O2    . DC A 1 7  ? -5.22933  -12.99141 -3.34291  1.000 731.99167  ? 107 DC A O2    1 
ATOM 142 N N3    . DC A 1 7  ? -4.19081  -14.17891 -1.71153  1.000 722.83086  ? 107 DC A N3    1 
ATOM 143 C C4    . DC A 1 7  ? -3.15743  -14.94617 -1.35916  1.000 722.40699  ? 107 DC A C4    1 
ATOM 144 N N4    . DC A 1 7  ? -3.10236  -15.37880 -0.09551  1.000 714.10370  ? 107 DC A N4    1 
ATOM 145 C C5    . DC A 1 7  ? -2.13512  -15.30361 -2.28651  1.000 730.51356  ? 107 DC A C5    1 
ATOM 146 C C6    . DC A 1 7  ? -2.24290  -14.84101 -3.53648  1.000 739.04790  ? 107 DC A C6    1 
ATOM 147 P P     . DC A 1 8  ? -3.23235  -11.46272 -9.29858  1.000 571.77337  ? 108 DC A P     1 
ATOM 148 O OP1   . DC A 1 8  ? -2.96530  -12.62717 -10.17107 1.000 579.15701  ? 108 DC A OP1   1 
ATOM 149 O OP2   . DC A 1 8  ? -2.37074  -10.26496 -9.39412  1.000 574.80758  ? 108 DC A OP2   1 
ATOM 150 O "O5'" . DC A 1 8  ? -4.74394  -10.98428 -9.50586  1.000 570.67535  ? 108 DC A "O5'" 1 
ATOM 151 C "C5'" . DC A 1 8  ? -5.17359  -10.45790 -10.75025 1.000 579.08499  ? 108 DC A "C5'" 1 
ATOM 152 C "C4'" . DC A 1 8  ? -6.64966  -10.10485 -10.69083 1.000 574.51586  ? 108 DC A "C4'" 1 
ATOM 153 O "O4'" . DC A 1 8  ? -7.35110  -11.11364 -9.91560  1.000 564.55385  ? 108 DC A "O4'" 1 
ATOM 154 C "C3'" . DC A 1 8  ? -6.96938  -8.79005  -9.99626  1.000 567.57784  ? 108 DC A "C3'" 1 
ATOM 155 O "O3'" . DC A 1 8  ? -6.91733  -7.71381  -10.92578 1.000 576.53161  ? 108 DC A "O3'" 1 
ATOM 156 C "C2'" . DC A 1 8  ? -8.39138  -9.02994  -9.51099  1.000 558.93212  ? 108 DC A "C2'" 1 
ATOM 157 C "C1'" . DC A 1 8  ? -8.34249  -10.49938 -9.10661  1.000 554.92785  ? 108 DC A "C1'" 1 
ATOM 158 N N1    . DC A 1 8  ? -7.99565  -10.71596 -7.66430  1.000 543.17368  ? 108 DC A N1    1 
ATOM 159 C C2    . DC A 1 8  ? -8.89564  -10.32183 -6.66397  1.000 532.48118  ? 108 DC A C2    1 
ATOM 160 O O2    . DC A 1 8  ? -9.96789  -9.79404  -6.98506  1.000 532.01455  ? 108 DC A O2    1 
ATOM 161 N N3    . DC A 1 8  ? -8.56356  -10.52815 -5.36618  1.000 522.77414  ? 108 DC A N3    1 
ATOM 162 C C4    . DC A 1 8  ? -7.40090  -11.10231 -5.05673  1.000 523.27136  ? 108 DC A C4    1 
ATOM 163 N N4    . DC A 1 8  ? -7.11489  -11.27376 -3.76412  1.000 514.10532  ? 108 DC A N4    1 
ATOM 164 C C5    . DC A 1 8  ? -6.47432  -11.51395 -6.05894  1.000 533.43402  ? 108 DC A C5    1 
ATOM 165 C C6    . DC A 1 8  ? -6.80919  -11.30253 -7.33497  1.000 543.20821  ? 108 DC A C6    1 
ATOM 166 P P     . DT A 1 9  ? -6.48213  -6.24443  -10.43889 1.000 712.76222  ? 109 DT A P     1 
ATOM 167 O OP1   . DT A 1 9  ? -6.54297  -5.34759  -11.61366 1.000 723.89063  ? 109 DT A OP1   1 
ATOM 168 O OP2   . DT A 1 9  ? -5.21843  -6.38581  -9.68237  1.000 709.19606  ? 109 DT A OP2   1 
ATOM 169 O "O5'" . DT A 1 9  ? -7.62521  -5.81691  -9.40090  1.000 699.63825  ? 109 DT A "O5'" 1 
ATOM 170 C "C5'" . DT A 1 9  ? -8.96359  -5.60632  -9.84881  1.000 699.83281  ? 109 DT A "C5'" 1 
ATOM 171 C "C4'" . DT A 1 9  ? -9.93588  -5.69118  -8.68460  1.000 686.32479  ? 109 DT A "C4'" 1 
ATOM 172 O "O4'" . DT A 1 9  ? -9.41785  -6.60908  -7.70970  1.000 679.24353  ? 109 DT A "O4'" 1 
ATOM 173 C "C3'" . DT A 1 9  ? -10.14311 -4.38395  -7.93183  1.000 678.18385  ? 109 DT A "C3'" 1 
ATOM 174 O "O3'" . DT A 1 9  ? -11.32985 -3.73978  -8.39029  1.000 678.92553  ? 109 DT A "O3'" 1 
ATOM 175 C "C2'" . DT A 1 9  ? -10.26505 -4.79813  -6.45229  1.000 664.67951  ? 109 DT A "C2'" 1 
ATOM 176 C "C1'" . DT A 1 9  ? -9.95085  -6.29278  -6.44974  1.000 666.53763  ? 109 DT A "C1'" 1 
ATOM 177 N N1    . DT A 1 9  ? -8.96580  -6.73013  -5.39965  1.000 660.78028  ? 109 DT A N1    1 
ATOM 178 C C2    . DT A 1 9  ? -9.28174  -6.60285  -4.06135  1.000 648.97512  ? 109 DT A C2    1 
ATOM 179 O O2    . DT A 1 9  ? -10.32613 -6.12125  -3.65926  1.000 642.04175  ? 109 DT A O2    1 
ATOM 180 N N3    . DT A 1 9  ? -8.31350  -7.05742  -3.20191  1.000 645.41990  ? 109 DT A N3    1 
ATOM 181 C C4    . DT A 1 9  ? -7.09550  -7.62244  -3.53629  1.000 651.66316  ? 109 DT A C4    1 
ATOM 182 O O4    . DT A 1 9  ? -6.29252  -8.00267  -2.69128  1.000 647.61519  ? 109 DT A O4    1 
ATOM 183 C C5    . DT A 1 9  ? -6.83416  -7.73428  -4.94948  1.000 663.09121  ? 109 DT A C5    1 
ATOM 184 C C7    . DT A 1 9  ? -5.54247  -8.32450  -5.43158  1.000 669.93625  ? 109 DT A C7    1 
ATOM 185 C C6    . DT A 1 9  ? -7.77074  -7.29245  -5.80100  1.000 667.29843  ? 109 DT A C6    1 
ATOM 186 P P     . DG A 1 10 ? -11.24264 -2.57569  -9.49546  1.000 573.03982  ? 110 DG A P     1 
ATOM 187 O OP1   . DG A 1 10 ? -12.47684 -1.76410  -9.39901  1.000 567.93820  ? 110 DG A OP1   1 
ATOM 188 O OP2   . DG A 1 10 ? -10.90372 -3.21366  -10.78691 1.000 587.53419  ? 110 DG A OP2   1 
ATOM 189 O "O5'" . DG A 1 10 ? -9.97423  -1.70785  -9.03932  1.000 571.05541  ? 110 DG A "O5'" 1 
ATOM 190 C "C5'" . DG A 1 10 ? -10.14708 -0.42476  -8.43484  1.000 563.23275  ? 110 DG A "C5'" 1 
ATOM 191 C "C4'" . DG A 1 10 ? -10.80145 -0.54380  -7.06979  1.000 546.63307  ? 110 DG A "C4'" 1 
ATOM 192 O "O4'" . DG A 1 10 ? -10.27702 -1.70522  -6.37192  1.000 542.20941  ? 110 DG A "O4'" 1 
ATOM 193 C "C3'" . DG A 1 10 ? -10.55594 0.63038   -6.13119  1.000 536.40548  ? 110 DG A "C3'" 1 
ATOM 194 O "O3'" . DG A 1 10 ? -11.66819 0.76341   -5.25395  1.000 523.00697  ? 110 DG A "O3'" 1 
ATOM 195 C "C2'" . DG A 1 10 ? -9.32009  0.15844   -5.37455  1.000 533.04825  ? 110 DG A "C2'" 1 
ATOM 196 C "C1'" . DG A 1 10 ? -9.70409  -1.29104  -5.15130  1.000 531.59058  ? 110 DG A "C1'" 1 
ATOM 197 N N9    . DG A 1 10 ? -8.59591  -2.18943  -4.81921  1.000 533.41627  ? 110 DG A N9    1 
ATOM 198 C C8    . DG A 1 10 ? -7.79634  -2.88254  -5.69713  1.000 544.75055  ? 110 DG A C8    1 
ATOM 199 N N7    . DG A 1 10 ? -6.90885  -3.63706  -5.10988  1.000 543.49473  ? 110 DG A N7    1 
ATOM 200 C C5    . DG A 1 10 ? -7.12970  -3.43117  -3.75440  1.000 531.15123  ? 110 DG A C5    1 
ATOM 201 C C6    . DG A 1 10 ? -6.46643  -3.97914  -2.62867  1.000 524.93340  ? 110 DG A C6    1 
ATOM 202 O O6    . DG A 1 10 ? -5.52084  -4.78174  -2.60771  1.000 528.98873  ? 110 DG A O6    1 
ATOM 203 N N1    . DG A 1 10 ? -7.00389  -3.50653  -1.43398  1.000 512.62194  ? 110 DG A N1    1 
ATOM 204 C C2    . DG A 1 10 ? -8.04991  -2.61584  -1.33845  1.000 506.33363  ? 110 DG A C2    1 
ATOM 205 N N2    . DG A 1 10 ? -8.43224  -2.27575  -0.09816  1.000 500.75465  ? 110 DG A N2    1 
ATOM 206 N N3    . DG A 1 10 ? -8.68026  -2.09564  -2.38589  1.000 511.91170  ? 110 DG A N3    1 
ATOM 207 C C4    . DG A 1 10 ? -8.16847  -2.54621  -3.55782  1.000 524.58006  ? 110 DG A C4    1 
ATOM 208 P P     . DC A 1 11 ? -12.58318 2.08476   -5.27417  1.000 464.14132  ? 111 DC A P     1 
ATOM 209 O OP1   . DC A 1 11 ? -13.99329 1.64229   -5.20509  1.000 460.31334  ? 111 DC A OP1   1 
ATOM 210 O OP2   . DC A 1 11 ? -12.13824 2.94129   -6.39546  1.000 472.51430  ? 111 DC A OP2   1 
ATOM 211 O "O5'" . DC A 1 11 ? -12.20800 2.82686   -3.90791  1.000 460.56041  ? 111 DC A "O5'" 1 
ATOM 212 C "C5'" . DC A 1 11 ? -10.85824 3.18791   -3.65210  1.000 462.75300  ? 111 DC A "C5'" 1 
ATOM 213 C "C4'" . DC A 1 11 ? -10.60330 3.33473   -2.16488  1.000 457.44887  ? 111 DC A "C4'" 1 
ATOM 214 O "O4'" . DC A 1 11 ? -9.78827  2.22192   -1.70271  1.000 454.98542  ? 111 DC A "O4'" 1 
ATOM 215 C "C3'" . DC A 1 11 ? -9.81771  4.57630   -1.77878  1.000 460.10929  ? 111 DC A "C3'" 1 
ATOM 216 O "O3'" . DC A 1 11 ? -10.09832 4.91457   -0.42558  1.000 455.21723  ? 111 DC A "O3'" 1 
ATOM 217 C "C2'" . DC A 1 11 ? -8.38940  4.08084   -1.93711  1.000 462.60693  ? 111 DC A "C2'" 1 
ATOM 218 C "C1'" . DC A 1 11 ? -8.51578  2.70414   -1.30513  1.000 457.28170  ? 111 DC A "C1'" 1 
ATOM 219 N N1    . DC A 1 11 ? -7.48030  1.72809   -1.74822  1.000 459.72248  ? 111 DC A N1    1 
ATOM 220 C C2    . DC A 1 11 ? -6.73882  1.02180   -0.79259  1.000 457.12689  ? 111 DC A C2    1 
ATOM 221 O O2    . DC A 1 11 ? -6.95222  1.22835   0.40800   1.000 452.86170  ? 111 DC A O2    1 
ATOM 222 N N3    . DC A 1 11 ? -5.80641  0.12915   -1.21375  1.000 460.01559  ? 111 DC A N3    1 
ATOM 223 C C4    . DC A 1 11 ? -5.60956  -0.06369  -2.51983  1.000 465.15164  ? 111 DC A C4    1 
ATOM 224 N N4    . DC A 1 11 ? -4.68040  -0.95234  -2.89137  1.000 468.36878  ? 111 DC A N4    1 
ATOM 225 C C5    . DC A 1 11 ? -6.35741  0.64673   -3.50461  1.000 467.91444  ? 111 DC A C5    1 
ATOM 226 C C6    . DC A 1 11 ? -7.27117  1.52370   -3.07682  1.000 465.10802  ? 111 DC A C6    1 
ATOM 227 P P     . DG A 1 12 ? -10.73555 6.34397   -0.06163  1.000 503.66697  ? 112 DG A P     1 
ATOM 228 O OP1   . DG A 1 12 ? -12.14059 6.11622   0.34197   1.000 499.74633  ? 112 DG A OP1   1 
ATOM 229 O OP2   . DG A 1 12 ? -10.43551 7.26675   -1.17923  1.000 510.42983  ? 112 DG A OP2   1 
ATOM 230 O "O5'" . DG A 1 12 ? -9.89766  6.82757   1.21474   1.000 501.57170  ? 112 DG A "O5'" 1 
ATOM 231 C "C5'" . DG A 1 12 ? -10.00154 6.12515   2.45445   1.000 496.09015  ? 112 DG A "C5'" 1 
ATOM 232 C "C4'" . DG A 1 12 ? -8.76312  6.35549   3.30438   1.000 496.19976  ? 112 DG A "C4'" 1 
ATOM 233 O "O4'" . DG A 1 12 ? -7.72706  5.43444   2.88790   1.000 497.81061  ? 112 DG A "O4'" 1 
ATOM 234 C "C3'" . DG A 1 12 ? -8.18282  7.76404   3.20073   1.000 500.01752  ? 112 DG A "C3'" 1 
ATOM 235 O "O3'" . DG A 1 12 ? -8.05370  8.43311   4.49996   1.000 497.81408  ? 112 DG A "O3'" 1 
ATOM 236 C "C2'" . DG A 1 12 ? -6.84738  7.60504   2.47547   1.000 504.38303  ? 112 DG A "C2'" 1 
ATOM 237 C "C1'" . DG A 1 12 ? -6.52975  6.11468   2.58207   1.000 502.33317  ? 112 DG A "C1'" 1 
ATOM 238 N N9    . DG A 1 12 ? -5.99137  5.55693   1.34191   1.000 506.54874  ? 112 DG A N9    1 
ATOM 239 C C8    . DG A 1 12 ? -6.35992  5.89179   0.06372   1.000 510.59274  ? 112 DG A C8    1 
ATOM 240 N N7    . DG A 1 12 ? -5.71048  5.23404   -0.85493  1.000 514.41929  ? 112 DG A N7    1 
ATOM 241 C C5    . DG A 1 12 ? -4.85957  4.40363   -0.14404  1.000 512.73752  ? 112 DG A C5    1 
ATOM 242 C C6    . DG A 1 12 ? -3.91396  3.45846   -0.60835  1.000 515.77427  ? 112 DG A C6    1 
ATOM 243 O O6    . DG A 1 12 ? -3.63941  3.15965   -1.78040  1.000 520.59388  ? 112 DG A O6    1 
ATOM 244 N N1    . DG A 1 12 ? -3.25415  2.83153   0.44373   1.000 513.38623  ? 112 DG A N1    1 
ATOM 245 C C2    . DG A 1 12 ? -3.47961  3.08699   1.77789   1.000 508.77164  ? 112 DG A C2    1 
ATOM 246 N N2    . DG A 1 12 ? -2.74816  2.38339   2.65376   1.000 507.88337  ? 112 DG A N2    1 
ATOM 247 N N3    . DG A 1 12 ? -4.36541  3.97160   2.22579   1.000 505.85761  ? 112 DG A N3    1 
ATOM 248 C C4    . DG A 1 12 ? -5.01614  4.59006   1.21249   1.000 507.99608  ? 112 DG A C4    1 
ATOM 249 P P     . DC A 1 13 ? -7.62175  7.68701   5.86687   1.000 464.92915  ? 113 DC A P     1 
ATOM 250 O OP1   . DC A 1 13 ? -8.60674  6.65609   6.26011   1.000 460.72981  ? 113 DC A OP1   1 
ATOM 251 O OP2   . DC A 1 13 ? -7.34212  8.78128   6.82180   1.000 465.02008  ? 113 DC A OP2   1 
ATOM 252 O "O5'" . DC A 1 13 ? -6.20932  7.00599   5.55851   1.000 467.41323  ? 113 DC A "O5'" 1 
ATOM 253 C "C5'" . DC A 1 13 ? -5.62989  6.13183   6.52859   1.000 465.52700  ? 113 DC A "C5'" 1 
ATOM 254 C "C4'" . DC A 1 13 ? -4.14152  6.39754   6.71371   1.000 469.04115  ? 113 DC A "C4'" 1 
ATOM 255 O "O4'" . DC A 1 13 ? -3.42154  6.02483   5.51056   1.000 473.08238  ? 113 DC A "O4'" 1 
ATOM 256 C "C3'" . DC A 1 13 ? -3.75368  7.84673   7.00744   1.000 470.86769  ? 113 DC A "C3'" 1 
ATOM 257 O "O3'" . DC A 1 13 ? -2.65934  7.86958   7.92416   1.000 471.89011  ? 113 DC A "O3'" 1 
ATOM 258 C "C2'" . DC A 1 13 ? -3.33796  8.36308   5.63158   1.000 475.41383  ? 113 DC A "C2'" 1 
ATOM 259 C "C1'" . DC A 1 13 ? -2.67365  7.12544   5.04231   1.000 477.26251  ? 113 DC A "C1'" 1 
ATOM 260 N N1    . DC A 1 13 ? -2.67786  7.08243   3.55755   1.000 481.11199  ? 113 DC A N1    1 
ATOM 261 C C2    . DC A 1 13 ? -1.79262  6.23199   2.89193   1.000 484.66043  ? 113 DC A C2    1 
ATOM 262 O O2    . DC A 1 13 ? -1.01393  5.54371   3.55922   1.000 484.54459  ? 113 DC A O2    1 
ATOM 263 N N3    . DC A 1 13 ? -1.81166  6.19460   1.53639   1.000 488.82377  ? 113 DC A N3    1 
ATOM 264 C C4    . DC A 1 13 ? -2.67255  6.95726   0.86181   1.000 489.46962  ? 113 DC A C4    1 
ATOM 265 N N4    . DC A 1 13 ? -2.66312  6.88695   -0.47241  1.000 500.76278  ? 113 DC A N4    1 
ATOM 266 C C5    . DC A 1 13 ? -3.58311  7.82662   1.52618   1.000 485.94557  ? 113 DC A C5    1 
ATOM 267 C C6    . DC A 1 13 ? -3.54977  7.85685   2.86148   1.000 481.79431  ? 113 DC A C6    1 
ATOM 268 P P     . DG A 1 14 ? -2.73973  8.72388   9.28463   1.000 532.27159  ? 114 DG A P     1 
ATOM 269 O OP1   . DG A 1 14 ? -4.16122  8.79604   9.69023   1.000 528.44240  ? 114 DG A OP1   1 
ATOM 270 O OP2   . DG A 1 14 ? -1.97320  9.97255   9.07508   1.000 535.43521  ? 114 DG A OP2   1 
ATOM 271 O "O5'" . DG A 1 14 ? -1.93653  7.83033   10.34734  1.000 532.31839  ? 114 DG A "O5'" 1 
ATOM 272 C "C5'" . DG A 1 14 ? -0.74568  8.33507   10.96214  1.000 535.14818  ? 114 DG A "C5'" 1 
ATOM 273 C "C4'" . DG A 1 14 ? 0.34774   7.27916   10.96918  1.000 538.03909  ? 114 DG A "C4'" 1 
ATOM 274 O "O4'" . DG A 1 14 ? 0.40114   6.65086   9.66342   1.000 539.94301  ? 114 DG A "O4'" 1 
ATOM 275 C "C3'" . DG A 1 14 ? 1.75508   7.81256   11.18884  1.000 542.39606  ? 114 DG A "C3'" 1 
ATOM 276 O "O3'" . DG A 1 14 ? 2.62013   6.74555   11.62039  1.000 544.97596  ? 114 DG A "O3'" 1 
ATOM 277 C "C2'" . DG A 1 14 ? 2.09714   8.27949   9.78782   1.000 545.22268  ? 114 DG A "C2'" 1 
ATOM 278 C "C1'" . DG A 1 14 ? 1.53392   7.13076   8.95754   1.000 547.23215  ? 114 DG A "C1'" 1 
ATOM 279 N N9    . DG A 1 14 ? 1.11931   7.52007   7.61355   1.000 548.74018  ? 114 DG A N9    1 
ATOM 280 C C8    . DG A 1 14 ? 0.13224   8.41173   7.27974   1.000 543.33864  ? 114 DG A C8    1 
ATOM 281 N N7    . DG A 1 14 ? -0.02031  8.56035   5.99424   1.000 549.84587  ? 114 DG A N7    1 
ATOM 282 C C5    . DG A 1 14 ? 0.92205   7.70666   5.43736   1.000 560.67725  ? 114 DG A C5    1 
ATOM 283 C C6    . DG A 1 14 ? 1.22785   7.44601   4.07984   1.000 572.89701  ? 114 DG A C6    1 
ATOM 284 O O6    . DG A 1 14 ? 0.69945   7.92684   3.06780   1.000 577.51709  ? 114 DG A O6    1 
ATOM 285 N N1    . DG A 1 14 ? 2.25841   6.51795   3.95254   1.000 579.99070  ? 114 DG A N1    1 
ATOM 286 C C2    . DG A 1 14 ? 2.91287   5.92285   5.00398   1.000 576.14673  ? 114 DG A C2    1 
ATOM 287 N N2    . DG A 1 14 ? 3.88252   5.05287   4.68536   1.000 583.64200  ? 114 DG A N2    1 
ATOM 288 N N3    . DG A 1 14 ? 2.63519   6.15924   6.27948   1.000 565.66397  ? 114 DG A N3    1 
ATOM 289 C C4    . DG A 1 14 ? 1.63560   7.06182   6.42063   1.000 558.22387  ? 114 DG A C4    1 
ATOM 290 P P     . DG A 1 15 ? 4.21018   6.78617   11.35124  1.000 517.09590  ? 115 DG A P     1 
ATOM 291 O OP1   . DG A 1 15 ? 4.82393   5.82632   12.29444  1.000 519.14066  ? 115 DG A OP1   1 
ATOM 292 O OP2   . DG A 1 15 ? 4.68071   8.19086   11.36067  1.000 518.47030  ? 115 DG A OP2   1 
ATOM 293 O "O5'" . DG A 1 15 ? 4.36548   6.19817   9.86772   1.000 519.42186  ? 115 DG A "O5'" 1 
ATOM 294 C "C5'" . DG A 1 15 ? 5.62591   5.72807   9.40731   1.000 525.23887  ? 115 DG A "C5'" 1 
ATOM 295 C "C4'" . DG A 1 15 ? 6.05757   6.46228   8.14807   1.000 528.69124  ? 115 DG A "C4'" 1 
ATOM 296 O "O4'" . DG A 1 15 ? 4.91094   7.06335   7.51663   1.000 525.07462  ? 115 DG A "O4'" 1 
ATOM 297 C "C3'" . DG A 1 15 ? 7.03757   7.61631   8.38417   1.000 531.98983  ? 115 DG A "C3'" 1 
ATOM 298 O "O3'" . DG A 1 15 ? 8.41695   7.27317   8.03294   1.000 538.71939  ? 115 DG A "O3'" 1 
ATOM 299 C "C2'" . DG A 1 15 ? 6.49313   8.77288   7.52276   1.000 531.05214  ? 115 DG A "C2'" 1 
ATOM 300 C "C1'" . DG A 1 15 ? 5.37625   8.11104   6.71602   1.000 528.43393  ? 115 DG A "C1'" 1 
ATOM 301 N N9    . DG A 1 15 ? 4.26711   9.01308   6.38903   1.000 525.08379  ? 115 DG A N9    1 
ATOM 302 C C8    . DG A 1 15 ? 3.45181   9.67631   7.26945   1.000 520.44501  ? 115 DG A C8    1 
ATOM 303 N N7    . DG A 1 15 ? 2.54984   10.41968  6.69096   1.000 519.02907  ? 115 DG A N7    1 
ATOM 304 C C5    . DG A 1 15 ? 2.78926   10.25170  5.33557   1.000 523.04919  ? 115 DG A C5    1 
ATOM 305 C C6    . DG A 1 15 ? 2.12737   10.81199  4.21639   1.000 524.41181  ? 115 DG A C6    1 
ATOM 306 O O6    . DG A 1 15 ? 1.16917   11.59773  4.20343   1.000 522.23050  ? 115 DG A O6    1 
ATOM 307 N N1    . DG A 1 15 ? 2.68543   10.37676  3.01750   1.000 529.55811  ? 115 DG A N1    1 
ATOM 308 C C2    . DG A 1 15 ? 3.74473   9.50733   2.91331   1.000 532.93074  ? 115 DG A C2    1 
ATOM 309 N N2    . DG A 1 15 ? 4.14914   9.20003   1.67176   1.000 540.63879  ? 115 DG A N2    1 
ATOM 310 N N3    . DG A 1 15 ? 4.36380   8.96693   3.95419   1.000 531.74189  ? 115 DG A N3    1 
ATOM 311 C C4    . DG A 1 15 ? 3.84164   9.38781   5.13007   1.000 526.76761  ? 115 DG A C4    1 
ATOM 312 P P     . DA A 1 16 ? 8.83527   5.92607   7.24536   1.000 496.05200  ? 116 DA A P     1 
ATOM 313 O OP1   . DA A 1 16 ? 8.37060   4.70372   7.94194   1.000 493.38388  ? 116 DA A OP1   1 
ATOM 314 O OP2   . DA A 1 16 ? 10.29237  6.05594   7.04397   1.000 503.34884  ? 116 DA A OP2   1 
ATOM 315 O "O5'" . DA A 1 16 ? 8.16768   6.07603   5.79472   1.000 495.92054  ? 116 DA A "O5'" 1 
ATOM 316 C "C5'" . DA A 1 16 ? 8.31875   5.02595   4.82409   1.000 499.35411  ? 116 DA A "C5'" 1 
ATOM 317 C "C4'" . DA A 1 16 ? 9.10888   5.48311   3.59690   1.000 506.15482  ? 116 DA A "C4'" 1 
ATOM 318 O "O4'" . DA A 1 16 ? 8.38025   6.51734   2.88755   1.000 504.47724  ? 116 DA A "O4'" 1 
ATOM 319 C "C3'" . DA A 1 16 ? 10.49121  6.06403   3.86660   1.000 511.88471  ? 116 DA A "C3'" 1 
ATOM 320 O "O3'" . DA A 1 16 ? 11.36015  5.74266   2.78511   1.000 519.61569  ? 116 DA A "O3'" 1 
ATOM 321 C "C2'" . DA A 1 16 ? 10.21517  7.56289   3.93740   1.000 509.58635  ? 116 DA A "C2'" 1 
ATOM 322 C "C1'" . DA A 1 16 ? 9.11455   7.73034   2.89496   1.000 507.52681  ? 116 DA A "C1'" 1 
ATOM 323 N N9    . DA A 1 16 ? 8.17959   8.79627   3.21697   1.000 502.21279  ? 116 DA A N9    1 
ATOM 324 C C8    . DA A 1 16 ? 7.59108   9.00827   4.42275   1.000 496.14695  ? 116 DA A C8    1 
ATOM 325 N N7    . DA A 1 16 ? 6.78009   10.03119  4.44565   1.000 492.79739  ? 116 DA A N7    1 
ATOM 326 C C5    . DA A 1 16 ? 6.81744   10.51656  3.15410   1.000 496.92594  ? 116 DA A C5    1 
ATOM 327 C C6    . DA A 1 16 ? 6.16621   11.59491  2.53849   1.000 496.80762  ? 116 DA A C6    1 
ATOM 328 N N6    . DA A 1 16 ? 5.31019   12.39342  3.18254   1.000 491.93026  ? 116 DA A N6    1 
ATOM 329 N N1    . DA A 1 16 ? 6.42923   11.82531  1.23686   1.000 502.55710  ? 116 DA A N1    1 
ATOM 330 C C2    . DA A 1 16 ? 7.28579   11.01436  0.59800   1.000 507.96121  ? 116 DA A C2    1 
ATOM 331 N N3    . DA A 1 16 ? 7.96389   9.96754   1.07742   1.000 508.62573  ? 116 DA A N3    1 
ATOM 332 C C4    . DA A 1 16 ? 7.67849   9.76854   2.37547   1.000 502.82972  ? 116 DA A C4    1 
ATOM 333 P P     . DC A 1 17 ? 12.85756  6.32449   2.73277   1.000 587.69231  ? 117 DC A P     1 
ATOM 334 O OP1   . DC A 1 17 ? 13.64634  5.42441   1.86238   1.000 600.59974  ? 117 DC A OP1   1 
ATOM 335 O OP2   . DC A 1 17 ? 13.30262  6.58043   4.11991   1.000 578.88349  ? 117 DC A OP2   1 
ATOM 336 O "O5'" . DC A 1 17 ? 12.69597  7.73294   1.99147   1.000 592.24540  ? 117 DC A "O5'" 1 
ATOM 337 C "C5'" . DC A 1 17 ? 12.05129  7.79198   0.72618   1.000 598.79505  ? 117 DC A "C5'" 1 
ATOM 338 C "C4'" . DC A 1 17 ? 11.87303  9.22826   0.26565   1.000 600.96071  ? 117 DC A "C4'" 1 
ATOM 339 O "O4'" . DC A 1 17 ? 10.77968  9.85918   0.98993   1.000 587.45884  ? 117 DC A "O4'" 1 
ATOM 340 C "C3'" . DC A 1 17 ? 13.08858  10.14751  0.47379   1.000 607.14803  ? 117 DC A "C3'" 1 
ATOM 341 O "O3'" . DC A 1 17 ? 13.24038  10.98779  -0.66652  1.000 618.10929  ? 117 DC A "O3'" 1 
ATOM 342 C "C2'" . DC A 1 17 ? 12.65872  10.97553  1.68668   1.000 593.05514  ? 117 DC A "C2'" 1 
ATOM 343 C "C1'" . DC A 1 17 ? 11.20238  11.15339  1.32637   1.000 586.29764  ? 117 DC A "C1'" 1 
ATOM 344 N N1    . DC A 1 17 ? 10.31597  11.73667  2.38961   1.000 571.33259  ? 117 DC A N1    1 
ATOM 345 C C2    . DC A 1 17 ? 9.49556   12.80827  2.04324   1.000 568.12562  ? 117 DC A C2    1 
ATOM 346 O O2    . DC A 1 17 ? 9.53651   13.22137  0.88186   1.000 577.97992  ? 117 DC A O2    1 
ATOM 347 N N3    . DC A 1 17 ? 8.67759   13.34964  2.97414   1.000 554.56505  ? 117 DC A N3    1 
ATOM 348 C C4    . DC A 1 17 ? 8.66972   12.86073  4.21423   1.000 544.92536  ? 117 DC A C4    1 
ATOM 349 N N4    . DC A 1 17 ? 7.84092   13.42937  5.09869   1.000 532.27612  ? 117 DC A N4    1 
ATOM 350 C C5    . DC A 1 17 ? 9.50373   11.76053  4.59629   1.000 548.33357  ? 117 DC A C5    1 
ATOM 351 C C6    . DC A 1 17 ? 10.30637  11.23252  3.65781   1.000 561.27261  ? 117 DC A C6    1 
ATOM 352 P P     . DA A 1 18 ? 14.15606  10.55505  -1.91457  1.000 605.60779  ? 118 DA A P     1 
ATOM 353 O OP1   . DA A 1 18 ? 13.60958  9.29682   -2.46776  1.000 606.52809  ? 118 DA A OP1   1 
ATOM 354 O OP2   . DA A 1 18 ? 15.56812  10.61153  -1.47748  1.000 612.62888  ? 118 DA A OP2   1 
ATOM 355 O "O5'" . DA A 1 18 ? 13.91361  11.72675  -2.98426  1.000 614.07597  ? 118 DA A "O5'" 1 
ATOM 356 C "C5'" . DA A 1 18 ? 12.99992  11.53098  -4.06576  1.000 617.89456  ? 118 DA A "C5'" 1 
ATOM 357 C "C4'" . DA A 1 18 ? 12.31376  12.83335  -4.48076  1.000 614.82939  ? 118 DA A "C4'" 1 
ATOM 358 O "O4'" . DA A 1 18 ? 11.55241  13.38038  -3.37382  1.000 597.98136  ? 118 DA A "O4'" 1 
ATOM 359 C "C3'" . DA A 1 18 ? 13.22594  13.96719  -4.92609  1.000 625.57840  ? 118 DA A "C3'" 1 
ATOM 360 O "O3'" . DA A 1 18 ? 12.50762  14.79147  -5.84315  1.000 627.68697  ? 118 DA A "O3'" 1 
ATOM 361 C "C2'" . DA A 1 18 ? 13.47935  14.69898  -3.60835  1.000 614.00393  ? 118 DA A "C2'" 1 
ATOM 362 C "C1'" . DA A 1 18 ? 12.08686  14.64248  -2.99899  1.000 596.62686  ? 118 DA A "C1'" 1 
ATOM 363 N N9    . DA A 1 18 ? 12.03523  14.71030  -1.54315  1.000 582.83873  ? 118 DA A N9    1 
ATOM 364 C C8    . DA A 1 18 ? 12.60830  13.84091  -0.66098  1.000 580.10535  ? 118 DA A C8    1 
ATOM 365 N N7    . DA A 1 18 ? 12.35150  14.11311  0.59508   1.000 566.95608  ? 118 DA A N7    1 
ATOM 366 C C5    . DA A 1 18 ? 11.53625  15.22844  0.53364   1.000 563.70672  ? 118 DA A C5    1 
ATOM 367 C C6    . DA A 1 18 ? 10.91398  16.00181  1.53132   1.000 557.13256  ? 118 DA A C6    1 
ATOM 368 N N6    . DA A 1 18 ? 11.03670  15.75264  2.83974   1.000 552.55672  ? 118 DA A N6    1 
ATOM 369 N N1    . DA A 1 18 ? 10.16231  17.04722  1.13238   1.000 556.10231  ? 118 DA A N1    1 
ATOM 370 C C2    . DA A 1 18 ? 10.04320  17.29598  -0.17804  1.000 561.47017  ? 118 DA A C2    1 
ATOM 371 N N3    . DA A 1 18 ? 10.57349  16.63539  -1.20742  1.000 567.99389  ? 118 DA A N3    1 
ATOM 372 C C4    . DA A 1 18 ? 11.31547  15.60155  -0.77812  1.000 569.72585  ? 118 DA A C4    1 
ATOM 373 P P     . DG A 1 19 ? 13.27999  15.66962  -6.94364  1.000 592.32950  ? 119 DG A P     1 
ATOM 374 O OP1   . DG A 1 19 ? 12.43335  15.71485  -8.15716  1.000 596.35288  ? 119 DG A OP1   1 
ATOM 375 O OP2   . DG A 1 19 ? 14.67545  15.18424  -7.02168  1.000 599.00277  ? 119 DG A OP2   1 
ATOM 376 O "O5'" . DG A 1 19 ? 13.28983  17.13659  -6.31759  1.000 589.05001  ? 119 DG A "O5'" 1 
ATOM 377 C "C5'" . DG A 1 19 ? 12.08565  17.88827  -6.26451  1.000 584.18054  ? 119 DG A "C5'" 1 
ATOM 378 C "C4'" . DG A 1 19 ? 12.24418  19.06889  -5.33226  1.000 579.78422  ? 119 DG A "C4'" 1 
ATOM 379 O "O4'" . DG A 1 19 ? 12.19824  18.60330  -3.97439  1.000 571.53244  ? 119 DG A "O4'" 1 
ATOM 380 C "C3'" . DG A 1 19 ? 13.57815  19.79714  -5.46411  1.000 586.07091  ? 119 DG A "C3'" 1 
ATOM 381 O "O3'" . DG A 1 19 ? 13.43465  20.97741  -6.29244  1.000 591.22923  ? 119 DG A "O3'" 1 
ATOM 382 C "C2'" . DG A 1 19 ? 14.00519  20.11459  -4.01743  1.000 579.33248  ? 119 DG A "C2'" 1 
ATOM 383 C "C1'" . DG A 1 19 ? 12.88592  19.51572  -3.16228  1.000 570.01246  ? 119 DG A "C1'" 1 
ATOM 384 N N9    . DG A 1 19 ? 13.35810  18.80760  -1.97330  1.000 565.39214  ? 119 DG A N9    1 
ATOM 385 C C8    . DG A 1 19 ? 14.16880  17.69743  -1.92969  1.000 568.41805  ? 119 DG A C8    1 
ATOM 386 N N7    . DG A 1 19 ? 14.41356  17.28086  -0.71571  1.000 563.57237  ? 119 DG A N7    1 
ATOM 387 C C5    . DG A 1 19 ? 13.71653  18.16950  0.09401   1.000 556.79772  ? 119 DG A C5    1 
ATOM 388 C C6    . DG A 1 19 ? 13.59821  18.22678  1.50494   1.000 550.11889  ? 119 DG A C6    1 
ATOM 389 O O6    . DG A 1 19 ? 14.10499  17.48195  2.35698   1.000 548.89831  ? 119 DG A O6    1 
ATOM 390 N N1    . DG A 1 19 ? 12.79545  19.29013  1.90850   1.000 545.19309  ? 119 DG A N1    1 
ATOM 391 C C2    . DG A 1 19 ? 12.18267  20.18179  1.06075   1.000 546.64555  ? 119 DG A C2    1 
ATOM 392 N N2    . DG A 1 19 ? 11.44615  21.13926  1.63948   1.000 541.73780  ? 119 DG A N2    1 
ATOM 393 N N3    . DG A 1 19 ? 12.28281  20.13886  -0.25733  1.000 553.07179  ? 119 DG A N3    1 
ATOM 394 C C4    . DG A 1 19 ? 13.06003  19.11062  -0.66954  1.000 557.78571  ? 119 DG A C4    1 
ATOM 395 P P     . DA A 1 20 ? 12.92631  22.38888  -5.70234  1.000 566.30461  ? 120 DA A P     1 
ATOM 396 O OP1   . DA A 1 20 ? 11.84014  22.16424  -4.71865  1.000 556.36312  ? 120 DA A OP1   1 
ATOM 397 O OP2   . DA A 1 20 ? 12.65949  23.25030  -6.87506  1.000 573.58983  ? 120 DA A OP2   1 
ATOM 398 O "O5'" . DA A 1 20 ? 14.21903  23.00757  -4.98773  1.000 566.82905  ? 120 DA A "O5'" 1 
ATOM 399 C "C5'" . DA A 1 20 ? 14.31832  24.41727  -4.78748  1.000 566.64527  ? 120 DA A "C5'" 1 
ATOM 400 C "C4'" . DA A 1 20 ? 13.22861  24.90284  -3.84937  1.000 557.51439  ? 120 DA A "C4'" 1 
ATOM 401 O "O4'" . DA A 1 20 ? 12.98118  23.89342  -2.83487  1.000 550.20608  ? 120 DA A "O4'" 1 
ATOM 402 C "C3'" . DA A 1 20 ? 13.57269  26.14431  -3.05534  1.000 554.63993  ? 120 DA A "C3'" 1 
ATOM 403 O "O3'" . DA A 1 20 ? 12.36873  26.71837  -2.55723  1.000 548.46734  ? 120 DA A "O3'" 1 
ATOM 404 C "C2'" . DA A 1 20 ? 14.38803  25.53060  -1.92661  1.000 550.53307  ? 120 DA A "C2'" 1 
ATOM 405 C "C1'" . DA A 1 20 ? 13.49219  24.34790  -1.59260  1.000 545.24069  ? 120 DA A "C1'" 1 
ATOM 406 N N9    . DA A 1 20 ? 14.14820  23.22498  -0.92799  1.000 543.65226  ? 120 DA A N9    1 
ATOM 407 C C8    . DA A 1 20 ? 14.74471  22.15166  -1.52592  1.000 548.77545  ? 120 DA A C8    1 
ATOM 408 N N7    . DA A 1 20 ? 15.22012  21.27002  -0.67958  1.000 546.25197  ? 120 DA A N7    1 
ATOM 409 C C5    . DA A 1 20 ? 14.90105  21.79707  0.56230   1.000 538.97553  ? 120 DA A C5    1 
ATOM 410 C C6    . DA A 1 20 ? 15.12662  21.34021  1.87683   1.000 533.96433  ? 120 DA A C6    1 
ATOM 411 N N6    . DA A 1 20 ? 15.76127  20.20094  2.15913   1.000 535.62532  ? 120 DA A N6    1 
ATOM 412 N N1    . DA A 1 20 ? 14.67772  22.10715  2.89395   1.000 527.79781  ? 120 DA A N1    1 
ATOM 413 C C2    . DA A 1 20 ? 14.04652  23.25033  2.60782   1.000 526.60839  ? 120 DA A C2    1 
ATOM 414 N N3    . DA A 1 20 ? 13.77352  23.78065  1.41696   1.000 530.98348  ? 120 DA A N3    1 
ATOM 415 C C4    . DA A 1 20 ? 14.23148  22.99649  0.42684   1.000 537.16024  ? 120 DA A C4    1 
ATOM 416 P P     . DG A 1 21 ? 12.17018  28.31068  -2.53348  1.000 575.64762  ? 121 DG A P     1 
ATOM 417 O OP1   . DG A 1 21 ? 10.74064  28.58138  -2.26829  1.000 570.71797  ? 121 DG A OP1   1 
ATOM 418 O OP2   . DG A 1 21 ? 12.82419  28.85294  -3.74483  1.000 585.20925  ? 121 DG A OP2   1 
ATOM 419 O "O5'" . DG A 1 21 ? 13.02701  28.78575  -1.27344  1.000 571.07241  ? 121 DG A "O5'" 1 
ATOM 420 C "C5'" . DG A 1 21 ? 14.37107  29.19113  -1.45604  1.000 576.14855  ? 121 DG A "C5'" 1 
ATOM 421 C "C4'" . DG A 1 21 ? 15.12430  29.15761  -0.14659  1.000 571.12510  ? 121 DG A "C4'" 1 
ATOM 422 O "O4'" . DG A 1 21 ? 15.28299  27.78077  0.28626   1.000 568.92381  ? 121 DG A "O4'" 1 
ATOM 423 C "C3'" . DG A 1 21 ? 16.53799  29.75131  -0.20732  1.000 576.02492  ? 121 DG A "C3'" 1 
ATOM 424 O "O3'" . DG A 1 21 ? 16.72146  30.68135  0.85244   1.000 571.13756  ? 121 DG A "O3'" 1 
ATOM 425 C "C2'" . DG A 1 21 ? 17.44288  28.53174  -0.04617  1.000 578.00769  ? 121 DG A "C2'" 1 
ATOM 426 C "C1'" . DG A 1 21 ? 16.57239  27.63926  0.81541   1.000 570.48968  ? 121 DG A "C1'" 1 
ATOM 427 N N9    . DG A 1 21 ? 16.96774  26.23606  0.78610   1.000 572.05795  ? 121 DG A N9    1 
ATOM 428 C C8    . DG A 1 21 ? 17.28052  25.48427  -0.31881  1.000 578.88682  ? 121 DG A C8    1 
ATOM 429 N N7    . DG A 1 21 ? 17.61171  24.25642  -0.03340  1.000 578.88925  ? 121 DG A N7    1 
ATOM 430 C C5    . DG A 1 21 ? 17.52368  24.19395  1.35079   1.000 571.82503  ? 121 DG A C5    1 
ATOM 431 C C6    . DG A 1 21 ? 17.76929  23.11648  2.23232   1.000 569.20565  ? 121 DG A C6    1 
ATOM 432 O O6    . DG A 1 21 ? 18.12428  21.96386  1.95438   1.000 572.47289  ? 121 DG A O6    1 
ATOM 433 N N1    . DG A 1 21 ? 17.56113  23.47934  3.56168   1.000 562.55554  ? 121 DG A N1    1 
ATOM 434 C C2    . DG A 1 21 ? 17.16865  24.72869  3.98320   1.000 558.75084  ? 121 DG A C2    1 
ATOM 435 N N2    . DG A 1 21 ? 17.01959  24.89574  5.30617   1.000 552.95815  ? 121 DG A N2    1 
ATOM 436 N N3    . DG A 1 21 ? 16.93680  25.74562  3.16595   1.000 560.97552  ? 121 DG A N3    1 
ATOM 437 C C4    . DG A 1 21 ? 17.13001  25.40551  1.86952   1.000 567.58331  ? 121 DG A C4    1 
ATOM 438 P P     . DC B 2 1  ? -2.02776  12.19404  -4.85977  1.000 423.96427  ? 119 DC B P     1 
ATOM 439 O OP1   . DC B 2 1  ? -2.09596  13.49985  -5.55184  1.000 415.79174  ? 119 DC B OP1   1 
ATOM 440 O OP2   . DC B 2 1  ? -2.79991  11.04316  -5.37930  1.000 424.45796  ? 119 DC B OP2   1 
ATOM 441 O "O5'" . DC B 2 1  ? -0.49315  11.75629  -4.74154  1.000 435.97167  ? 119 DC B "O5'" 1 
ATOM 442 C "C5'" . DC B 2 1  ? 0.44494   12.18665  -5.72162  1.000 438.14883  ? 119 DC B "C5'" 1 
ATOM 443 C "C4'" . DC B 2 1  ? 1.86930   11.95175  -5.24892  1.000 449.43343  ? 119 DC B "C4'" 1 
ATOM 444 O "O4'" . DC B 2 1  ? 2.04942   12.55953  -3.94601  1.000 449.61949  ? 119 DC B "O4'" 1 
ATOM 445 C "C3'" . DC B 2 1  ? 2.27080   10.48557  -5.11551  1.000 460.08910  ? 119 DC B "C3'" 1 
ATOM 446 O "O3'" . DC B 2 1  ? 3.54131   10.26089  -5.71858  1.000 468.93284  ? 119 DC B "O3'" 1 
ATOM 447 C "C2'" . DC B 2 1  ? 2.30076   10.23219  -3.60806  1.000 464.19910  ? 119 DC B "C2'" 1 
ATOM 448 C "C1'" . DC B 2 1  ? 2.52309   11.61661  -3.01094  1.000 459.34400  ? 119 DC B "C1'" 1 
ATOM 449 N N1    . DC B 2 1  ? 1.77923   11.82343  -1.73199  1.000 455.54886  ? 119 DC B N1    1 
ATOM 450 C C2    . DC B 2 1  ? 2.21744   11.19420  -0.55968  1.000 463.99956  ? 119 DC B C2    1 
ATOM 451 O O2    . DC B 2 1  ? 3.22624   10.48001  -0.59781  1.000 474.63866  ? 119 DC B O2    1 
ATOM 452 N N3    . DC B 2 1  ? 1.52079   11.39115  0.58767   1.000 460.48768  ? 119 DC B N3    1 
ATOM 453 C C4    . DC B 2 1  ? 0.43980   12.17275  0.58916   1.000 449.24356  ? 119 DC B C4    1 
ATOM 454 N N4    . DC B 2 1  ? -0.21315  12.33729  1.74419   1.000 446.42122  ? 119 DC B N4    1 
ATOM 455 C C5    . DC B 2 1  ? -0.02303  12.81736  -0.59433  1.000 440.65395  ? 119 DC B C5    1 
ATOM 456 C C6    . DC B 2 1  ? 0.66881   12.61646  -1.71995  1.000 444.11263  ? 119 DC B C6    1 
ATOM 457 P P     . DC B 2 2  ? 3.66975   9.24643   -6.95942  1.000 501.68147  ? 120 DC B P     1 
ATOM 458 O OP1   . DC B 2 2  ? 5.02738   9.39128   -7.52956  1.000 509.46732  ? 120 DC B OP1   1 
ATOM 459 O OP2   . DC B 2 2  ? 2.48378   9.44764   -7.82109  1.000 491.19694  ? 120 DC B OP2   1 
ATOM 460 O "O5'" . DC B 2 2  ? 3.54888   7.79717   -6.29047  1.000 509.92767  ? 120 DC B "O5'" 1 
ATOM 461 C "C5'" . DC B 2 2  ? 4.66908   7.23089   -5.61147  1.000 522.04474  ? 120 DC B "C5'" 1 
ATOM 462 C "C4'" . DC B 2 2  ? 4.23411   6.14247   -4.64470  1.000 526.85058  ? 120 DC B "C4'" 1 
ATOM 463 O "O4'" . DC B 2 2  ? 3.43571   6.72385   -3.57731  1.000 519.83063  ? 120 DC B "O4'" 1 
ATOM 464 C "C3'" . DC B 2 2  ? 3.37309   5.03299   -5.25205  1.000 526.24758  ? 120 DC B "C3'" 1 
ATOM 465 O "O3'" . DC B 2 2  ? 3.69423   3.79770   -4.63543  1.000 536.83231  ? 120 DC B "O3'" 1 
ATOM 466 C "C2'" . DC B 2 2  ? 1.96440   5.47209   -4.86903  1.000 514.74905  ? 120 DC B "C2'" 1 
ATOM 467 C "C1'" . DC B 2 2  ? 2.22270   6.01414   -3.47438  1.000 515.79104  ? 120 DC B "C1'" 1 
ATOM 468 N N1    . DC B 2 2  ? 1.16709   6.93904   -2.96990  1.000 504.34042  ? 120 DC B N1    1 
ATOM 469 C C2    . DC B 2 2  ? 1.07890   7.19537   -1.59836  1.000 504.80882  ? 120 DC B C2    1 
ATOM 470 O O2    . DC B 2 2  ? 1.88087   6.64847   -0.83069  1.000 514.73386  ? 120 DC B O2    1 
ATOM 471 N N3    . DC B 2 2  ? 0.11655   8.03729   -1.14882  1.000 494.60600  ? 120 DC B N3    1 
ATOM 472 C C4    . DC B 2 2  ? -0.72685  8.60865   -2.01032  1.000 484.43366  ? 120 DC B C4    1 
ATOM 473 N N4    . DC B 2 2  ? -1.65929  9.43051   -1.51922  1.000 474.95052  ? 120 DC B N4    1 
ATOM 474 C C5    . DC B 2 2  ? -0.65614  8.35721   -3.41182  1.000 483.79295  ? 120 DC B C5    1 
ATOM 475 C C6    . DC B 2 2  ? 0.29589   7.52256   -3.84387  1.000 493.80479  ? 120 DC B C6    1 
ATOM 476 P P     . DG B 2 3  ? 4.63240   2.72201   -5.37259  1.000 617.08406  ? 121 DG B P     1 
ATOM 477 O OP1   . DG B 2 3  ? 5.77517   3.45590   -5.95606  1.000 614.63203  ? 121 DG B OP1   1 
ATOM 478 O OP2   . DG B 2 3  ? 3.77269   1.88807   -6.24050  1.000 617.40519  ? 121 DG B OP2   1 
ATOM 479 O "O5'" . DG B 2 3  ? 5.16525   1.80060   -4.17459  1.000 633.32333  ? 121 DG B "O5'" 1 
ATOM 480 C "C5'" . DG B 2 3  ? 5.83105   2.39955   -3.06691  1.000 636.66546  ? 121 DG B "C5'" 1 
ATOM 481 C "C4'" . DG B 2 3  ? 5.78047   1.51830   -1.82218  1.000 652.06968  ? 121 DG B "C4'" 1 
ATOM 482 O "O4'" . DG B 2 3  ? 4.71331   1.94843   -0.94742  1.000 646.85412  ? 121 DG B "O4'" 1 
ATOM 483 C "C3'" . DG B 2 3  ? 5.52423   0.04232   -2.04826  1.000 664.71222  ? 121 DG B "C3'" 1 
ATOM 484 O "O3'" . DG B 2 3  ? 6.10281   -0.69293  -0.96268  1.000 680.95396  ? 121 DG B "O3'" 1 
ATOM 485 C "C2'" . DG B 2 3  ? 3.99116   -0.03107  -2.04934  1.000 656.99679  ? 121 DG B "C2'" 1 
ATOM 486 C "C1'" . DG B 2 3  ? 3.59506   1.08396   -1.07657  1.000 650.54404  ? 121 DG B "C1'" 1 
ATOM 487 N N9    . DG B 2 3  ? 2.47639   1.90081   -1.53151  1.000 636.81314  ? 121 DG B N9    1 
ATOM 488 C C8    . DG B 2 3  ? 2.07063   2.10684   -2.82619  1.000 626.44074  ? 121 DG B C8    1 
ATOM 489 N N7    . DG B 2 3  ? 1.05539   2.91940   -2.92750  1.000 615.48092  ? 121 DG B N7    1 
ATOM 490 C C5    . DG B 2 3  ? 0.78059   3.28474   -1.61518  1.000 618.64476  ? 121 DG B C5    1 
ATOM 491 C C6    . DG B 2 3  ? -0.21433  4.14495   -1.09508  1.000 610.86625  ? 121 DG B C6    1 
ATOM 492 O O6    . DG B 2 3  ? -1.07745  4.77922   -1.71252  1.000 599.47744  ? 121 DG B O6    1 
ATOM 493 N N1    . DG B 2 3  ? -0.14430  4.23512   0.29351   1.000 617.34657  ? 121 DG B N1    1 
ATOM 494 C C2    . DG B 2 3  ? 0.77288   3.57696   1.07710   1.000 630.23939  ? 121 DG B C2    1 
ATOM 495 N N2    . DG B 2 3  ? 0.69451   3.78053   2.39848   1.000 634.28032  ? 121 DG B N2    1 
ATOM 496 N N3    . DG B 2 3  ? 1.70577   2.76910   0.60022   1.000 638.20666  ? 121 DG B N3    1 
ATOM 497 C C4    . DG B 2 3  ? 1.65026   2.67045   -0.74744  1.000 631.59532  ? 121 DG B C4    1 
ATOM 498 P P     . DC B 2 4  ? 5.66892   -2.20805  -0.64591  1.000 577.17708  ? 122 DC B P     1 
ATOM 499 O OP1   . DC B 2 4  ? 6.76775   -2.81024  0.14110   1.000 590.94114  ? 122 DC B OP1   1 
ATOM 500 O OP2   . DC B 2 4  ? 5.24029   -2.85645  -1.90500  1.000 575.74512  ? 122 DC B OP2   1 
ATOM 501 O "O5'" . DC B 2 4  ? 4.40505   -2.05084  0.32345   1.000 570.68599  ? 122 DC B "O5'" 1 
ATOM 502 C "C5'" . DC B 2 4  ? 4.55493   -1.40473  1.58612   1.000 573.18945  ? 122 DC B "C5'" 1 
ATOM 503 C "C4'" . DC B 2 4  ? 3.28397   -1.50946  2.41507   1.000 573.21644  ? 122 DC B "C4'" 1 
ATOM 504 O "O4'" . DC B 2 4  ? 2.27530   -0.60140  1.89295   1.000 560.04201  ? 122 DC B "O4'" 1 
ATOM 505 C "C3'" . DC B 2 4  ? 2.62415   -2.88823  2.43147   1.000 579.18841  ? 122 DC B "C3'" 1 
ATOM 506 O "O3'" . DC B 2 4  ? 2.00978   -3.10092  3.69544   1.000 582.76282  ? 122 DC B "O3'" 1 
ATOM 507 C "C2'" . DC B 2 4  ? 1.57651   -2.74931  1.33419   1.000 568.34361  ? 122 DC B "C2'" 1 
ATOM 508 C "C1'" . DC B 2 4  ? 1.10221   -1.33426  1.61098   1.000 558.21690  ? 122 DC B "C1'" 1 
ATOM 509 N N1    . DC B 2 4  ? 0.38924   -0.68157  0.47592   1.000 532.75882  ? 122 DC B N1    1 
ATOM 510 C C2    . DC B 2 4  ? -0.54346  0.32221   0.74811   1.000 520.85436  ? 122 DC B C2    1 
ATOM 511 O O2    . DC B 2 4  ? -0.74957  0.63773   1.92637   1.000 519.99140  ? 122 DC B O2    1 
ATOM 512 N N3    . DC B 2 4  ? -1.18890  0.91889   -0.28351  1.000 510.89676  ? 122 DC B N3    1 
ATOM 513 C C4    . DC B 2 4  ? -0.92996  0.54306   -1.53820  1.000 512.44907  ? 122 DC B C4    1 
ATOM 514 N N4    . DC B 2 4  ? -1.59011  1.15941   -2.52514  1.000 502.57792  ? 122 DC B N4    1 
ATOM 515 C C5    . DC B 2 4  ? 0.02013   -0.47982  -1.83617  1.000 524.45538  ? 122 DC B C5    1 
ATOM 516 C C6    . DC B 2 4  ? 0.65070   -1.05957  -0.80784  1.000 534.31114  ? 122 DC B C6    1 
ATOM 517 P P     . DG B 2 5  ? 2.26843   -4.45998  4.51136   1.000 675.32411  ? 123 DG B P     1 
ATOM 518 O OP1   . DG B 2 5  ? 3.55154   -4.30524  5.23392   1.000 684.06688  ? 123 DG B OP1   1 
ATOM 519 O OP2   . DG B 2 5  ? 2.08247   -5.58880  3.57290   1.000 679.38154  ? 123 DG B OP2   1 
ATOM 520 O "O5'" . DG B 2 5  ? 1.07010   -4.50152  5.57399   1.000 673.00317  ? 123 DG B "O5'" 1 
ATOM 521 C "C5'" . DG B 2 5  ? 1.00861   -3.53272  6.61862   1.000 670.24879  ? 123 DG B "C5'" 1 
ATOM 522 C "C4'" . DG B 2 5  ? -0.38854  -2.94266  6.74263   1.000 659.91405  ? 123 DG B "C4'" 1 
ATOM 523 O "O4'" . DG B 2 5  ? -0.77362  -2.32619  5.48366   1.000 650.32784  ? 123 DG B "O4'" 1 
ATOM 524 C "C3'" . DG B 2 5  ? -1.49806  -3.94245  7.07413   1.000 661.31452  ? 123 DG B "C3'" 1 
ATOM 525 O "O3'" . DG B 2 5  ? -2.44873  -3.33246  7.94457   1.000 655.28250  ? 123 DG B "O3'" 1 
ATOM 526 C "C2'" . DG B 2 5  ? -2.10478  -4.22793  5.70492   1.000 655.50877  ? 123 DG B "C2'" 1 
ATOM 527 C "C1'" . DG B 2 5  ? -2.01373  -2.85499  5.06383   1.000 645.62185  ? 123 DG B "C1'" 1 
ATOM 528 N N9    . DG B 2 5  ? -2.03575  -2.88454  3.60555   1.000 570.35376  ? 123 DG B N9    1 
ATOM 529 C C8    . DG B 2 5  ? -1.30257  -3.70447  2.78523   1.000 578.64864  ? 123 DG B C8    1 
ATOM 530 N N7    . DG B 2 5  ? -1.52672  -3.50486  1.51613   1.000 573.14585  ? 123 DG B N7    1 
ATOM 531 C C5    . DG B 2 5  ? -2.46590  -2.48373  1.49231   1.000 560.44775  ? 123 DG B C5    1 
ATOM 532 C C6    . DG B 2 5  ? -3.08870  -1.84373  0.39415   1.000 550.16958  ? 123 DG B C6    1 
ATOM 533 O O6    . DG B 2 5  ? -2.92430  -2.05965  -0.81543  1.000 550.16506  ? 123 DG B O6    1 
ATOM 534 N N1    . DG B 2 5  ? -3.98235  -0.86091  0.81034   1.000 539.27797  ? 123 DG B N1    1 
ATOM 535 C C2    . DG B 2 5  ? -4.24392  -0.53839  2.12225   1.000 538.36258  ? 123 DG B C2    1 
ATOM 536 N N2    . DG B 2 5  ? -5.13799  0.43982   2.32856   1.000 527.32781  ? 123 DG B N2    1 
ATOM 537 N N3    . DG B 2 5  ? -3.66627  -1.13067  3.16129   1.000 547.84728  ? 123 DG B N3    1 
ATOM 538 C C4    . DG B 2 5  ? -2.79203  -2.09063  2.77184   1.000 558.58241  ? 123 DG B C4    1 
ATOM 539 P P     . DC B 2 6  ? -3.39738  -4.23142  8.88070   1.000 541.43677  ? 124 DC B P     1 
ATOM 540 O OP1   . DC B 2 6  ? -4.32558  -3.31503  9.58046   1.000 531.34889  ? 124 DC B OP1   1 
ATOM 541 O OP2   . DC B 2 6  ? -2.53317  -5.13856  9.66670   1.000 555.04013  ? 124 DC B OP2   1 
ATOM 542 O "O5'" . DC B 2 6  ? -4.22870  -5.12438  7.84662   1.000 539.73848  ? 124 DC B "O5'" 1 
ATOM 543 C "C5'" . DC B 2 6  ? -5.64819  -5.06949  7.83836   1.000 530.77561  ? 124 DC B "C5'" 1 
ATOM 544 C "C4'" . DC B 2 6  ? -6.14630  -4.00377  6.87655   1.000 518.37094  ? 124 DC B "C4'" 1 
ATOM 545 O "O4'" . DC B 2 6  ? -5.34197  -4.01851  5.68349   1.000 520.41368  ? 124 DC B "O4'" 1 
ATOM 546 C "C3'" . DC B 2 6  ? -7.58768  -4.19470  6.40613   1.000 510.23434  ? 124 DC B "C3'" 1 
ATOM 547 O "O3'" . DC B 2 6  ? -8.44840  -3.26910  7.06748   1.000 500.85298  ? 124 DC B "O3'" 1 
ATOM 548 C "C2'" . DC B 2 6  ? -7.54756  -3.94494  4.88639   1.000 505.31843  ? 124 DC B "C2'" 1 
ATOM 549 C "C1'" . DC B 2 6  ? -6.10544  -3.51635  4.62019   1.000 510.16608  ? 124 DC B "C1'" 1 
ATOM 550 N N1    . DC B 2 6  ? -5.54693  -4.06016  3.34528   1.000 514.20778  ? 124 DC B N1    1 
ATOM 551 C C2    . DC B 2 6  ? -5.96533  -3.53017  2.11789   1.000 505.62568  ? 124 DC B C2    1 
ATOM 552 O O2    . DC B 2 6  ? -6.79968  -2.61903  2.10362   1.000 494.84826  ? 124 DC B O2    1 
ATOM 553 N N3    . DC B 2 6  ? -5.44855  -4.03863  0.97229   1.000 509.61425  ? 124 DC B N3    1 
ATOM 554 C C4    . DC B 2 6  ? -4.54928  -5.02384  1.02536   1.000 521.62595  ? 124 DC B C4    1 
ATOM 555 N N4    . DC B 2 6  ? -4.06486  -5.49130  -0.13013  1.000 525.32549  ? 124 DC B N4    1 
ATOM 556 C C5    . DC B 2 6  ? -4.10876  -5.57478  2.26534   1.000 530.62515  ? 124 DC B C5    1 
ATOM 557 C C6    . DC B 2 6  ? -4.62814  -5.06769  3.38795   1.000 526.50712  ? 124 DC B C6    1 
ATOM 558 P P     . DA B 2 7  ? -9.53394  -3.79502  8.13036   1.000 520.18603  ? 125 DA B P     1 
ATOM 559 O OP1   . DA B 2 7  ? -9.45747  -2.91355  9.31553   1.000 518.84433  ? 125 DA B OP1   1 
ATOM 560 O OP2   . DA B 2 7  ? -9.33900  -5.25354  8.28615   1.000 530.90980  ? 125 DA B OP2   1 
ATOM 561 O "O5'" . DA B 2 7  ? -10.94406 -3.55291  7.40883   1.000 509.63893  ? 125 DA B "O5'" 1 
ATOM 562 C "C5'" . DA B 2 7  ? -11.01989 -3.48569  5.98779   1.000 505.54006  ? 125 DA B "C5'" 1 
ATOM 563 C "C4'" . DA B 2 7  ? -11.81473 -4.65159  5.42710   1.000 506.86802  ? 125 DA B "C4'" 1 
ATOM 564 O "O4'" . DA B 2 7  ? -11.21589 -5.08071  4.17350   1.000 508.43114  ? 125 DA B "O4'" 1 
ATOM 565 C "C3'" . DA B 2 7  ? -11.85949 -5.89303  6.31910   1.000 519.31371  ? 125 DA B "C3'" 1 
ATOM 566 O "O3'" . DA B 2 7  ? -13.13749 -6.51056  6.23412   1.000 519.37243  ? 125 DA B "O3'" 1 
ATOM 567 C "C2'" . DA B 2 7  ? -10.77213 -6.77780  5.72187   1.000 528.90717  ? 125 DA B "C2'" 1 
ATOM 568 C "C1'" . DA B 2 7  ? -10.91026 -6.45538  4.24299   1.000 520.81651  ? 125 DA B "C1'" 1 
ATOM 569 N N9    . DA B 2 7  ? -9.69527  -6.71302  3.47285   1.000 525.26294  ? 125 DA B N9    1 
ATOM 570 C C8    . DA B 2 7  ? -8.48746  -7.13168  3.95800   1.000 535.56594  ? 125 DA B C8    1 
ATOM 571 N N7    . DA B 2 7  ? -7.57108  -7.28991  3.03287   1.000 537.76261  ? 125 DA B N7    1 
ATOM 572 C C5    . DA B 2 7  ? -8.22380  -6.95661  1.85786   1.000 528.06351  ? 125 DA B C5    1 
ATOM 573 C C6    . DA B 2 7  ? -7.79978  -6.92036  0.51535   1.000 525.08971  ? 125 DA B C6    1 
ATOM 574 N N6    . DA B 2 7  ? -6.56170  -7.23900  0.12881   1.000 532.12173  ? 125 DA B N6    1 
ATOM 575 N N1    . DA B 2 7  ? -8.70071  -6.54308  -0.41682  1.000 514.84505  ? 125 DA B N1    1 
ATOM 576 C C2    . DA B 2 7  ? -9.94018  -6.22566  -0.02322  1.000 508.23557  ? 125 DA B C2    1 
ATOM 577 N N3    . DA B 2 7  ? -10.45391 -6.22155  1.20733   1.000 510.24597  ? 125 DA B N3    1 
ATOM 578 C C4    . DA B 2 7  ? -9.53481  -6.60063  2.10978   1.000 520.30506  ? 125 DA B C4    1 
ATOM 579 P P     . DG C 3 1  ? -14.27421 -13.01609 4.01974   1.000 425.13885  ? 209 DG C P     1 
ATOM 580 O OP1   . DG C 3 1  ? -13.42755 -13.46318 2.89144   1.000 425.27507  ? 209 DG C OP1   1 
ATOM 581 O OP2   . DG C 3 1  ? -15.74929 -13.09257 3.91741   1.000 428.19634  ? 209 DG C OP2   1 
ATOM 582 O "O5'" . DG C 3 1  ? -13.88360 -11.50968 4.39066   1.000 431.75644  ? 209 DG C "O5'" 1 
ATOM 583 C "C5'" . DG C 3 1  ? -14.79842 -10.45038 4.12471   1.000 440.95162  ? 209 DG C "C5'" 1 
ATOM 584 C "C4'" . DG C 3 1  ? -14.32234 -9.59832  2.96362   1.000 449.49577  ? 209 DG C "C4'" 1 
ATOM 585 O "O4'" . DG C 3 1  ? -12.97393 -9.15472  3.21778   1.000 448.39510  ? 209 DG C "O4'" 1 
ATOM 586 C "C3'" . DG C 3 1  ? -14.25994 -10.31427 1.62834   1.000 450.40423  ? 209 DG C "C3'" 1 
ATOM 587 O "O3'" . DG C 3 1  ? -15.52457 -10.22423 0.98161   1.000 456.37395  ? 209 DG C "O3'" 1 
ATOM 588 C "C2'" . DG C 3 1  ? -13.19274 -9.52264  0.87611   1.000 456.00811  ? 209 DG C "C2'" 1 
ATOM 589 C "C1'" . DG C 3 1  ? -12.26774 -9.03895  1.99903   1.000 452.52737  ? 209 DG C "C1'" 1 
ATOM 590 N N9    . DG C 3 1  ? -11.01922 -9.78943  2.11473   1.000 445.40022  ? 209 DG C N9    1 
ATOM 591 C C8    . DG C 3 1  ? -10.52047 -10.38468 3.25020   1.000 436.64067  ? 209 DG C C8    1 
ATOM 592 N N7    . DG C 3 1  ? -9.37762  -10.98203 3.06429   1.000 432.18551  ? 209 DG C N7    1 
ATOM 593 C C5    . DG C 3 1  ? -9.09306  -10.76576 1.71991   1.000 438.35245  ? 209 DG C C5    1 
ATOM 594 C C6    . DG C 3 1  ? -7.98250  -11.17790 0.95077   1.000 437.67843  ? 209 DG C C6    1 
ATOM 595 O O6    . DG C 3 1  ? -6.99761  -11.83697 1.31130   1.000 431.35192  ? 209 DG C O6    1 
ATOM 596 N N1    . DG C 3 1  ? -8.08587  -10.74816 -0.37174  1.000 445.78961  ? 209 DG C N1    1 
ATOM 597 C C2    . DG C 3 1  ? -9.13202  -10.01335 -0.87834  1.000 453.58631  ? 209 DG C C2    1 
ATOM 598 N N2    . DG C 3 1  ? -9.05759  -9.69264  -2.17654  1.000 461.02692  ? 209 DG C N2    1 
ATOM 599 N N3    . DG C 3 1  ? -10.17754 -9.62051  -0.16537  1.000 454.39531  ? 209 DG C N3    1 
ATOM 600 C C4    . DG C 3 1  ? -10.09412 -10.03132 1.12567   1.000 446.48847  ? 209 DG C C4    1 
ATOM 601 P P     . DG C 3 2  ? -16.25459 -11.54794 0.43786   1.000 510.85189  ? 210 DG C P     1 
ATOM 602 O OP1   . DG C 3 2  ? -17.71637 -11.34389 0.54580   1.000 511.69161  ? 210 DG C OP1   1 
ATOM 603 O OP2   . DG C 3 2  ? -15.61980 -12.70568 1.10452   1.000 499.96553  ? 210 DG C OP2   1 
ATOM 604 O "O5'" . DG C 3 2  ? -15.84657 -11.60279 -1.10569  1.000 518.36609  ? 210 DG C "O5'" 1 
ATOM 605 C "C5'" . DG C 3 2  ? -15.63950 -10.39865 -1.83443  1.000 530.18054  ? 210 DG C "C5'" 1 
ATOM 606 C "C4'" . DG C 3 2  ? -14.77817 -10.66648 -3.05223  1.000 535.33538  ? 210 DG C "C4'" 1 
ATOM 607 O "O4'" . DG C 3 2  ? -13.38499 -10.46359 -2.71134  1.000 536.24716  ? 210 DG C "O4'" 1 
ATOM 608 C "C3'" . DG C 3 2  ? -14.88638 -12.08518 -3.58874  1.000 529.58573  ? 210 DG C "C3'" 1 
ATOM 609 O "O3'" . DG C 3 2  ? -15.82328 -12.11748 -4.65620  1.000 533.01088  ? 210 DG C "O3'" 1 
ATOM 610 C "C2'" . DG C 3 2  ? -13.47691 -12.39354 -4.08133  1.000 535.27972  ? 210 DG C "C2'" 1 
ATOM 611 C "C1'" . DG C 3 2  ? -12.59454 -11.53767 -3.18356  1.000 536.25122  ? 210 DG C "C1'" 1 
ATOM 612 N N9    . DG C 3 2  ? -12.01918 -12.23004 -2.02576  1.000 528.48001  ? 210 DG C N9    1 
ATOM 613 C C8    . DG C 3 2  ? -12.57363 -12.34021 -0.77403  1.000 519.09730  ? 210 DG C C8    1 
ATOM 614 N N7    . DG C 3 2  ? -11.82079 -12.97949 0.07728   1.000 513.45119  ? 210 DG C N7    1 
ATOM 615 C C5    . DG C 3 2  ? -10.68565 -13.30876 -0.65067  1.000 521.56213  ? 210 DG C C5    1 
ATOM 616 C C6    . DG C 3 2  ? -9.52041  -14.00934 -0.25295  1.000 523.66022  ? 210 DG C C6    1 
ATOM 617 O O6    . DG C 3 2  ? -9.25615  -14.49143 0.85784   1.000 515.74855  ? 210 DG C O6    1 
ATOM 618 N N1    . DG C 3 2  ? -8.60719  -14.12834 -1.29793  1.000 535.61850  ? 210 DG C N1    1 
ATOM 619 C C2    . DG C 3 2  ? -8.79083  -13.62479 -2.56327  1.000 544.63040  ? 210 DG C C2    1 
ATOM 620 N N2    . DG C 3 2  ? -7.81120  -13.86799 -3.44913  1.000 555.57923  ? 210 DG C N2    1 
ATOM 621 N N3    . DG C 3 2  ? -9.88467  -12.97404 -2.95363  1.000 541.90956  ? 210 DG C N3    1 
ATOM 622 C C4    . DG C 3 2  ? -10.78520 -12.84921 -1.94652  1.000 530.30830  ? 210 DG C C4    1 
ATOM 623 P P     . DC C 3 3  ? -16.81568 -13.36835 -4.83012  1.000 701.58092  ? 211 DC C P     1 
ATOM 624 O OP1   . DC C 3 3  ? -18.20117 -12.86597 -4.69998  1.000 700.35205  ? 211 DC C OP1   1 
ATOM 625 O OP2   . DC C 3 3  ? -16.33990 -14.44744 -3.93699  1.000 694.22212  ? 211 DC C OP2   1 
ATOM 626 O "O5'" . DC C 3 3  ? -16.57304 -13.84101 -6.33923  1.000 708.27797  ? 211 DC C "O5'" 1 
ATOM 627 C "C5'" . DC C 3 3  ? -15.70515 -14.93781 -6.61039  1.000 710.17748  ? 211 DC C "C5'" 1 
ATOM 628 C "C4'" . DC C 3 3  ? -14.72866 -14.60104 -7.72613  1.000 724.78701  ? 211 DC C "C4'" 1 
ATOM 629 O "O4'" . DC C 3 3  ? -13.57017 -13.93553 -7.17297  1.000 727.52106  ? 211 DC C "O4'" 1 
ATOM 630 C "C3'" . DC C 3 3  ? -14.22971 -15.80349 -8.52350  1.000 736.42564  ? 211 DC C "C3'" 1 
ATOM 631 O "O3'" . DC C 3 3  ? -14.71886 -15.71064 -9.86415  1.000 741.99222  ? 211 DC C "O3'" 1 
ATOM 632 C "C2'" . DC C 3 3  ? -12.69615 -15.73360 -8.46912  1.000 744.37530  ? 211 DC C "C2'" 1 
ATOM 633 C "C1'" . DC C 3 3  ? -12.38538 -14.65550 -7.44192  1.000 737.78253  ? 211 DC C "C1'" 1 
ATOM 634 N N1    . DC C 3 3  ? -11.81612 -15.14303 -6.13279  1.000 731.72706  ? 211 DC C N1    1 
ATOM 635 C C2    . DC C 3 3  ? -10.43344 -15.33403 -5.99065  1.000 739.50537  ? 211 DC C C2    1 
ATOM 636 O O2    . DC C 3 3  ? -9.69312  -15.14649 -6.96183  1.000 752.43942  ? 211 DC C O2    1 
ATOM 637 N N3    . DC C 3 3  ? -9.94840  -15.73491 -4.78491  1.000 731.47929  ? 211 DC C N3    1 
ATOM 638 C C4    . DC C 3 3  ? -10.78167 -15.92828 -3.75983  1.000 717.45772  ? 211 DC C C4    1 
ATOM 639 N N4    . DC C 3 3  ? -10.26662 -16.32286 -2.59013  1.000 709.23070  ? 211 DC C N4    1 
ATOM 640 C C5    . DC C 3 3  ? -12.18261 -15.72238 -3.88510  1.000 710.51346  ? 211 DC C C5    1 
ATOM 641 C C6    . DC C 3 3  ? -12.64849 -15.33832 -5.07388  1.000 717.54541  ? 211 DC C C6    1 
ATOM 642 P P     . DT C 3 4  ? -14.12403 -16.63923 -11.03519 1.000 535.53780  ? 212 DT C P     1 
ATOM 643 O OP1   . DT C 3 4  ? -12.94150 -15.94501 -11.59729 1.000 546.51538  ? 212 DT C OP1   1 
ATOM 644 O OP2   . DT C 3 4  ? -15.25052 -16.98946 -11.92783 1.000 531.44772  ? 212 DT C OP2   1 
ATOM 645 O "O5'" . DT C 3 4  ? -13.68379 -17.98557 -10.28797 1.000 535.66849  ? 212 DT C "O5'" 1 
ATOM 646 C "C5'" . DT C 3 4  ? -13.31154 -19.14014 -11.04120 1.000 543.83036  ? 212 DT C "C5'" 1 
ATOM 647 C "C4'" . DT C 3 4  ? -11.96263 -18.94252 -11.71546 1.000 556.90635  ? 212 DT C "C4'" 1 
ATOM 648 O "O4'" . DT C 3 4  ? -11.13583 -18.05683 -10.92256 1.000 555.59695  ? 212 DT C "O4'" 1 
ATOM 649 C "C3'" . DT C 3 4  ? -11.16891 -20.22163 -11.96078 1.000 555.28088  ? 212 DT C "C3'" 1 
ATOM 650 O "O3'" . DT C 3 4  ? -10.90531 -20.34837 -13.36542 1.000 564.57421  ? 212 DT C "O3'" 1 
ATOM 651 C "C2'" . DT C 3 4  ? -9.87801  -20.07704 -11.13183 1.000 551.09995  ? 212 DT C "C2'" 1 
ATOM 652 C "C1'" . DT C 3 4  ? -9.99720  -18.72365 -10.42302 1.000 552.71215  ? 212 DT C "C1'" 1 
ATOM 653 N N1    . DT C 3 4  ? -10.11810 -18.80809 -8.91995  1.000 537.62024  ? 212 DT C N1    1 
ATOM 654 C C2    . DT C 3 4  ? -8.98372  -18.91419 -8.13729  1.000 530.71261  ? 212 DT C C2    1 
ATOM 655 O O2    . DT C 3 4  ? -7.85498  -18.96802 -8.59342  1.000 534.69958  ? 212 DT C O2    1 
ATOM 656 N N3    . DT C 3 4  ? -9.22852  -18.95742 -6.78390  1.000 517.13692  ? 212 DT C N3    1 
ATOM 657 C C4    . DT C 3 4  ? -10.46429 -18.90314 -6.15645  1.000 509.68306  ? 212 DT C C4    1 
ATOM 658 O O4    . DT C 3 4  ? -10.59244 -18.94568 -4.93951  1.000 497.44311  ? 212 DT C O4    1 
ATOM 659 C C5    . DT C 3 4  ? -11.59617 -18.78645 -7.03466  1.000 516.25464  ? 212 DT C C5    1 
ATOM 660 C C7    . DT C 3 4  ? -12.98352 -18.71923 -6.46909  1.000 507.02924  ? 212 DT C C7    1 
ATOM 661 C C6    . DT C 3 4  ? -11.36973 -18.74666 -8.35066  1.000 529.68798  ? 212 DT C C6    1 
ATOM 662 P P     . DC C 3 5  ? -9.97563  -21.52617 -13.94561 1.000 672.32800  ? 213 DC C P     1 
ATOM 663 O OP1   . DC C 3 5  ? -8.59047  -21.00738 -13.97964 1.000 676.19132  ? 213 DC C OP1   1 
ATOM 664 O OP2   . DC C 3 5  ? -10.59954 -21.99838 -15.20267 1.000 671.44821  ? 213 DC C OP2   1 
ATOM 665 O "O5'" . DC C 3 5  ? -10.10228 -22.70801 -12.87200 1.000 649.33863  ? 213 DC C "O5'" 1 
ATOM 666 C "C5'" . DC C 3 5  ? -9.21346  -23.82479 -12.92787 1.000 630.23255  ? 213 DC C "C5'" 1 
ATOM 667 C "C4'" . DC C 3 5  ? -7.89301  -23.48667 -12.26598 1.000 626.14212  ? 213 DC C "C4'" 1 
ATOM 668 O "O4'" . DC C 3 5  ? -8.15611  -22.69430 -11.08239 1.000 630.07544  ? 213 DC C "O4'" 1 
ATOM 669 C "C3'" . DC C 3 5  ? -7.08884  -24.68401 -11.78042 1.000 599.76336  ? 213 DC C "C3'" 1 
ATOM 670 O "O3'" . DC C 3 5  ? -5.70640  -24.35179 -11.72666 1.000 600.12393  ? 213 DC C "O3'" 1 
ATOM 671 C "C2'" . DC C 3 5  ? -7.65745  -24.88990 -10.38922 1.000 588.13117  ? 213 DC C "C2'" 1 
ATOM 672 C "C1'" . DC C 3 5  ? -7.85054  -23.44820 -9.93035  1.000 608.50907  ? 213 DC C "C1'" 1 
ATOM 673 N N1    . DC C 3 5  ? -8.94791  -23.30479 -8.94690  1.000 481.30433  ? 213 DC C N1    1 
ATOM 674 C C2    . DC C 3 5  ? -8.63744  -23.34248 -7.59315  1.000 473.78950  ? 213 DC C C2    1 
ATOM 675 O O2    . DC C 3 5  ? -7.45607  -23.46923 -7.26333  1.000 470.48418  ? 213 DC C O2    1 
ATOM 676 N N3    . DC C 3 5  ? -9.63421  -23.23255 -6.68417  1.000 470.72108  ? 213 DC C N3    1 
ATOM 677 C C4    . DC C 3 5  ? -10.89520 -23.09798 -7.09058  1.000 474.90423  ? 213 DC C C4    1 
ATOM 678 N N4    . DC C 3 5  ? -11.84717 -22.99141 -6.15580  1.000 471.99680  ? 213 DC C N4    1 
ATOM 679 C C5    . DC C 3 5  ? -11.23807 -23.06476 -8.47660  1.000 482.64333  ? 213 DC C C5    1 
ATOM 680 C C6    . DC C 3 5  ? -10.24096 -23.17537 -9.36399  1.000 485.54008  ? 213 DC C C6    1 
ATOM 681 P P     . DC C 3 6  ? -4.59458  -25.50301 -11.56656 1.000 577.55023  ? 214 DC C P     1 
ATOM 682 O OP1   . DC C 3 6  ? -3.27616  -24.85019 -11.71356 1.000 584.67215  ? 214 DC C OP1   1 
ATOM 683 O OP2   . DC C 3 6  ? -4.96297  -26.62758 -12.45511 1.000 564.96318  ? 214 DC C OP2   1 
ATOM 684 O "O5'" . DC C 3 6  ? -4.74105  -25.98819 -10.04730 1.000 559.58951  ? 214 DC C "O5'" 1 
ATOM 685 C "C5'" . DC C 3 6  ? -4.35348  -25.12234 -8.98362  1.000 566.11839  ? 214 DC C "C5'" 1 
ATOM 686 C "C4'" . DC C 3 6  ? -4.28190  -25.87927 -7.67031  1.000 547.41935  ? 214 DC C "C4'" 1 
ATOM 687 O "O4'" . DC C 3 6  ? -5.48815  -25.63697 -6.90047  1.000 551.40959  ? 214 DC C "O4'" 1 
ATOM 688 C "C3'" . DC C 3 6  ? -4.16032  -27.40153 -7.80760  1.000 522.62368  ? 214 DC C "C3'" 1 
ATOM 689 O "O3'" . DC C 3 6  ? -3.13003  -27.88658 -6.95696  1.000 509.52230  ? 214 DC C "O3'" 1 
ATOM 690 C "C2'" . DC C 3 6  ? -5.53492  -27.91175 -7.37193  1.000 517.27308  ? 214 DC C "C2'" 1 
ATOM 691 C "C1'" . DC C 3 6  ? -5.93627  -26.85718 -6.36068  1.000 530.64489  ? 214 DC C "C1'" 1 
ATOM 692 N N1    . DC C 3 6  ? -7.41106  -26.77814 -6.12478  1.000 535.22951  ? 214 DC C N1    1 
ATOM 693 C C2    . DC C 3 6  ? -7.90122  -26.89509 -4.81983  1.000 528.09666  ? 214 DC C C2    1 
ATOM 694 O O2    . DC C 3 6  ? -7.09686  -27.05402 -3.89610  1.000 519.57295  ? 214 DC C O2    1 
ATOM 695 N N3    . DC C 3 6  ? -9.24004  -26.82666 -4.60922  1.000 531.52083  ? 214 DC C N3    1 
ATOM 696 C C4    . DC C 3 6  ? -10.06777 -26.64943 -5.64134  1.000 542.38338  ? 214 DC C C4    1 
ATOM 697 N N4    . DC C 3 6  ? -11.38176 -26.58648 -5.38797  1.000 544.68146  ? 214 DC C N4    1 
ATOM 698 C C5    . DC C 3 6  ? -9.58611  -26.53924 -6.98291  1.000 550.43133  ? 214 DC C C5    1 
ATOM 699 C C6    . DC C 3 6  ? -8.26345  -26.60963 -7.17592  1.000 546.15467  ? 214 DC C C6    1 
ATOM 700 O "O5'" . DT D 4 1  ? 29.56966  15.38041  2.33081   1.000 893.73801  ? 201 DT D "O5'" 1 
ATOM 701 C "C5'" . DT D 4 1  ? 29.99602  15.13668  3.66454   1.000 891.17961  ? 201 DT D "C5'" 1 
ATOM 702 C "C4'" . DT D 4 1  ? 28.95664  15.61478  4.66933   1.000 878.76087  ? 201 DT D "C4'" 1 
ATOM 703 O "O4'" . DT D 4 1  ? 28.66044  17.02309  4.43609   1.000 879.24626  ? 201 DT D "O4'" 1 
ATOM 704 C "C3'" . DT D 4 1  ? 27.61241  14.88132  4.61257   1.000 866.21922  ? 201 DT D "C3'" 1 
ATOM 705 O "O3'" . DT D 4 1  ? 27.11119  14.64005  5.93790   1.000 858.69938  ? 201 DT D "O3'" 1 
ATOM 706 C "C2'" . DT D 4 1  ? 26.73433  15.85701  3.84268   1.000 863.66604  ? 201 DT D "C2'" 1 
ATOM 707 C "C1'" . DT D 4 1  ? 27.26762  17.19371  4.32628   1.000 868.34555  ? 201 DT D "C1'" 1 
ATOM 708 N N1    . DT D 4 1  ? 26.98590  18.29694  3.37218   1.000 870.38009  ? 201 DT D N1    1 
ATOM 709 C C2    . DT D 4 1  ? 26.62071  19.53714  3.84977   1.000 871.55234  ? 201 DT D C2    1 
ATOM 710 O O2    . DT D 4 1  ? 26.53361  19.80056  5.03759   1.000 871.63074  ? 201 DT D O2    1 
ATOM 711 N N3    . DT D 4 1  ? 26.36797  20.46908  2.87811   1.000 875.93069  ? 201 DT D N3    1 
ATOM 712 C C4    . DT D 4 1  ? 26.43402  20.28959  1.50698   1.000 878.44882  ? 201 DT D C4    1 
ATOM 713 O O4    . DT D 4 1  ? 26.18658  21.19321  0.71313   1.000 882.56111  ? 201 DT D O4    1 
ATOM 714 C C5    . DT D 4 1  ? 26.81407  18.96297  1.07566   1.000 876.67395  ? 201 DT D C5    1 
ATOM 715 C C7    . DT D 4 1  ? 26.90941  18.64019  -0.38692  1.000 879.20701  ? 201 DT D C7    1 
ATOM 716 C C6    . DT D 4 1  ? 27.06594  18.04376  2.01807   1.000 872.61352  ? 201 DT D C6    1 
ATOM 717 P P     . DC D 4 2  ? 25.69032  13.91633  6.16766   1.000 764.42726  ? 202 DC D P     1 
ATOM 718 O OP1   . DC D 4 2  ? 25.87708  12.85451  7.18250   1.000 773.46523  ? 202 DC D OP1   1 
ATOM 719 O OP2   . DC D 4 2  ? 25.07404  13.57889  4.86206   1.000 751.42967  ? 202 DC D OP2   1 
ATOM 720 O "O5'" . DC D 4 2  ? 24.82020  15.05951  6.85228   1.000 758.94057  ? 202 DC D "O5'" 1 
ATOM 721 C "C5'" . DC D 4 2  ? 25.31249  15.69455  8.02222   1.000 770.62270  ? 202 DC D "C5'" 1 
ATOM 722 C "C4'" . DC D 4 2  ? 24.68629  17.06405  8.19931   1.000 765.71601  ? 202 DC D "C4'" 1 
ATOM 723 O "O4'" . DC D 4 2  ? 24.81491  17.82701  6.96651   1.000 767.44540  ? 202 DC D "O4'" 1 
ATOM 724 C "C3'" . DC D 4 2  ? 23.19527  17.04547  8.53710   1.000 753.08093  ? 202 DC D "C3'" 1 
ATOM 725 O "O3'" . DC D 4 2  ? 22.91900  17.96630  9.60799   1.000 753.95021  ? 202 DC D "O3'" 1 
ATOM 726 C "C2'" . DC D 4 2  ? 22.52664  17.45726  7.21793   1.000 746.88280  ? 202 DC D "C2'" 1 
ATOM 727 C "C1'" . DC D 4 2  ? 23.56776  18.39536  6.63281   1.000 757.30947  ? 202 DC D "C1'" 1 
ATOM 728 N N1    . DC D 4 2  ? 23.50086  18.54502  5.15046   1.000 756.36175  ? 202 DC D N1    1 
ATOM 729 C C2    . DC D 4 2  ? 23.13614  19.77603  4.59048   1.000 759.31324  ? 202 DC D C2    1 
ATOM 730 O O2    . DC D 4 2  ? 22.85239  20.71922  5.33987   1.000 762.56476  ? 202 DC D O2    1 
ATOM 731 N N3    . DC D 4 2  ? 23.09590  19.89725  3.23973   1.000 758.60528  ? 202 DC D N3    1 
ATOM 732 C C4    . DC D 4 2  ? 23.41045  18.85488  2.46750   1.000 754.87263  ? 202 DC D C4    1 
ATOM 733 N N4    . DC D 4 2  ? 23.35695  19.01939  1.14106   1.000 753.60394  ? 202 DC D N4    1 
ATOM 734 C C5    . DC D 4 2  ? 23.79135  17.59718  3.02195   1.000 751.93852  ? 202 DC D C5    1 
ATOM 735 C C6    . DC D 4 2  ? 23.82355  17.49021  4.35343   1.000 753.03484  ? 202 DC D C6    1 
ATOM 736 P P     . DC D 4 3  ? 21.57650  18.85176  9.59075   1.000 862.66357  ? 203 DC D P     1 
ATOM 737 O OP1   . DC D 4 3  ? 20.41643  17.94328  9.41972   1.000 850.55508  ? 203 DC D OP1   1 
ATOM 738 O OP2   . DC D 4 3  ? 21.83293  20.00244  8.69272   1.000 866.60051  ? 203 DC D OP2   1 
ATOM 739 O "O5'" . DC D 4 3  ? 21.48775  19.49989  11.05249  1.000 865.74198  ? 203 DC D "O5'" 1 
ATOM 740 C "C5'" . DC D 4 3  ? 20.22401  19.57808  11.73665  1.000 857.39010  ? 203 DC D "C5'" 1 
ATOM 741 C "C4'" . DC D 4 3  ? 19.40405  20.77805  11.28613  1.000 854.42378  ? 203 DC D "C4'" 1 
ATOM 742 O "O4'" . DC D 4 3  ? 19.71874  21.07864  9.91928   1.000 857.31816  ? 203 DC D "O4'" 1 
ATOM 743 C "C3'" . DC D 4 3  ? 17.89039  20.55840  11.33981  1.000 844.50824  ? 203 DC D "C3'" 1 
ATOM 744 O "O3'" . DC D 4 3  ? 17.28705  21.37604  12.32654  1.000 847.18216  ? 203 DC D "O3'" 1 
ATOM 745 C "C2'" . DC D 4 3  ? 17.38248  20.91384  9.94178   1.000 839.06376  ? 203 DC D "C2'" 1 
ATOM 746 C "C1'" . DC D 4 3  ? 18.58507  21.55286  9.25927   1.000 849.69700  ? 203 DC D "C1'" 1 
ATOM 747 N N1    . DC D 4 3  ? 18.73261  21.16888  7.83818   1.000 719.50902  ? 203 DC D N1    1 
ATOM 748 C C2    . DC D 4 3  ? 18.56604  22.12474  6.83493   1.000 716.47733  ? 203 DC D C2    1 
ATOM 749 O O2    . DC D 4 3  ? 18.26384  23.28122  7.14172   1.000 717.31749  ? 203 DC D O2    1 
ATOM 750 N N3    . DC D 4 3  ? 18.72787  21.74587  5.54214   1.000 712.77185  ? 203 DC D N3    1 
ATOM 751 C C4    . DC D 4 3  ? 19.05056  20.48544  5.24959   1.000 712.20307  ? 203 DC D C4    1 
ATOM 752 N N4    . DC D 4 3  ? 19.20213  20.15623  3.96364   1.000 708.67550  ? 203 DC D N4    1 
ATOM 753 C C5    . DC D 4 3  ? 19.23553  19.50515  6.26156   1.000 715.42839  ? 203 DC D C5    1 
ATOM 754 C C6    . DC D 4 3  ? 19.07493  19.89034  7.52680   1.000 718.98015  ? 203 DC D C6    1 
ATOM 755 P P     . DT D 4 4  ? 15.84058  20.97118  12.89776  1.000 607.38496  ? 204 DT D P     1 
ATOM 756 O OP1   . DT D 4 4  ? 15.68040  21.63277  14.21085  1.000 610.87078  ? 204 DT D OP1   1 
ATOM 757 O OP2   . DT D 4 4  ? 15.71453  19.49985  12.78944  1.000 599.45561  ? 204 DT D OP2   1 
ATOM 758 O "O5'" . DT D 4 4  ? 14.81691  21.62381  11.85582  1.000 601.33651  ? 204 DT D "O5'" 1 
ATOM 759 C "C5'" . DT D 4 4  ? 14.71669  23.03694  11.77300  1.000 608.26607  ? 204 DT D "C5'" 1 
ATOM 760 C "C4'" . DT D 4 4  ? 13.66972  23.46224  10.76287  1.000 600.33324  ? 204 DT D "C4'" 1 
ATOM 761 O "O4'" . DT D 4 4  ? 14.13779  23.17593  9.42368   1.000 598.66614  ? 204 DT D "O4'" 1 
ATOM 762 C "C3'" . DT D 4 4  ? 12.30555  22.78119  10.89256  1.000 584.95674  ? 204 DT D "C3'" 1 
ATOM 763 O "O3'" . DT D 4 4  ? 11.28636  23.75579  10.69183  1.000 581.10908  ? 204 DT D "O3'" 1 
ATOM 764 C "C2'" . DT D 4 4  ? 12.33173  21.75328  9.76055   1.000 574.95337  ? 204 DT D "C2'" 1 
ATOM 765 C "C1'" . DT D 4 4  ? 13.12303  22.50934  8.71255   1.000 583.26733  ? 204 DT D "C1'" 1 
ATOM 766 N N1    . DT D 4 4  ? 13.77183  21.65207  7.70129   1.000 564.76885  ? 204 DT D N1    1 
ATOM 767 C C2    . DT D 4 4  ? 13.59453  21.94693  6.36682   1.000 559.89877  ? 204 DT D C2    1 
ATOM 768 O O2    . DT D 4 4  ? 12.90985  22.87937  5.96644   1.000 556.67439  ? 204 DT D O2    1 
ATOM 769 N N3    . DT D 4 4  ? 14.25031  21.10765  5.50963   1.000 559.09760  ? 204 DT D N3    1 
ATOM 770 C C4    . DT D 4 4  ? 15.05167  20.02834  5.83951   1.000 562.70410  ? 204 DT D C4    1 
ATOM 771 O O4    . DT D 4 4  ? 15.59433  19.33654  4.98502   1.000 561.81267  ? 204 DT D O4    1 
ATOM 772 C C5    . DT D 4 4  ? 15.19365  19.76800  7.25975   1.000 567.72643  ? 204 DT D C5    1 
ATOM 773 C C7    . DT D 4 4  ? 16.03231  18.61460  7.74200   1.000 572.10918  ? 204 DT D C7    1 
ATOM 774 C C6    . DT D 4 4  ? 14.55474  20.58654  8.11228   1.000 568.46955  ? 204 DT D C6    1 
ATOM 775 P P     . DC D 4 5  ? 9.75338   23.44955  11.06503  1.000 617.72541  ? 205 DC D P     1 
ATOM 776 O OP1   . DC D 4 5  ? 9.35369   24.41359  12.11244  1.000 622.29071  ? 205 DC D OP1   1 
ATOM 777 O OP2   . DC D 4 5  ? 9.60984   21.99709  11.30067  1.000 608.73528  ? 205 DC D OP2   1 
ATOM 778 O "O5'" . DC D 4 5  ? 8.95893   23.82292  9.72801   1.000 610.16738  ? 205 DC D "O5'" 1 
ATOM 779 C "C5'" . DC D 4 5  ? 9.66410   23.92948  8.49622   1.000 612.61914  ? 205 DC D "C5'" 1 
ATOM 780 C "C4'" . DC D 4 5  ? 8.88586   23.28374  7.36585   1.000 599.03150  ? 205 DC D "C4'" 1 
ATOM 781 O "O4'" . DC D 4 5  ? 9.79074   22.49781  6.54062   1.000 599.27100  ? 205 DC D "O4'" 1 
ATOM 782 C "C3'" . DC D 4 5  ? 7.78071   22.31341  7.80767   1.000 587.49466  ? 205 DC D "C3'" 1 
ATOM 783 O "O3'" . DC D 4 5  ? 6.68765   22.37788  6.89574   1.000 578.62176  ? 205 DC D "O3'" 1 
ATOM 784 C "C2'" . DC D 4 5  ? 8.48454   20.96901  7.69230   1.000 584.77387  ? 205 DC D "C2'" 1 
ATOM 785 C "C1'" . DC D 4 5  ? 9.24758   21.20768  6.40570   1.000 588.42659  ? 205 DC D "C1'" 1 
ATOM 786 N N1    . DC D 4 5  ? 10.32757  20.22991  6.13230   1.000 584.20590  ? 205 DC D N1    1 
ATOM 787 C C2    . DC D 4 5  ? 10.70241  20.00327  4.81251   1.000 581.15386  ? 205 DC D C2    1 
ATOM 788 O O2    . DC D 4 5  ? 10.14606  20.64369  3.91625   1.000 576.45880  ? 205 DC D O2    1 
ATOM 789 N N3    . DC D 4 5  ? 11.67500  19.10299  4.54740   1.000 583.62985  ? 205 DC D N3    1 
ATOM 790 C C4    . DC D 4 5  ? 12.25290  18.43416  5.54304   1.000 588.85006  ? 205 DC D C4    1 
ATOM 791 N N4    . DC D 4 5  ? 13.20917  17.55279  5.22682   1.000 591.33272  ? 205 DC D N4    1 
ATOM 792 C C5    . DC D 4 5  ? 11.87881  18.64296  6.90627   1.000 591.94093  ? 205 DC D C5    1 
ATOM 793 C C6    . DC D 4 5  ? 10.91593  19.54131  7.15304   1.000 589.47412  ? 205 DC D C6    1 
ATOM 794 P P     . DT D 4 6  ? 5.59448   23.55566  6.96818   1.000 519.06525  ? 206 DT D P     1 
ATOM 795 O OP1   . DT D 4 6  ? 6.19225   24.78768  7.53181   1.000 525.05912  ? 206 DT D OP1   1 
ATOM 796 O OP2   . DT D 4 6  ? 4.39502   22.97404  7.60788   1.000 515.03802  ? 206 DT D OP2   1 
ATOM 797 O "O5'" . DT D 4 6  ? 5.24810   23.82018  5.42909   1.000 512.37490  ? 206 DT D "O5'" 1 
ATOM 798 C "C5'" . DT D 4 6  ? 6.29808   24.09265  4.50601   1.000 514.16458  ? 206 DT D "C5'" 1 
ATOM 799 C "C4'" . DT D 4 6  ? 5.98439   23.51918  3.13292   1.000 507.54621  ? 206 DT D "C4'" 1 
ATOM 800 O "O4'" . DT D 4 6  ? 6.87116   22.40444  2.84482   1.000 508.73663  ? 206 DT D "O4'" 1 
ATOM 801 C "C3'" . DT D 4 6  ? 4.56854   22.97865  2.95331   1.000 499.71797  ? 206 DT D "C3'" 1 
ATOM 802 O "O3'" . DT D 4 6  ? 4.14823   23.22710  1.62733   1.000 493.42646  ? 206 DT D "O3'" 1 
ATOM 803 C "C2'" . DT D 4 6  ? 4.75143   21.48433  3.20588   1.000 499.92566  ? 206 DT D "C2'" 1 
ATOM 804 C "C1'" . DT D 4 6  ? 6.10386   21.25333  2.55386   1.000 503.50492  ? 206 DT D "C1'" 1 
ATOM 805 N N1    . DT D 4 6  ? 6.83180   20.06854  3.06895   1.000 506.98790  ? 206 DT D N1    1 
ATOM 806 C C2    . DT D 4 6  ? 7.80163   19.49303  2.28375   1.000 507.78298  ? 206 DT D C2    1 
ATOM 807 O O2    . DT D 4 6  ? 8.09329   19.90361  1.17375   1.000 505.68297  ? 206 DT D O2    1 
ATOM 808 N N3    . DT D 4 6  ? 8.42441   18.41210  2.84195   1.000 511.33359  ? 206 DT D N3    1 
ATOM 809 C C4    . DT D 4 6  ? 8.18226   17.85725  4.08456   1.000 514.09056  ? 206 DT D C4    1 
ATOM 810 O O4    . DT D 4 6  ? 8.80080   16.87894  4.49651   1.000 517.37561  ? 206 DT D O4    1 
ATOM 811 C C5    . DT D 4 6  ? 7.15232   18.50938  4.86162   1.000 513.04547  ? 206 DT D C5    1 
ATOM 812 C C7    . DT D 4 6  ? 6.80109   17.99628  6.22580   1.000 515.97255  ? 206 DT D C7    1 
ATOM 813 C C6    . DT D 4 6  ? 6.53322   19.57364  4.32279   1.000 509.61369  ? 206 DT D C6    1 
ATOM 814 P P     . DG D 4 7  ? 2.58905   23.26445  1.24898   1.000 484.57384  ? 207 DG D P     1 
ATOM 815 O OP1   . DG D 4 7  ? 2.20821   24.68492  1.07898   1.000 483.81929  ? 207 DG D OP1   1 
ATOM 816 O OP2   . DG D 4 7  ? 1.85050   22.40505  2.20180   1.000 483.33878  ? 207 DG D OP2   1 
ATOM 817 O "O5'" . DG D 4 7  ? 2.55769   22.55403  -0.17793  1.000 478.75025  ? 207 DG D "O5'" 1 
ATOM 818 C "C5'" . DG D 4 7  ? 3.73207   22.55845  -0.97976  1.000 481.83822  ? 207 DG D "C5'" 1 
ATOM 819 C "C4'" . DG D 4 7  ? 4.11716   21.14819  -1.38456  1.000 480.85277  ? 207 DG D "C4'" 1 
ATOM 820 O "O4'" . DG D 4 7  ? 4.59297   20.41013  -0.23546  1.000 486.32060  ? 207 DG D "O4'" 1 
ATOM 821 C "C3'" . DG D 4 7  ? 2.97375   20.31130  -1.96697  1.000 472.35155  ? 207 DG D "C3'" 1 
ATOM 822 O "O3'" . DG D 4 7  ? 3.18038   20.10577  -3.35774  1.000 468.52214  ? 207 DG D "O3'" 1 
ATOM 823 C "C2'" . DG D 4 7  ? 3.03167   18.98607  -1.18569  1.000 473.99868  ? 207 DG D "C2'" 1 
ATOM 824 C "C1'" . DG D 4 7  ? 4.39358   19.05255  -0.50693  1.000 483.10280  ? 207 DG D "C1'" 1 
ATOM 825 N N9    . DG D 4 7  ? 4.47024   18.27492  0.73496   1.000 487.00849  ? 207 DG D N9    1 
ATOM 826 C C8    . DG D 4 7  ? 3.69602   18.41923  1.86262   1.000 487.23305  ? 207 DG D C8    1 
ATOM 827 N N7    . DG D 4 7  ? 3.98629   17.56081  2.80681   1.000 491.21349  ? 207 DG D N7    1 
ATOM 828 C C5    . DG D 4 7  ? 5.01461   16.79476  2.26710   1.000 493.72365  ? 207 DG D C5    1 
ATOM 829 C C6    . DG D 4 7  ? 5.74169   15.70546  2.82035   1.000 498.35991  ? 207 DG D C6    1 
ATOM 830 O O6    . DG D 4 7  ? 5.62375   15.18196  3.93806   1.000 501.30049  ? 207 DG D O6    1 
ATOM 831 N N1    . DG D 4 7  ? 6.69880   15.22082  1.93093   1.000 499.63861  ? 207 DG D N1    1 
ATOM 832 C C2    . DG D 4 7  ? 6.92216   15.72239  0.67049   1.000 496.64362  ? 207 DG D C2    1 
ATOM 833 N N2    . DG D 4 7  ? 7.87945   15.13001  -0.05091  1.000 498.03623  ? 207 DG D N2    1 
ATOM 834 N N3    . DG D 4 7  ? 6.25064   16.73457  0.14488   1.000 492.52613  ? 207 DG D N3    1 
ATOM 835 C C4    . DG D 4 7  ? 5.31780   17.22041  0.99286   1.000 491.17328  ? 207 DG D C4    1 
ATOM 836 P P     . DT D 4 8  ? 1.93838   20.15284  -4.37620  1.000 478.58948  ? 208 DT D P     1 
ATOM 837 O OP1   . DT D 4 8  ? 2.16743   21.28461  -5.29882  1.000 477.88628  ? 208 DT D OP1   1 
ATOM 838 O OP2   . DT D 4 8  ? 0.69423   20.09333  -3.57901  1.000 475.02877  ? 208 DT D OP2   1 
ATOM 839 O "O5'" . DT D 4 8  ? 2.05836   18.78668  -5.19839  1.000 475.14707  ? 208 DT D "O5'" 1 
ATOM 840 C "C5'" . DT D 4 8  ? 2.03171   17.54180  -4.51442  1.000 476.18100  ? 208 DT D "C5'" 1 
ATOM 841 C "C4'" . DT D 4 8  ? 3.34468   16.79897  -4.69322  1.000 481.54144  ? 208 DT D "C4'" 1 
ATOM 842 O "O4'" . DT D 4 8  ? 4.08244   16.82221  -3.44891  1.000 489.35528  ? 208 DT D "O4'" 1 
ATOM 843 C "C3'" . DT D 4 8  ? 3.20239   15.32775  -5.04265  1.000 478.57626  ? 208 DT D "C3'" 1 
ATOM 844 O "O3'" . DT D 4 8  ? 3.11907   15.16952  -6.45020  1.000 473.48961  ? 208 DT D "O3'" 1 
ATOM 845 C "C2'" . DT D 4 8  ? 4.49381   14.72629  -4.49729  1.000 486.40923  ? 208 DT D "C2'" 1 
ATOM 846 C "C1'" . DT D 4 8  ? 4.78662   15.60439  -3.27686  1.000 492.50425  ? 208 DT D "C1'" 1 
ATOM 847 N N1    . DT D 4 8  ? 4.37514   14.99646  -1.97129  1.000 494.33763  ? 208 DT D N1    1 
ATOM 848 C C2    . DT D 4 8  ? 5.06600   13.91137  -1.48244  1.000 498.65571  ? 208 DT D C2    1 
ATOM 849 O O2    . DT D 4 8  ? 6.00340   13.39723  -2.06497  1.000 501.06139  ? 208 DT D O2    1 
ATOM 850 N N3    . DT D 4 8  ? 4.61020   13.44074  -0.28114  1.000 500.13591  ? 208 DT D N3    1 
ATOM 851 C C4    . DT D 4 8  ? 3.55911   13.94240  0.46701   1.000 497.87065  ? 208 DT D C4    1 
ATOM 852 O O4    . DT D 4 8  ? 3.22943   13.45346  1.53581   1.000 499.65423  ? 208 DT D O4    1 
ATOM 853 C C5    . DT D 4 8  ? 2.88443   15.08338  -0.09769  1.000 493.41853  ? 208 DT D C5    1 
ATOM 854 C C7    . DT D 4 8  ? 1.72915   15.71387  0.62478   1.000 490.77254  ? 208 DT D C7    1 
ATOM 855 C C6    . DT D 4 8  ? 3.32112   15.55003  -1.27359  1.000 491.87655  ? 208 DT D C6    1 
# 
loop_
_atom_site_anisotrop.id 
_atom_site_anisotrop.type_symbol 
_atom_site_anisotrop.pdbx_label_atom_id 
_atom_site_anisotrop.pdbx_label_alt_id 
_atom_site_anisotrop.pdbx_label_comp_id 
_atom_site_anisotrop.pdbx_label_asym_id 
_atom_site_anisotrop.pdbx_label_seq_id 
_atom_site_anisotrop.pdbx_PDB_ins_code 
_atom_site_anisotrop.U[1][1] 
_atom_site_anisotrop.U[2][2] 
_atom_site_anisotrop.U[3][3] 
_atom_site_anisotrop.U[1][2] 
_atom_site_anisotrop.U[1][3] 
_atom_site_anisotrop.U[2][3] 
_atom_site_anisotrop.pdbx_auth_seq_id 
_atom_site_anisotrop.pdbx_auth_comp_id 
_atom_site_anisotrop.pdbx_auth_asym_id 
_atom_site_anisotrop.pdbx_auth_atom_id 
1   O "O5'" . DG A 1  ? 14.15590 15.74154 15.65471 -0.96622 -1.22818 -0.25695 101 DG A "O5'" 
2   C "C5'" . DG A 1  ? 14.18414 15.67925 15.72544 -0.96169 -1.33950 -0.38409 101 DG A "C5'" 
3   C "C4'" . DG A 1  ? 14.31654 15.57418 15.66072 -0.93008 -1.39301 -0.43060 101 DG A "C4'" 
4   O "O4'" . DG A 1  ? 14.22736 15.68173 15.60269 -0.91524 -1.38742 -0.50204 101 DG A "O4'" 
5   C "C3'" . DG A 1  ? 14.46645 15.41034 15.75350 -0.93196 -1.52988 -0.50853 101 DG A "C3'" 
6   O "O3'" . DG A 1  ? 14.62331 15.24780 15.71646 -0.93471 -1.53016 -0.44699 101 DG A "O3'" 
7   C "C2'" . DG A 1  ? 14.50250 15.43026 15.73272 -0.91153 -1.59298 -0.60908 101 DG A "C2'" 
8   C "C1'" . DG A 1  ? 14.30622 15.62909 15.69389 -0.90880 -1.51017 -0.62040 101 DG A "C1'" 
9   N N9    . DG A 1  ? 11.23040 12.77429 12.87760 -0.93322 -1.54471 -0.69480 101 DG A N9    
10  C C8    . DG A 1  ? 11.08494 12.98619 12.90525 -0.95631 -1.45556 -0.69071 101 DG A C8    
11  N N7    . DG A 1  ? 11.03756 13.07011 13.08469 -0.98378 -1.50008 -0.77830 101 DG A N7    
12  C C5    . DG A 1  ? 11.15499 12.90126 13.19005 -0.97244 -1.63801 -0.84048 101 DG A C5    
13  C C6    . DG A 1  ? 11.16821 12.89545 13.41486 -0.98999 -1.74539 -0.94682 101 DG A C6    
14  O O6    . DG A 1  ? 11.07042 13.04262 13.57206 -1.02109 -1.72807 -1.01665 101 DG A O6    
15  N N1    . DG A 1  ? 11.32211 12.69664 13.46431 -0.97478 -1.88468 -0.97391 101 DG A N1    
16  C C2    . DG A 1  ? 11.45361 12.52910 13.30933 -0.95389 -1.90650 -0.91154 101 DG A C2    
17  N N2    . DG A 1  ? 11.61424 12.35809 13.38798 -0.95535 -2.05072 -0.95038 101 DG A N2    
18  N N3    . DG A 1  ? 11.43817 12.53099 13.10422 -0.93873 -1.79586 -0.82139 101 DG A N3    
19  C C4    . DG A 1  ? 11.28229 12.71968 13.05836 -0.94504 -1.66930 -0.78808 101 DG A C4    
20  P P     . DA A 2  ? 9.11924  9.38579  10.13674 -0.95463 -1.65953 -0.49006 102 DA A P     
21  O OP1   . DA A 2  ? 9.21276  9.36671  10.18935 -0.94924 -1.78384 -0.60351 102 DA A OP1   
22  O OP2   . DA A 2  ? 9.22595  9.23003  10.04975 -0.96625 -1.61107 -0.41048 102 DA A OP2   
23  O "O5'" . DA A 2  ? 9.03820  9.43001  10.29038 -0.97406 -1.68423 -0.48764 102 DA A "O5'" 
24  C "C5'" . DA A 2  ? 9.13103  9.25554  10.37226 -0.99476 -1.78809 -0.50810 102 DA A "C5'" 
25  C "C4'" . DA A 2  ? 9.07958  9.26558  10.51885 -0.99971 -1.91141 -0.61883 102 DA A "C4'" 
26  O "O4'" . DA A 2  ? 8.94214  9.39193  10.48140 -0.98298 -1.89378 -0.68282 102 DA A "O4'" 
27  C "C3'" . DA A 2  ? 8.98084  9.33331  10.66722 -1.01599 -1.89895 -0.61450 102 DA A "C3'" 
28  O "O3'" . DA A 2  ? 9.10022  9.17687  10.77226 -1.03343 -1.99628 -0.61875 102 DA A "O3'" 
29  C "C2'" . DA A 2  ? 8.88045  9.47445  10.80634 -1.01546 -1.94899 -0.72887 102 DA A "C2'" 
30  C "C1'" . DA A 2  ? 8.81422  9.50996  10.64043 -0.99443 -1.91475 -0.75032 102 DA A "C1'" 
31  N N9    . DA A 2  ? 6.70023  7.76396  8.63792  -0.99680 -1.77791 -0.72012 102 DA A N9    
32  C C8    . DA A 2  ? 6.64484  7.81567  8.44891  -0.98492 -1.65761 -0.63487 102 DA A C8    
33  N N7    . DA A 2  ? 6.50093  8.01133  8.44427  -0.99966 -1.55864 -0.62254 102 DA A N7    
34  C C5    . DA A 2  ? 6.45761  8.09339  8.64537  -1.02575 -1.60733 -0.71190 102 DA A C5    
35  C C6    . DA A 2  ? 6.33082  8.29926  8.74778  -1.06249 -1.54249 -0.75438 102 DA A C6    
36  N N6    . DA A 2  ? 6.22821  8.46998  8.64446  -1.08175 -1.41626 -0.70013 102 DA A N6    
37  N N1    . DA A 2  ? 6.32397  8.32612  8.97221  -1.08565 -1.61300 -0.85848 102 DA A N1    
38  C C2    . DA A 2  ? 6.43713  8.15661  9.08530  -1.06864 -1.75113 -0.90841 102 DA A C2    
39  N N3    . DA A 2  ? 6.57164  7.96039  8.99828  -1.03853 -1.82976 -0.86975 102 DA A N3    
40  C C4    . DA A 2  ? 6.57395  7.93976  8.77359  -1.01997 -1.74498 -0.77328 102 DA A C4    
41  P P     . DG A 3  ? 5.26763  5.46081  7.23354  -1.04739 -2.06253 -0.68838 103 DG A P     
42  O OP1   . DG A 3  ? 5.18080  5.53465  7.10771  -1.04863 -1.89588 -0.56849 103 DG A OP1   
43  O OP2   . DG A 3  ? 5.34061  5.30996  7.18562  -1.04065 -2.20111 -0.76753 103 DG A OP2   
44  O "O5'" . DG A 3  ? 5.43549  5.31743  7.35758  -1.06492 -2.15247 -0.67116 103 DG A "O5'" 
45  C "C5'" . DG A 3  ? 5.52566  5.25777  7.57090  -1.07365 -2.32468 -0.77490 103 DG A "C5'" 
46  C "C4'" . DG A 3  ? 5.40190  5.42676  7.80278  -1.07600 -2.33322 -0.86352 103 DG A "C4'" 
47  O "O4'" . DG A 3  ? 5.24032  5.61368  7.74287  -1.06892 -2.22274 -0.88092 103 DG A "O4'" 
48  C "C3'" . DG A 3  ? 5.34982  5.46649  7.92033  -1.09096 -2.27428 -0.83038 103 DG A "C3'" 
49  O "O3'" . DG A 3  ? 5.43080  5.35932  8.10061  -1.08541 -2.39468 -0.89294 103 DG A "O3'" 
50  C "C2'" . DG A 3  ? 5.15573  5.68563  7.96494  -1.09948 -2.15309 -0.86007 103 DG A "C2'" 
51  C "C1'" . DG A 3  ? 5.10326  5.75541  7.89451  -1.08711 -2.16452 -0.92140 103 DG A "C1'" 
52  N N9    . DG A 3  ? 4.95561  5.93841  7.76904  -1.09394 -2.00131 -0.87829 103 DG A N9    
53  C C8    . DG A 3  ? 4.91971  5.93505  7.51032  -1.08099 -1.89706 -0.77555 103 DG A C8    
54  N N7    . DG A 3  ? 4.79198  6.12708  7.46221  -1.09669 -1.76941 -0.75404 103 DG A N7    
55  C C5    . DG A 3  ? 4.77557  6.30305  7.73321  -1.12724 -1.77953 -0.85290 103 DG A C5    
56  C C6    . DG A 3  ? 4.71310  6.59362  7.85622  -1.16779 -1.66910 -0.88423 103 DG A C6    
57  O O6    . DG A 3  ? 4.65875  6.75656  7.73787  -1.18407 -1.54565 -0.82080 103 DG A O6    
58  N N1    . DG A 3  ? 4.72176  6.68881  8.15166  -1.19755 -1.71461 -1.00604 103 DG A N1    
59  C C2    . DG A 3  ? 4.77668  6.51820  8.31223  -1.18316 -1.85969 -1.08313 103 DG A C2    
60  N N2    . DG A 3  ? 4.79043  6.63175  8.55663  -1.19927 -1.84844 -1.18097 103 DG A N2    
61  N N3    . DG A 3  ? 4.84936  6.25526  8.20148  -1.14571 -1.97407 -1.04647 103 DG A N3    
62  C C4    . DG A 3  ? 4.84762  6.16463  7.90946  -1.12234 -1.92110 -0.93253 103 DG A C4    
63  P P     . DG A 4  ? 4.98261  5.04408  7.86189  -1.04101 -2.39556 -0.99974 104 DG A P     
64  O OP1   . DG A 4  ? 4.91830  5.11029  7.77310  -1.01691 -2.37161 -1.04805 104 DG A OP1   
65  O OP2   . DG A 4  ? 5.16531  4.94003  7.99788  -1.00516 -2.48632 -1.00874 104 DG A OP2   
66  O "O5'" . DG A 4  ? 4.82431  5.20764  8.01023  -1.07875 -2.30547 -1.02581 104 DG A "O5'" 
67  C "C5'" . DG A 4  ? 4.77973  5.33801  8.19689  -1.06102 -2.27156 -1.12238 104 DG A "C5'" 
68  C "C4'" . DG A 4  ? 4.63238  5.50144  8.29274  -1.11412 -2.16203 -1.13450 104 DG A "C4'" 
69  O "O4'" . DG A 4  ? 4.47811  5.61586  8.13990  -1.15325 -2.07274 -1.10654 104 DG A "O4'" 
70  C "C3'" . DG A 4  ? 4.64915  5.44590  8.34038  -1.14902 -2.16333 -1.06380 104 DG A "C3'" 
71  O "O3'" . DG A 4  ? 4.70105  5.46968  8.57297  -1.13932 -2.16836 -1.11957 104 DG A "O3'" 
72  C "C2'" . DG A 4  ? 4.51195  5.59353  8.20868  -1.19040 -2.00625 -0.98503 104 DG A "C2'" 
73  C "C1'" . DG A 4  ? 4.39120  5.72862  8.16721  -1.20185 -1.96562 -1.05670 104 DG A "C1'" 
74  N N9    . DG A 4  ? 4.32913  5.81856  7.90686  -1.20398 -1.82716 -0.94564 104 DG A N9    
75  C C8    . DG A 4  ? 4.38667  5.71425  7.66626  -1.17291 -1.81494 -0.83030 104 DG A C8    
76  N N7    . DG A 4  ? 4.30841  5.83476  7.48879  -1.18250 -1.68388 -0.75021 104 DG A N7    
77  C C5    . DG A 4  ? 4.20126  6.03620  7.60792  -1.22864 -1.60341 -0.81249 104 DG A C5    
78  C C6    . DG A 4  ? 4.10219  6.23842  7.51251  -1.26734 -1.46007 -0.76963 104 DG A C6    
79  O O6    . DG A 4  ? 4.08174  6.27717  7.30368  -1.26098 -1.38059 -0.66167 104 DG A O6    
80  N N1    . DG A 4  ? 4.03192  6.40971  7.70005  -1.32437 -1.41183 -0.87036 104 DG A N1    
81  C C2    . DG A 4  ? 4.04480  6.38374  7.96115  -1.33616 -1.49101 -1.00153 104 DG A C2    
82  N N2    . DG A 4  ? 3.97321  6.56896  8.13069  -1.40114 -1.41673 -1.09763 104 DG A N2    
83  N N3    . DG A 4  ? 4.13155  6.19174  8.06140  -1.29327 -1.63476 -1.03972 104 DG A N3    
84  C C4    . DG A 4  ? 4.21069  6.02813  7.86770  -1.24341 -1.68394 -0.93766 104 DG A C4    
85  P P     . DA A 5  ? 4.19045  5.11392  8.28485  -1.11907 -2.12896 -1.24420 105 DA A P     
86  O OP1   . DA A 5  ? 4.27655  5.06341  8.28785  -1.05906 -2.20294 -1.29400 105 DA A OP1   
87  O OP2   . DA A 5  ? 4.24391  5.10783  8.49138  -1.11987 -2.13454 -1.26675 105 DA A OP2   
88  O "O5'" . DA A 5  ? 4.01213  5.33078  8.25569  -1.18146 -1.98043 -1.26852 105 DA A "O5'" 
89  C "C5'" . DA A 5  ? 3.97988  5.48499  8.39520  -1.18317 -1.91378 -1.37539 105 DA A "C5'" 
90  C "C4'" . DA A 5  ? 3.87918  5.67960  8.48864  -1.25640 -1.77267 -1.40117 105 DA A "C4'" 
91  O "O4'" . DA A 5  ? 3.75163  5.77164  8.30114  -1.31557 -1.68612 -1.32642 105 DA A "O4'" 
92  C "C3'" . DA A 5  ? 3.91592  5.65965  8.64222  -1.27502 -1.76556 -1.39119 105 DA A "C3'" 
93  O "O3'" . DA A 5  ? 3.89062  5.83695  8.82621  -1.31611 -1.65687 -1.47888 105 DA A "O3'" 
94  C "C2'" . DA A 5  ? 3.83265  5.65039  8.48331  -1.32624 -1.72681 -1.27171 105 DA A "C2'" 
95  C "C1'" . DA A 5  ? 3.71311  5.79981  8.32979  -1.36745 -1.63386 -1.26197 105 DA A "C1'" 
96  N N9    . DA A 5  ? 3.70016  5.75638  8.06301  -1.35916 -1.60177 -1.11061 105 DA A N9    
97  C C8    . DA A 5  ? 3.78752  5.56300  7.91120  -1.30101 -1.69113 -1.02297 105 DA A C8    
98  N N7    . DA A 5  ? 3.78811  5.57354  7.65839  -1.29120 -1.60490 -0.87939 105 DA A N7    
99  C C5    . DA A 5  ? 3.69962  5.79042  7.63721  -1.34571 -1.45803 -0.86298 105 DA A C5    
100 C C6    . DA A 5  ? 3.66577  5.90649  7.43337  -1.36615 -1.32766 -0.73350 105 DA A C6    
101 N N6    . DA A 5  ? 3.70669  5.80834  7.21740  -1.32624 -1.32108 -0.59919 105 DA A N6    
102 N N1    . DA A 5  ? 3.59838  6.12956  7.47351  -1.43550 -1.20616 -0.75048 105 DA A N1    
103 C C2    . DA A 5  ? 3.56209  6.22824  7.70701  -1.48284 -1.20381 -0.89821 105 DA A C2    
104 N N3    . DA A 5  ? 3.57706  6.13137  7.92914  -1.46497 -1.31698 -1.03694 105 DA A N3    
105 C C4    . DA A 5  ? 3.64846  5.90951  7.87782  -1.39292 -1.44846 -1.00597 105 DA A C4    
106 P P     . DG A 6  ? 5.43202  7.40424  10.51983 -1.35460 -1.60311 -1.48218 106 DG A P     
107 O OP1   . DG A 6  ? 5.44763  7.49228  10.72895 -1.35554 -1.55006 -1.60849 106 DG A OP1   
108 O OP2   . DG A 6  ? 5.44231  7.13810  10.44583 -1.31207 -1.71771 -1.41112 106 DG A OP2   
109 O "O5'" . DG A 6  ? 5.38178  7.63826  10.47423 -1.45055 -1.46300 -1.41068 106 DG A "O5'" 
110 C "C5'" . DG A 6  ? 5.38679  7.92834  10.53540 -1.51447 -1.32951 -1.45924 106 DG A "C5'" 
111 C "C4'" . DG A 6  ? 5.37481  8.15223  10.50864 -1.60681 -1.20506 -1.37104 106 DG A "C4'" 
112 O "O4'" . DG A 6  ? 5.38449  8.09246  10.28130 -1.57449 -1.23778 -1.22859 106 DG A "O4'" 
113 C "C3'" . DG A 6  ? 5.37099  8.15058  10.60657 -1.65018 -1.15491 -1.33709 106 DG A "C3'" 
114 O "O3'" . DG A 6  ? 5.41433  8.45277  10.63797 -1.74472 -0.98272 -1.30679 106 DG A "O3'" 
115 C "C2'" . DG A 6  ? 5.42325  7.96971  10.37344 -1.57865 -1.20577 -1.15562 106 DG A "C2'" 
116 C "C1'" . DG A 6  ? 5.45080  8.08106  10.18232 -1.57048 -1.17549 -1.07559 106 DG A "C1'" 
117 N N9    . DG A 6  ? 5.49462  7.89323  9.95535  -1.49452 -1.24586 -0.93806 106 DG A N9    
118 C C8    . DG A 6  ? 5.49073  7.61537  9.90938  -1.42465 -1.39896 -0.95875 106 DG A C8    
119 N N7    . DG A 6  ? 5.54907  7.50758  9.69677  -1.37862 -1.41583 -0.82177 106 DG A N7    
120 C C5    . DG A 6  ? 5.57963  7.71772  9.60055  -1.41336 -1.27180 -0.70092 106 DG A C5    
121 C C6    . DG A 6  ? 5.62834  7.70644  9.38631  -1.39003 -1.22256 -0.53425 106 DG A C6    
122 O O6    . DG A 6  ? 5.65219  7.50133  9.22805  -1.33592 -1.28666 -0.46521 106 DG A O6    
123 N N1    . DG A 6  ? 5.64961  7.95983  9.36874  -1.44430 -1.08425 -0.44949 106 DG A N1    
124 C C2    . DG A 6  ? 5.64236  8.20444  9.53037  -1.52051 -0.99731 -0.51842 106 DG A C2    
125 N N2    . DG A 6  ? 5.69126  8.43779  9.48802  -1.57581 -0.87508 -0.41311 106 DG A N2    
126 N N3    . DG A 6  ? 5.59492  8.21747  9.72912  -1.54748 -1.02898 -0.68314 106 DG A N3    
127 C C4    . DG A 6  ? 5.55676  7.96134  9.75478  -1.48672 -1.17041 -0.76588 106 DG A C4    
128 P P     . DC A 7  ? 7.10794  10.16965 12.35168 -1.79419 -0.87890 -1.25092 107 DC A P     
129 O OP1   . DC A 7  ? 7.16339  10.51000 12.43113 -1.91044 -0.71443 -1.27334 107 DC A OP1   
130 O OP2   . DC A 7  ? 7.04493  9.95497  12.52856 -1.76483 -0.96769 -1.36489 107 DC A OP2   
131 O "O5'" . DC A 7  ? 7.17426  10.07654 12.09526 -1.73753 -0.87800 -1.02166 107 DC A "O5'" 
132 C "C5'" . DC A 7  ? 7.24290  10.24305 11.91181 -1.75096 -0.80787 -0.88021 107 DC A "C5'" 
133 C "C4'" . DC A 7  ? 7.29669  10.13886 11.72765 -1.70476 -0.80153 -0.68001 107 DC A "C4'" 
134 O "O4'" . DC A 7  ? 7.27174  9.86021  11.59006 -1.60607 -0.93119 -0.64185 107 DC A "O4'" 
135 C "C3'" . DC A 7  ? 7.30992  10.08034 11.80669 -1.71824 -0.76544 -0.64434 107 DC A "C3'" 
136 O "O3'" . DC A 7  ? 7.38725  10.18376 11.68486 -1.73736 -0.67878 -0.45967 107 DC A "O3'" 
137 C "C2'" . DC A 7  ? 7.25779  9.73717  11.76793 -1.62426 -0.90518 -0.65635 107 DC A "C2'" 
138 C "C1'" . DC A 7  ? 7.27794  9.65922  11.56596 -1.56582 -0.96431 -0.57026 107 DC A "C1'" 
139 N N1    . DC A 7  ? 7.24026  9.35259  11.51628 -1.48624 -1.11821 -0.61476 107 DC A N1    
140 C C2    . DC A 7  ? 7.28254  9.17985  11.32453 -1.42710 -1.16274 -0.48448 107 DC A C2    
141 O O2    . DC A 7  ? 7.33275  9.27191  11.20769 -1.43496 -1.07561 -0.33578 107 DC A O2    
142 N N3    . DC A 7  ? 7.27167  8.91140  11.28120 -1.36954 -1.30172 -0.52731 107 DC A N3    
143 C C4    . DC A 7  ? 7.21570  8.80993  11.42253 -1.36412 -1.40612 -0.68486 107 DC A C4    
144 N N4    . DC A 7  ? 7.21994  8.54256  11.37019 -1.31424 -1.55279 -0.71497 107 DC A N4    
145 C C5    . DC A 7  ? 7.15445  8.97243  11.62931 -1.41662 -1.36589 -0.82187 107 DC A C5    
146 C C6    . DC A 7  ? 7.17134  9.24256  11.66655 -1.47898 -1.21583 -0.78463 107 DC A C6    
147 P P     . DC A 8  ? 4.79788  7.85226  9.07464  -1.85293 -0.52674 -0.41752 108 DC A P     
148 O OP1   . DC A 8  ? 4.78632  8.05187  9.16714  -1.92021 -0.49041 -0.55644 108 DC A OP1   
149 O OP2   . DC A 8  ? 4.81366  7.84429  9.18212  -1.88690 -0.47331 -0.40822 108 DC A OP2   
150 O "O5'" . DC A 8  ? 4.87710  7.92614  8.87984  -1.83911 -0.49536 -0.20601 108 DC A "O5'" 
151 C "C5'" . DC A 8  ? 4.95589  8.18888  8.85784  -1.93132 -0.38243 -0.10729 108 DC A "C5'" 
152 C "C4'" . DC A 8  ? 4.99193  8.17542  8.66164  -1.89505 -0.38756 0.08610  108 DC A "C4'" 
153 O "O4'" . DC A 8  ? 4.91861  8.00460  8.52726  -1.81117 -0.47604 0.06289  108 DC A "O4'" 
154 C "C3'" . DC A 8  ? 4.98790  7.99096  8.58650  -1.84459 -0.40084 0.23351  108 DC A "C3'" 
155 O "O3'" . DC A 8  ? 5.07795  8.18630  8.64132  -1.92713 -0.30864 0.33566  108 DC A "O3'" 
156 C "C2'" . DC A 8  ? 4.96863  7.87686  8.39138  -1.77614 -0.44781 0.35218  108 DC A "C2'" 
157 C "C1'" . DC A 8  ? 4.90763  7.80957  8.36752  -1.73610 -0.51651 0.21146  108 DC A "C1'" 
158 N N1    . DC A 8  ? 4.82342  7.48296  8.33175  -1.64492 -0.62132 0.14368  108 DC A N1    
159 C C2    . DC A 8  ? 4.80425  7.25130  8.17631  -1.57014 -0.66992 0.25234  108 DC A C2    
160 O O2    . DC A 8  ? 4.83593  7.30450  8.07370  -1.57383 -0.62632 0.40022  108 DC A O2    
161 N N3    . DC A 8  ? 4.75076  6.96694  8.14533  -1.50213 -0.76515 0.18936  108 DC A N3    
162 C C4    . DC A 8  ? 4.71119  6.90454  8.26620  -1.50043 -0.82301 0.03157  108 DC A C4    
163 N N4    . DC A 8  ? 4.67531  6.62387  8.23447  -1.43885 -0.92783 -0.01834 108 DC A N4    
164 C C5    . DC A 8  ? 4.71037  7.12405  8.43365  -1.56891 -0.77648 -0.08510 108 DC A C5    
165 C C6    . DC A 8  ? 4.77037  7.41088  8.45820  -1.64229 -0.67053 -0.02672 108 DC A C6    
166 P P     . DT A 9  ? 6.83625  9.80911  10.43636 -1.90984 -0.29528 0.41773  109 DT A P     
167 O OP1   . DT A 9  ? 6.94914  10.06379 10.49161 -2.01161 -0.19913 0.52161  109 DT A OP1   
168 O OP2   . DT A 9  ? 6.76142  9.63800  10.54680 -1.87629 -0.33649 0.26118  109 DT A OP2   
169 O "O5'" . DT A 9  ? 6.77930  9.54949  10.25427 -1.81078 -0.35838 0.56099  109 DT A "O5'" 
170 C "C5'" . DT A 9  ? 6.82172  9.63257  10.13617 -1.81816 -0.34016 0.72140  109 DT A "C5'" 
171 C "C4'" . DT A 9  ? 6.74519  9.35439  9.97763  -1.71668 -0.41120 0.78476  109 DT A "C4'" 
172 O "O4'" . DT A 9  ? 6.67518  9.16464  9.96834  -1.65513 -0.48657 0.63708  109 DT A "O4'" 
173 C "C3'" . DT A 9  ? 6.70131  9.13561  9.93097  -1.67550 -0.41306 0.90219  109 DT A "C3'" 
174 O "O3'" . DT A 9  ? 6.73490  9.19880  9.86238  -1.68933 -0.38337 1.07691  109 DT A "O3'" 
175 C "C2'" . DT A 9  ? 6.61178  8.81046  9.83256  -1.58123 -0.49548 0.84394  109 DT A "C2'" 
176 C "C1'" . DT A 9  ? 6.61213  8.86409  9.84916  -1.57334 -0.54353 0.68883  109 DT A "C1'" 
177 N N1    . DT A 9  ? 6.55962  8.65513  9.89189  -1.52773 -0.61943 0.54487  109 DT A N1    
178 C C2    . DT A 9  ? 6.51385  8.35542  9.78883  -1.45745 -0.68632 0.55959  109 DT A C2    
179 O O2    . DT A 9  ? 6.49837  8.23565  9.66064  -1.42945 -0.67733 0.67830  109 DT A O2    
180 N N3    . DT A 9  ? 6.48534  8.19169  9.84597  -1.42760 -0.76580 0.42546  109 DT A N3    
181 C C4    . DT A 9  ? 6.47910  8.28162  9.99950  -1.45436 -0.78623 0.27695  109 DT A C4    
182 O O4    . DT A 9  ? 6.44816  8.10765  10.05063 -1.42346 -0.87181 0.16500  109 DT A O4    
183 C C5    . DT A 9  ? 6.51026  8.58616  10.09803 -1.52829 -0.70166 0.25967  109 DT A C5    
184 C C7    . DT A 9  ? 6.49049  8.69234  10.27170 -1.57078 -0.70368 0.09055  109 DT A C7    
185 C C6    . DT A 9  ? 6.55723  8.76157  10.03549 -1.56389 -0.62346 0.39476  109 DT A C6    
186 P P     . DG A 10 ? 5.34903  7.94361  8.48026  -1.77547 -0.31011 1.20160  110 DG A P     
187 O OP1   . DG A 10 ? 5.33038  7.85602  8.39266  -1.75346 -0.31241 1.38203  110 DG A OP1   
188 O OP2   . DG A 10 ? 5.46390  8.28432  8.57541  -1.86953 -0.26663 1.14715  110 DG A OP2   
189 O "O5'" . DG A 10 ? 5.30729  7.82358  8.56663  -1.77553 -0.29165 1.14869  110 DG A "O5'" 
190 C "C5'" . DG A 10 ? 5.24638  7.62279  8.53111  -1.74311 -0.28533 1.26160  110 DG A "C5'" 
191 C "C4'" . DG A 10 ? 5.11731  7.27525  8.37701  -1.64591 -0.34540 1.27067  110 DG A "C4'" 
192 O "O4'" . DG A 10 ? 5.07809  7.16824  8.35515  -1.60319 -0.40327 1.10618  110 DG A "O4'" 
193 C "C3'" . DG A 10 ? 5.02521  7.00544  8.35033  -1.60596 -0.34279 1.32159  110 DG A "C3'" 
194 O "O3'" . DG A 10 ? 4.92975  6.74671  8.19542  -1.54623 -0.37155 1.39737  110 DG A "O3'" 
195 C "C2'" . DG A 10 ? 4.98458  6.87652  8.39230  -1.57710 -0.38083 1.15353  110 DG A "C2'" 
196 C "C1'" . DG A 10 ? 4.99124  6.87755  8.32924  -1.54848 -0.43905 1.05950  110 DG A "C1'" 
197 N N9    . DG A 10 ? 4.99355  6.86468  8.40916  -1.53850 -0.48694 0.88033  110 DG A N9    
198 C C8    . DG A 10 ? 5.05277  7.10513  8.54013  -1.59150 -0.46964 0.76850  110 DG A C8    
199 N N7    . DG A 10 ? 5.02989  7.01556  8.60487  -1.56564 -0.53094 0.61217  110 DG A N7    
200 C C5    . DG A 10 ? 4.96921  6.70617  8.50595  -1.49418 -0.59712 0.62653  110 DG A C5    
201 C C6    . DG A 10 ? 4.93606  6.48874  8.52028  -1.44569 -0.69132 0.50460  110 DG A C6    
202 O O6    . DG A 10 ? 4.94175  6.52041  8.63700  -1.44979 -0.74118 0.35440  110 DG A O6    
203 N N1    . DG A 10 ? 4.89040  6.20186  8.38503  -1.39425 -0.73058 0.56985  110 DG A N1    
204 C C2    . DG A 10 ? 4.85896  6.12215  8.25727  -1.38753 -0.67873 0.72527  110 DG A C2    
205 N N2    . DG A 10 ? 4.89391  5.91103  8.22146  -1.34520 -0.71748 0.75609  110 DG A N2    
206 N N3    . DG A 10 ? 4.87846  6.31630  8.25555  -1.42596 -0.59724 0.84072  110 DG A N3    
207 C C4    . DG A 10 ? 4.94266  6.60849  8.38050  -1.47909 -0.56377 0.78654  110 DG A C4    
208 P P     . DC A 11 ? 4.19610  5.96720  7.47195  -1.54799 -0.33501 1.58079  111 DC A P     
209 O OP1   . DC A 11 ? 4.18483  5.92901  7.37596  -1.52340 -0.35467 1.64905  111 DC A OP1   
210 O OP2   . DC A 11 ? 4.23323  6.16380  7.55637  -1.62004 -0.28147 1.65854  111 DC A OP2   
211 O "O5'" . DC A 11 ? 4.20559  5.74901  7.54460  -1.49530 -0.34394 1.56255  111 DC A "O5'" 
212 C "C5'" . DC A 11 ? 4.21247  5.73069  7.63934  -1.50046 -0.33784 1.47839  111 DC A "C5'" 
213 C "C4'" . DC A 11 ? 4.22161  5.49582  7.66354  -1.44257 -0.37434 1.41955  111 DC A "C4'" 
214 O "O4'" . DC A 11 ? 4.21044  5.43552  7.64141  -1.42266 -0.43717 1.25400  111 DC A "O4'" 
215 C "C3'" . DC A 11 ? 4.24309  5.44708  7.79189  -1.44348 -0.34064 1.44467  111 DC A "C3'" 
216 O "O3'" . DC A 11 ? 4.26477  5.23139  7.80002  -1.39798 -0.36164 1.44551  111 DC A "O3'" 
217 C "C2'" . DC A 11 ? 4.23477  5.49363  7.84855  -1.45584 -0.36208 1.29761  111 DC A "C2'" 
218 C "C1'" . DC A 11 ? 4.22374  5.39191  7.75897  -1.42073 -0.44128 1.18045  111 DC A "C1'" 
219 N N1    . DC A 11 ? 4.20221  5.47656  7.78858  -1.43831 -0.47444 1.03089  111 DC A N1    
220 C C2    . DC A 11 ? 4.21162  5.33600  7.82112  -1.40242 -0.55633 0.89097  111 DC A C2    
221 O O2    . DC A 11 ? 4.24837  5.14741  7.81090  -1.36212 -0.59850 0.89712  111 DC A O2    
222 N N3    . DC A 11 ? 4.18858  5.41413  7.87579  -1.41934 -0.58896 0.75040  111 DC A N3    
223 C C4    . DC A 11 ? 4.15944  5.62504  7.88916  -1.47518 -0.53150 0.74202  111 DC A C4    
224 N N4    . DC A 11 ? 4.13647  5.69693  7.96247  -1.49599 -0.55802 0.59099  111 DC A N4    
225 C C5    . DC A 11 ? 4.16226  5.77517  7.84119  -1.51910 -0.44682 0.88654  111 DC A C5    
226 C C6    . DC A 11 ? 4.18275  5.69272  7.79651  -1.49581 -0.42724 1.02930  111 DC A C6    
227 P P     . DG A 12 ? 4.88793  5.76991  8.47922  -1.39522 -0.30509 1.58784  112 DG A P     
228 O OP1   . DG A 12 ? 4.89341  5.68594  8.40873  -1.37715 -0.30945 1.65037  112 DG A OP1   
229 O OP2   . DG A 12 ? 4.88384  5.94753  8.56265  -1.43921 -0.24684 1.68076  112 DG A OP2   
230 O "O5'" . DG A 12 ? 4.91638  5.58900  8.55206  -1.36747 -0.32012 1.51762  112 DG A "O5'" 
231 C "C5'" . DG A 12 ? 4.95005  5.40351  8.49560  -1.33568 -0.38026 1.42703  112 DG A "C5'" 
232 C "C4'" . DG A 12 ? 4.98136  5.29655  8.57542  -1.32280 -0.41330 1.33051  112 DG A "C4'" 
233 O "O4'" . DG A 12 ? 4.96486  5.37052  8.57914  -1.32443 -0.46877 1.20450  112 DG A "O4'" 
234 C "C3'" . DG A 12 ? 4.97618  5.31912  8.70309  -1.33343 -0.34849 1.39639  112 DG A "C3'" 
235 O "O3'" . DG A 12 ? 5.02424  5.13410  8.75632  -1.31798 -0.34902 1.39046  112 DG A "O3'" 
236 C "C2'" . DG A 12 ? 4.95249  5.44202  8.76974  -1.34689 -0.35763 1.31246  112 DG A "C2'" 
237 C "C1'" . DG A 12 ? 4.95444  5.43010  8.70184  -1.33572 -0.44448 1.17548  112 DG A "C1'" 
238 N N9    . DG A 12 ? 4.91373  5.62158  8.71123  -1.36482 -0.43563 1.12642  112 DG A N9    
239 C C8    . DG A 12 ? 4.88647  5.81215  8.70158  -1.40555 -0.36646 1.21650  112 DG A C8    
240 N N7    . DG A 12 ? 4.86574  5.96316  8.71669  -1.43782 -0.36700 1.13578  112 DG A N7    
241 C C5    . DG A 12 ? 4.86944  5.86242  8.74984  -1.41043 -0.44468 0.98101  112 DG A C5    
242 C C6    . DG A 12 ? 4.85023  5.94558  8.80125  -1.42766 -0.47891 0.83398  112 DG A C6    
243 O O6    . DG A 12 ? 4.82749  6.13431  8.81840  -1.47744 -0.43529 0.80717  112 DG A O6    
244 N N1    . DG A 12 ? 4.86926  5.78904  8.84803  -1.38810 -0.57459 0.70735  112 DG A N1    
245 C C2    . DG A 12 ? 4.91497  5.58339  8.83264  -1.34522 -0.62864 0.72339  112 DG A C2    
246 N N2    . DG A 12 ? 4.94765  5.45945  8.89014  -1.31915 -0.73241 0.59392  112 DG A N2    
247 N N3    . DG A 12 ? 4.93591  5.50715  8.77723  -1.33522 -0.58530 0.85514  112 DG A N3    
248 C C4    . DG A 12 ? 4.90477  5.65246  8.74431  -1.36567 -0.49414 0.97748  112 DG A C4    
249 P P     . DC A 13 ? 4.72604  4.57904  8.36011  -1.29937 -0.43832 1.26310  113 DC A P     
250 O OP1   . DC A 13 ? 4.75657  4.51320  8.23586  -1.29537 -0.48185 1.24123  113 DC A OP1   
251 O OP2   . DC A 13 ? 4.76846  4.45116  8.44903  -1.29983 -0.40745 1.28823  113 DC A OP2   
252 O "O5'" . DC A 13 ? 4.71462  4.63767  8.40728  -1.29282 -0.50648 1.13053  113 DC A "O5'" 
253 C "C5'" . DC A 13 ? 4.77726  4.50927  8.40137  -1.27862 -0.61257 1.00300  113 DC A "C5'" 
254 C "C4'" . DC A 13 ? 4.78642  4.49795  8.53706  -1.27202 -0.64957 0.91179  113 DC A "C4'" 
255 O "O4'" . DC A 13 ? 4.71828  4.67161  8.58508  -1.27967 -0.64063 0.85947  113 DC A "O4'" 
256 C "C3'" . DC A 13 ? 4.78984  4.46110  8.63989  -1.27444 -0.57906 0.97600  113 DC A "C3'" 
257 O "O3'" . DC A 13 ? 4.84835  4.34559  8.73574  -1.26332 -0.65230 0.87668  113 DC A "O3'" 
258 C "C2'" . DC A 13 ? 4.70844  4.65533  8.69978  -1.28805 -0.50010 1.01467  113 DC A "C2'" 
259 C "C1'" . DC A 13 ? 4.68743  4.74432  8.70206  -1.28919 -0.56866 0.88896  113 DC A "C1'" 
260 N N1    . DC A 13 ? 4.62188  4.95836  8.69983  -1.31828 -0.50168 0.91774  113 DC A N1    
261 C C2    . DC A 13 ? 4.59709  5.06405  8.75374  -1.33096 -0.53642 0.79325  113 DC A C2    
262 O O2    . DC A 13 ? 4.62382  4.97203  8.81463  -1.31079 -0.62994 0.66360  113 DC A O2    
263 N N3    . DC A 13 ? 4.55408  5.26789  8.75110  -1.37152 -0.46803 0.81667  113 DC A N3    
264 C C4    . DC A 13 ? 4.54055  5.36202  8.69504  -1.39612 -0.38212 0.96490  113 DC A C4    
265 N N4    . DC A 13 ? 4.60030  5.65122  8.77518  -1.44668 -0.32282 0.98659  113 DC A N4    
266 C C5    . DC A 13 ? 4.55881  5.25176  8.65315  -1.37660 -0.35495 1.09516  113 DC A C5    
267 C C6    . DC A 13 ? 4.59608  5.05249  8.65742  -1.33917 -0.40995 1.06229  113 DC A C6    
268 P P     . DG A 14 ? 5.71829  4.95112  9.55448  -1.26634 -0.64904 0.90798  114 DG A P     
269 O OP1   . DG A 14 ? 5.74772  4.88754  9.44315  -1.28114 -0.60645 0.99804  114 DG A OP1   
270 O OP2   . DG A 14 ? 5.68122  4.98396  9.67894  -1.26363 -0.57773 0.94078  114 DG A OP2   
271 O "O5'" . DG A 14 ? 5.81901  4.81872  9.58794  -1.26063 -0.79503 0.77087  114 DG A "O5'" 
272 C "C5'" . DG A 14 ? 5.86123  4.74706  9.72489  -1.25417 -0.83731 0.70763  114 DG A "C5'" 
273 C "C4'" . DG A 14 ? 5.88412  4.75152  9.80739  -1.24010 -0.96972 0.56120  114 DG A "C4'" 
274 O "O4'" . DG A 14 ? 5.78886  4.92565  9.80086  -1.23362 -0.94629 0.53516  114 DG A "O4'" 
275 C "C3'" . DG A 14 ? 5.89254  4.72918  9.98685  -1.22755 -1.00246 0.48623  114 DG A "C3'" 
276 O "O3'" . DG A 14 ? 5.95588  4.67714  10.07359 -1.21900 -1.15889 0.34692  114 DG A "O3'" 
277 C "C2'" . DG A 14 ? 5.76487  4.91147  10.03963 -1.22207 -0.89433 0.50650  114 DG A "C2'" 
278 C "C1'" . DG A 14 ? 5.75656  5.05559  9.98018  -1.22682 -0.91184 0.48618  114 DG A "C1'" 
279 N N9    . DG A 14 ? 5.66189  5.24127  9.94647  -1.23996 -0.78698 0.56344  114 DG A N9    
280 C C8    . DG A 14 ? 5.58671  5.23857  9.81912  -1.25175 -0.67220 0.71072  114 DG A C8    
281 N N7    . DG A 14 ? 5.56391  5.46795  9.85978  -1.26961 -0.58922 0.75543  114 DG A N7    
282 C C5    . DG A 14 ? 5.63252  5.64290  10.02775 -1.27300 -0.64090 0.62296  114 DG A C5    
283 C C6    . DG A 14 ? 5.67089  5.94019  10.15639 -1.30198 -0.58581 0.59504  114 DG A C6    
284 O O6    . DG A 14 ? 5.67067  6.12490  10.14745 -1.33214 -0.48621 0.69303  114 DG A O6    
285 N N1    . DG A 14 ? 5.71478  6.01146  10.31076 -1.30122 -0.66148 0.43269  114 DG A N1    
286 C C2    . DG A 14 ? 5.72487  5.81975  10.34633 -1.27179 -0.78839 0.31907  114 DG A C2    
287 N N2    . DG A 14 ? 5.75127  5.90968  10.51478 -1.27586 -0.85257 0.16517  114 DG A N2    
288 N N3    . DG A 14 ? 5.71122  5.55308  10.22835 -1.24711 -0.85033 0.35178  114 DG A N3    
289 C C4    . DG A 14 ? 5.66275  5.47931  10.06791 -1.25119 -0.76438 0.50251  114 DG A C4    
290 P P     . DG A 15 ? 5.49975  4.28518  9.86236  -1.20048 -1.21217 0.22334  115 DG A P     
291 O OP1   . DG A 15 ? 5.61360  4.16673  9.94466  -1.19772 -1.39564 0.10809  115 DG A OP1   
292 O OP2   . DG A 15 ? 5.46990  4.28474  9.94487  -1.19650 -1.11337 0.27379  115 DG A OP2   
293 O "O5'" . DG A 15 ? 5.37871  4.47784  9.87912  -1.19863 -1.16180 0.17919  115 DG A "O5'" 
294 C "C5'" . DG A 15 ? 5.34782  4.54107  10.06780 -1.19030 -1.21905 0.03723  115 DG A "C5'" 
295 C "C4'" . DG A 15 ? 5.23951  4.71171  10.13664 -1.20070 -1.07642 0.04768  115 DG A "C4'" 
296 O "O4'" . DG A 15 ? 5.18820  4.79615  9.96609  -1.21738 -0.94086 0.19833  115 DG A "O4'" 
297 C "C3'" . DG A 15 ? 5.24062  4.68061  10.29195 -1.19144 -1.03544 0.03259  115 DG A "C3'" 
298 O "O3'" . DG A 15 ? 5.22069  4.72929  10.51890 -1.18727 -1.08376 -0.12777 115 DG A "O3'" 
299 C "C2'" . DG A 15 ? 5.16740  4.79843  10.21173 -1.20917 -0.85709 0.16607  115 DG A "C2'" 
300 C "C1'" . DG A 15 ? 5.12657  4.90875  10.04277 -1.22978 -0.81599 0.23069  115 DG A "C1'" 
301 N N9    . DG A 15 ? 5.09888  4.95152  9.90038  -1.24316 -0.69409 0.40145  115 DG A N9    
302 C C8    . DG A 15 ? 5.14045  4.82585  9.80823  -1.23404 -0.67833 0.51409  115 DG A C8    
303 N N7    . DG A 15 ? 5.09924  4.90259  9.71890  -1.25004 -0.56408 0.65324  115 DG A N7    
304 C C5    . DG A 15 ? 5.03614  5.09524  9.74211  -1.27465 -0.50318 0.63808  115 DG A C5    
305 C C6    . DG A 15 ? 4.98868  5.25366  9.68291  -1.30605 -0.38872 0.75581  115 DG A C6    
306 O O6    . DG A 15 ? 4.98338  5.25002  9.60899  -1.31163 -0.32074 0.90116  115 DG A O6    
307 N N1    . DG A 15 ? 4.95378  5.43367  9.73335  -1.33939 -0.35796 0.68800  115 DG A N1    
308 C C2    . DG A 15 ? 4.95277  5.45467  9.84151  -1.33953 -0.42290 0.51969  115 DG A C2    
309 N N2    . DG A 15 ? 4.95107  5.67381  9.91694  -1.38535 -0.36760 0.46671  115 DG A N2    
310 N N3    . DG A 15 ? 4.98853  5.30270  9.91254  -1.30360 -0.53732 0.40838  115 DG A N3    
311 C C4    . DG A 15 ? 5.03395  5.12930  9.85152  -1.27349 -0.57430 0.47963  115 DG A C4    
312 P P     . DA A 16 ? 4.58993  4.24599  10.01180 -1.19983 -1.14210 -0.26797 116 DA A P     
313 O OP1   . DA A 16 ? 4.65294  4.14915  9.94425  -1.18912 -1.29028 -0.30072 116 DA A OP1   
314 O OP2   . DA A 16 ? 4.57519  4.27351  10.27627 -1.19691 -1.16138 -0.41496 116 DA A OP2   
315 O "O5'" . DA A 16 ? 4.49820  4.45148  9.89303  -1.23723 -0.98184 -0.19510 116 DA A "O5'" 
316 C "C5'" . DA A 16 ? 4.45008  4.59233  9.93077  -1.26433 -0.98268 -0.29253 116 DA A "C5'" 
317 C "C4'" . DA A 16 ? 4.38976  4.77475  10.06706 -1.30583 -0.85625 -0.35440 116 DA A "C4'" 
318 O "O4'" . DA A 16 ? 4.36134  4.88066  9.92584  -1.33409 -0.70246 -0.19853 116 DA A "O4'" 
319 C "C3'" . DA A 16 ? 4.40082  4.73492  10.31355 -1.29482 -0.86709 -0.46673 116 DA A "C3'" 
320 O "O3'" . DA A 16 ? 4.35700  4.89809  10.48793 -1.33928 -0.80528 -0.60542 116 DA A "O3'" 
321 C "C2'" . DA A 16 ? 4.40016  4.72437  10.23744 -1.29243 -0.75210 -0.32239 116 DA A "C2'" 
322 C "C1'" . DA A 16 ? 4.36151  4.88055  10.04165 -1.33460 -0.62749 -0.18983 116 DA A "C1'" 
323 N N9    . DA A 16 ? 4.37070  4.83061  9.88049  -1.32308 -0.56153 -0.00324 116 DA A N9    
324 C C8    . DA A 16 ? 4.41380  4.65020  9.78732  -1.28140 -0.63072 0.07666  116 DA A C8    
325 N N7    . DA A 16 ? 4.40893  4.64526  9.66985  -1.28395 -0.54144 0.23737  116 DA A N7    
326 C C5    . DA A 16 ? 4.36444  4.83717  9.67932  -1.32903 -0.41404 0.27485  116 DA A C5    
327 C C6    . DA A 16 ? 4.34671  4.92819  9.60153  -1.35519 -0.28945 0.42960  116 DA A C6    
328 N N6    . DA A 16 ? 4.35818  4.82822  9.50471  -1.33372 -0.26804 0.57394  116 DA A N6    
329 N N1    . DA A 16 ? 4.32583  5.12876  9.64028  -1.41107 -0.18867 0.42808  116 DA A N1    
330 C C2    . DA A 16 ? 4.31780  5.23134  9.75108  -1.44111 -0.20064 0.27213  116 DA A C2    
331 N N3    . DA A 16 ? 4.32045  5.15814  9.84687  -1.41717 -0.30918 0.11120  116 DA A N3    
332 C C4    . DA A 16 ? 4.34558  4.95714  9.80253  -1.35828 -0.41956 0.12641  116 DA A C4    
333 P P     . DC A 17 ? 5.12135  5.67045  11.53783 -1.34215 -0.78242 -0.74489 117 DC A P     
334 O OP1   . DC A 17 ? 5.15493  5.86866  11.79647 -1.38620 -0.77463 -0.92816 117 DC A OP1   
335 O OP2   . DC A 17 ? 5.08897  5.37205  11.53392 -1.28124 -0.91309 -0.75958 117 DC A OP2   
336 O "O5'" . DC A 17 ? 5.15024  5.83502  11.51737 -1.37684 -0.59756 -0.62616 117 DC A "O5'" 
337 C "C5'" . DC A 17 ? 5.19044  6.10202  11.45903 -1.44175 -0.46311 -0.55511 117 DC A "C5'" 
338 C "C4'" . DC A 17 ? 5.21440  6.19855  11.42082 -1.46688 -0.31646 -0.42290 117 DC A "C4'" 
339 O "O4'" . DC A 17 ? 5.15780  6.01509  11.14787 -1.42536 -0.33002 -0.23165 117 DC A "O4'" 
340 C "C3'" . DC A 17 ? 5.23850  6.18256  11.64778 -1.45764 -0.27700 -0.50342 117 DC A "C3'" 
341 O "O3'" . DC A 17 ? 5.31117  6.44010  11.73407 -1.52635 -0.11139 -0.46678 117 DC A "O3'" 
342 C "C2'" . DC A 17 ? 5.16713  5.90241  11.46385 -1.39068 -0.32608 -0.37239 117 DC A "C2'" 
343 C "C1'" . DC A 17 ? 5.14548  5.94282  11.18834 -1.40863 -0.27052 -0.18025 117 DC A "C1'" 
344 N N1    . DC A 17 ? 5.07289  5.68801  10.94715 -1.35736 -0.31004 -0.02523 117 DC A N1    
345 C C2    . DC A 17 ? 5.05259  5.72809  10.80550 -1.37445 -0.19978 0.15306  117 DC A C2    
346 O O2    . DC A 17 ? 5.10700  5.97466  10.87894 -1.43151 -0.08391 0.18236  117 DC A O2    
347 N N3    . DC A 17 ? 4.97709  5.49559  10.59826 -1.33541 -0.22357 0.28518  117 DC A N3    
348 C C4    . DC A 17 ? 4.94033  5.24044  10.52392 -1.28766 -0.34864 0.24485  117 DC A C4    
349 N N4    . DC A 17 ? 4.87625  5.02288  10.32494 -1.26241 -0.35615 0.37122  117 DC A N4    
350 C C5    . DC A 17 ? 4.97490  5.19883  10.66045 -1.27081 -0.47323 0.07123  117 DC A C5    
351 C C6    . DC A 17 ? 5.03110  5.42132  10.87338 -1.30319 -0.45065 -0.05969 117 DC A C6    
352 P P     . DA A 18 ? 5.02434  6.35663  11.62938 -1.61288 -0.02095 -0.63902 118 DA A P     
353 O OP1   . DA A 18 ? 5.02406  6.45841  11.56283 -1.64915 -0.05342 -0.67551 118 DA A OP1   
354 O OP2   . DA A 18 ? 5.04364  6.30369  11.92979 -1.58899 -0.05633 -0.82426 118 DA A OP2   
355 O "O5'" . DA A 18 ? 5.11311  6.59859  11.62039 -1.68821 0.15706  -0.51914 118 DA A "O5'" 
356 C "C5'" . DA A 18 ? 5.16871  6.81766  11.49081 -1.76446 0.23478  -0.41844 118 DA A "C5'" 
357 C "C4'" . DA A 18 ? 5.17273  6.86163  11.32636 -1.79264 0.34010  -0.21417 118 DA A "C4'" 
358 O "O4'" . DA A 18 ? 5.05081  6.57319  11.09657 -1.70362 0.26964  -0.06010 118 DA A "O4'" 
359 C "C3'" . DA A 18 ? 5.25587  6.99071  11.52254 -1.83605 0.46045  -0.24578 118 DA A "C3'" 
360 O "O3'" . DA A 18 ? 5.30568  7.14920  11.39437 -1.90793 0.56986  -0.07593 118 DA A "O3'" 
361 C "C2'" . DA A 18 ? 5.15019  6.69246  11.48671 -1.73284 0.39577  -0.21154 118 DA A "C2'" 
362 C "C1'" . DA A 18 ? 5.03020  6.48578  11.15313 -1.67993 0.32266  -0.02437 118 DA A "C1'" 
363 N N9    . DA A 18 ? 4.91983  6.16225  11.06313 -1.57903 0.20918  -0.00928 118 DA A N9    
364 C C8    . DA A 18 ? 4.89044  6.00336  11.14757 -1.52380 0.08229  -0.15234 118 DA A C8    
365 N N7    . DA A 18 ? 4.80396  5.71848  11.01931 -1.44862 -0.00432 -0.09294 118 DA A N7    
366 C C5    . DA A 18 ? 4.80480  5.72830  10.88518 -1.45174 0.07753  0.09781  118 DA A C5    
367 C C6    . DA A 18 ? 4.80404  5.57124  10.79320 -1.39889 0.05561  0.23353  118 DA A C6    
368 N N6    . DA A 18 ? 4.81474  5.36961  10.81028 -1.33585 -0.05956 0.19678  118 DA A N6    
369 N N1    . DA A 18 ? 4.80149  5.63309  10.69477 -1.42065 0.15562  0.40696  118 DA A N1    
370 C C2    . DA A 18 ? 4.81137  5.84047  10.68147 -1.49258 0.26091  0.44877  118 DA A C2    
371 N N3    . DA A 18 ? 4.82547  6.00752  10.74820 -1.55473 0.29432  0.33508  118 DA A N3    
372 C C4    . DA A 18 ? 4.82899  5.95239  10.86561 -1.52881 0.20224  0.15626  118 DA A C4    
373 P P     . DG A 19 ? 4.79908  6.76814  10.93861 -2.01332 0.72757  -0.11206 119 DG A P     
374 O OP1   . DG A 19 ? 4.87182  6.98561  10.80127 -2.11876 0.80315  0.01284  119 DG A OP1   
375 O OP2   . DG A 19 ? 4.79391  6.78343  11.18203 -2.03390 0.74580  -0.36186 119 DG A OP2   
376 O "O5'" . DG A 19 ? 4.79107  6.65658  10.93357 -1.95765 0.75678  0.01866  119 DG A "O5'" 
377 C "C5'" . DG A 19 ? 4.80035  6.64524  10.75060 -1.94377 0.76003  0.25663  119 DG A "C5'" 
378 C "C4'" . DG A 19 ? 4.76674  6.48178  10.78064 -1.86602 0.76066  0.33535  119 DG A "C4'" 
379 O "O4'" . DG A 19 ? 4.69741  6.24729  10.77093 -1.75580 0.63583  0.29692  119 DG A "O4'" 
380 C "C3'" . DG A 19 ? 4.78306  6.50638  10.97859 -1.88611 0.84665  0.21178  119 DG A "C3'" 
381 O "O3'" . DG A 19 ? 4.84806  6.65228  10.96369 -1.95868 0.96743  0.33843  119 DG A "O3'" 
382 C "C2'" . DG A 19 ? 4.71311  6.25572  11.04316 -1.76790 0.76791  0.17705  119 DG A "C2'" 
383 C "C1'" . DG A 19 ? 4.67218  6.10991  10.87578 -1.69705 0.64506  0.27876  119 DG A "C1'" 
384 N N9    . DG A 19 ? 4.62812  5.91094  10.94326 -1.61204 0.52081  0.15372  119 DG A N9    
385 C C8    . DG A 19 ? 4.62173  5.90329  11.07227 -1.61116 0.45650  -0.04800 119 DG A C8    
386 N N7    . DG A 19 ? 4.59489  5.70337  11.11492 -1.52902 0.33170  -0.11164 119 DG A N7    
387 C C5    . DG A 19 ? 4.58390  5.57329  10.99858 -1.47682 0.32270  0.05433  119 DG A C5    
388 C C6    . DG A 19 ? 4.57238  5.34963  10.98001 -1.39511 0.21606  0.07512  119 DG A C6    
389 O O6    . DG A 19 ? 4.57655  5.21605  11.06303 -1.34929 0.09323  -0.04576 119 DG A O6    
390 N N1    . DG A 19 ? 4.56577  5.28767  10.86141 -1.37486 0.26104  0.25843  119 DG A N1    
391 C C2    . DG A 19 ? 4.56742  5.42075  10.78187 -1.42158 0.38146  0.40755  119 DG A C2    
392 N N2    . DG A 19 ? 4.55619  5.33029  10.69709 -1.39245 0.40523  0.56885  119 DG A N2    
393 N N3    . DG A 19 ? 4.58837  5.63061  10.79521 -1.49826 0.47005  0.39823  119 DG A N3    
394 C C4    . DG A 19 ? 4.59683  5.69707  10.89942 -1.52418 0.43931  0.21633  119 DG A C4    
395 P P     . DA A 20 ? 4.57271  6.29194  10.65235 -1.90409 0.98672  0.53239  120 DA A P     
396 O OP1   . DA A 20 ? 4.51157  6.11903  10.50868 -1.81574 0.87849  0.65574  120 DA A OP1   
397 O OP2   . DA A 20 ? 4.66406  6.49929  10.63045 -2.00796 1.09861  0.65516  120 DA A OP2   
398 O "O5'" . DA A 20 ? 4.53491  6.16785  10.83417 -1.84939 1.01262  0.39947  120 DA A "O5'" 
399 C "C5'" . DA A 20 ? 4.53455  6.13303  10.86237 -1.83279 1.08256  0.50688  120 DA A "C5'" 
400 C "C4'" . DA A 20 ? 4.48158  5.97119  10.73024 -1.75234 1.01784  0.69366  120 DA A "C4'" 
401 O "O4'" . DA A 20 ? 4.42437  5.79920  10.68176 -1.67368 0.88875  0.63285  120 DA A "O4'" 
402 C "C3'" . DA A 20 ? 4.44153  5.83641  10.79584 -1.69122 1.05199  0.74451  120 DA A "C3'" 
403 O "O3'" . DA A 20 ? 4.41546  5.75238  10.67142 -1.65337 1.02506  0.94802  120 DA A "O3'" 
404 C "C2'" . DA A 20 ? 4.38436  5.64699  10.88640 -1.60778 0.96468  0.57258  120 DA A "C2'" 
405 C "C1'" . DA A 20 ? 4.37046  5.59233  10.75387 -1.58467 0.84926  0.59240  120 DA A "C1'" 
406 N N9    . DA A 20 ? 4.34716  5.48274  10.82643 -1.53941 0.74469  0.40881  120 DA A N9    
407 C C8    . DA A 20 ? 4.36735  5.58023  10.90339 -1.58115 0.72629  0.24241  120 DA A C8    
408 N N7    . DA A 20 ? 4.34171  5.44058  10.97279 -1.52370 0.61097  0.10464  120 DA A N7    
409 C C5    . DA A 20 ? 4.31255  5.24083  10.92523 -1.44389 0.55038  0.18916  120 DA A C5    
410 C C6    . DA A 20 ? 4.29704  5.03267  10.95851 -1.36707 0.41997  0.12265  120 DA A C6    
411 N N6    . DA A 20 ? 4.30340  4.98679  11.06114 -1.35089 0.31432  -0.04847 120 DA A N6    
412 N N1    . DA A 20 ? 4.28410  4.87639  10.89342 -1.31409 0.40023  0.23823  120 DA A N1    
413 C C2    . DA A 20 ? 4.27405  4.92188  10.81279 -1.33051 0.50386  0.40634  120 DA A C2    
414 N N3    . DA A 20 ? 4.28510  5.10756  10.78229 -1.39520 0.62018  0.48880  120 DA A N3    
415 C C4    . DA A 20 ? 4.31014  5.26370  10.83580 -1.45253 0.63704  0.37314  120 DA A C4    
416 P P     . DG A 21 ? 4.75137  6.08566  11.03496 -1.65220 1.11167  1.10675  121 DG A P     
417 O OP1   . DG A 21 ? 4.73615  6.03981  10.90872 -1.63428 1.07449  1.30862  121 DG A OP1   
418 O OP2   . DG A 21 ? 4.82637  6.29050  11.11841 -1.74448 1.22439  1.08444  121 DG A OP2   
419 O "O5'" . DG A 21 ? 4.68337  5.87739  11.13738 -1.56249 1.09840  1.01482  121 DG A "O5'" 
420 C "C5'" . DG A 21 ? 4.69092  5.90653  11.29357 -1.57228 1.16754  0.87310  121 DG A "C5'" 
421 C "C4'" . DG A 21 ? 4.62951  5.69162  11.37901 -1.48074 1.10814  0.75495  121 DG A "C4'" 
422 O "O4'" . DG A 21 ? 4.62273  5.62158  11.37221 -1.45354 0.99163  0.61892  121 DG A "O4'" 
423 C "C3'" . DG A 21 ? 4.62772  5.69795  11.56064 -1.47879 1.18280  0.61308  121 DG A "C3'" 
424 O "O3'" . DG A 21 ? 4.57465  5.52692  11.59906 -1.40672 1.18647  0.65395  121 DG A "O3'" 
425 C "C2'" . DG A 21 ? 4.62989  5.66884  11.66292 -1.46648 1.10668  0.38864  121 DG A "C2'" 
426 C "C1'" . DG A 21 ? 4.60588  5.53332  11.53680 -1.41491 0.96946  0.43169  121 DG A "C1'" 
427 N N9    . DG A 21 ? 4.61833  5.53664  11.58063 -1.41754 0.87643  0.26630  121 DG A N9    
428 C C8    . DG A 21 ? 4.65766  5.71370  11.62370 -1.49100 0.90805  0.16447  121 DG A C8    
429 N N7    . DG A 21 ? 4.65392  5.66615  11.67508 -1.47299 0.80398  0.01863  121 DG A N7    
430 C C5    . DG A 21 ? 4.62053  5.44469  11.66153 -1.38404 0.69029  0.02786  121 DG A C5    
431 C C6    . DG A 21 ? 4.61636  5.30498  11.70588 -1.33291 0.53967  -0.08809 121 DG A C6    
432 O O6    . DG A 21 ? 4.62904  5.34685  11.77547 -1.35028 0.47490  -0.22791 121 DG A O6    
433 N N1    . DG A 21 ? 4.60352  5.10078  11.67023 -1.26079 0.46070  -0.02837 121 DG A N1    
434 C C2    . DG A 21 ? 4.58508  5.03862  11.60629 -1.23933 0.52784  0.11832  121 DG A C2    
435 N N2    . DG A 21 ? 4.58435  4.84152  11.58402 -1.17912 0.44226  0.14942  121 DG A N2    
436 N N3    . DG A 21 ? 4.57633  5.16418  11.57400 -1.28032 0.66800  0.22676  121 DG A N3    
437 C C4    . DG A 21 ? 4.59981  5.36451  11.60126 -1.35216 0.73824  0.17673  121 DG A C4    
438 P P     . DC B 1  ? 2.38507  5.46408  8.25955  -0.80371 0.54347  -1.03564 119 DC B P     
439 O OP1   . DC B 1  ? 2.34914  5.44281  8.00623  -0.87535 0.43599  -1.03808 119 DC B OP1   
440 O OP2   . DC B 1  ? 2.43305  5.35510  8.33932  -0.77390 0.69624  -1.12891 119 DC B OP2   
441 O "O5'" . DC B 1  ? 2.39175  5.68372  8.48947  -0.73891 0.54721  -0.93335 119 DC B "O5'" 
442 C "C5'" . DC B 1  ? 2.37847  5.80780  8.46140  -0.75098 0.51370  -0.89929 119 DC B "C5'" 
443 C "C4'" . DC B 1  ? 2.38230  6.02705  8.66707  -0.69070 0.48710  -0.78813 119 DC B "C4'" 
444 O "O4'" . DC B 1  ? 2.35820  6.06829  8.65700  -0.69958 0.37291  -0.71571 119 DC B "O4'" 
445 C "C3'" . DC B 1  ? 2.43767  6.09300  8.95062  -0.58752 0.62298  -0.77419 119 DC B "C3'" 
446 O "O3'" . DC B 1  ? 2.45221  6.28345  9.08166  -0.54361 0.63623  -0.71410 119 DC B "O3'" 
447 C "C2'" . DC B 1  ? 2.44247  6.11389  9.08109  -0.54051 0.59454  -0.71079 119 DC B "C2'" 
448 C "C1'" . DC B 1  ? 2.38772  6.15221  8.91305  -0.60969 0.42046  -0.65584 119 DC B "C1'" 
449 N N1    . DC B 1  ? 2.37822  6.05048  8.88009  -0.62365 0.36923  -0.65093 119 DC B N1    
450 C C2    . DC B 1  ? 2.40047  6.12773  9.10167  -0.54462 0.37438  -0.57132 119 DC B C2    
451 O O2    . DC B 1  ? 2.43118  6.28377  9.31917  -0.45824 0.42077  -0.50313 119 DC B O2    
452 N N3    . DC B 1  ? 2.39339  6.03048  9.07257  -0.56099 0.32691  -0.56690 119 DC B N3    
453 C C4    . DC B 1  ? 2.36860  5.86858  8.83203  -0.65095 0.27812  -0.64127 119 DC B C4    
454 N N4    . DC B 1  ? 2.36755  5.78045  8.81398  -0.66563 0.23293  -0.63536 119 DC B N4    
455 C C5    . DC B 1  ? 2.35009  5.79098  8.60178  -0.72426 0.27319  -0.71988 119 DC B C5    
456 C C6    . DC B 1  ? 2.35414  5.88318  8.63693  -0.70804 0.31839  -0.72020 119 DC B C6    
457 P P     . DC B 2  ? 2.86543  6.65040  9.54578  -0.50115 0.78171  -0.76768 120 DC B P     
458 O OP1   . DC B 2  ? 2.86655  6.85927  9.63162  -0.47703 0.75527  -0.69782 120 DC B OP1   
459 O OP2   . DC B 2  ? 2.85966  6.45532  9.34827  -0.57118 0.81608  -0.88197 120 DC B OP2   
460 O "O5'" . DC B 2  ? 2.93775  6.64236  9.79481  -0.39612 0.91441  -0.76001 120 DC B "O5'" 
461 C "C5'" . DC B 2  ? 2.97186  6.82781  10.03564 -0.29651 0.92302  -0.65424 120 DC B "C5'" 
462 C "C4'" . DC B 2  ? 3.03419  6.76966  10.21406 -0.21116 1.01994  -0.64430 120 DC B "C4'" 
463 O "O4'" . DC B 2  ? 2.98876  6.65315  10.10929 -0.25745 0.94264  -0.64899 120 DC B "O4'" 
464 C "C3'" . DC B 2  ? 3.11019  6.63045  10.25436 -0.18798 1.18595  -0.73927 120 DC B "C3'" 
465 O "O3'" . DC B 2  ? 3.20369  6.68788  10.50561 -0.06629 1.29524  -0.68860 120 DC B "O3'" 
466 C "C2'" . DC B 2  ? 3.07317  6.41707  10.06788 -0.26984 1.16503  -0.82270 120 DC B "C2'" 
467 C "C1'" . DC B 2  ? 3.03024  6.46795  10.09952 -0.25778 1.05485  -0.73607 120 DC B "C1'" 
468 N N1    . DC B 2  ? 2.96738  6.31211  9.88316  -0.35422 0.96625  -0.78703 120 DC B N1    
469 C C2    . DC B 2  ? 2.94721  6.30999  9.92324  -0.34174 0.89543  -0.72741 120 DC B C2    
470 O O2    . DC B 2  ? 2.98058  6.43678  10.14018 -0.24662 0.90573  -0.62951 120 DC B O2    
471 N N3    . DC B 2  ? 2.89844  6.17064  9.72370  -0.43004 0.81477  -0.77513 120 DC B N3    
472 C C4    . DC B 2  ? 2.87325  6.04089  9.49213  -0.51926 0.80389  -0.87419 120 DC B C4    
473 N N4    . DC B 2  ? 2.83650  5.91124  9.29822  -0.59602 0.72349  -0.91504 120 DC B N4    
474 C C5    . DC B 2  ? 2.89158  6.03925  9.45109  -0.52846 0.87329  -0.93218 120 DC B C5    
475 C C6    . DC B 2  ? 2.93715  6.17472  9.65045  -0.44872 0.95274  -0.88768 120 DC B C6    
476 P P     . DG B 3  ? 4.16845  7.69847  11.57946 0.03338  1.40899  -0.65718 121 DG B P     
477 O OP1   . DG B 3  ? 4.04994  7.81020  11.49308 0.01431  1.31341  -0.60304 121 DG B OP1   
478 O OP2   . DG B 3  ? 4.27667  7.59196  11.58996 0.02169  1.54950  -0.76300 121 DG B OP2   
479 O "O5'" . DG B 3  ? 4.31177  7.85390  11.89774 0.17212  1.45906  -0.55612 121 DG B "O5'" 
480 C "C5'" . DG B 3  ? 4.26395  7.97164  11.95479 0.20044  1.33412  -0.44749 121 DG B "C5'" 
481 C "C4'" . DG B 3  ? 4.44876  8.07327  12.25364 0.31742  1.39396  -0.37955 121 DG B "C4'" 
482 O "O4'" . DG B 3  ? 4.49549  7.95032  12.13169 0.25582  1.33684  -0.40797 121 DG B "O4'" 
483 C "C3'" . DG B 3  ? 4.66811  8.10228  12.48564 0.41525  1.57933  -0.40843 121 DG B "C3'" 
484 O "O3'" . DG B 3  ? 4.88289  8.26959  12.72065 0.54714  1.58249  -0.29302 121 DG B "O3'" 
485 C "C2'" . DG B 3  ? 4.70308  7.89299  12.36682 0.33552  1.64306  -0.52706 121 DG B "C2'" 
486 C "C1'" . DG B 3  ? 4.66316  7.85499  12.19957 0.25911  1.47843  -0.49947 121 DG B "C1'" 
487 N N9    . DG B 3  ? 4.54299  7.67888  11.97414 0.11977  1.45073  -0.61727 121 DG B N9    
488 C C8    . DG B 3  ? 4.44509  7.55954  11.79726 0.03720  1.48689  -0.72082 121 DG B C8    
489 N N7    . DG B 3  ? 4.38239  7.41846  11.58463 -0.07798 1.42883  -0.80383 121 DG B N7    
490 C C5    . DG B 3  ? 4.41493  7.44678  11.64399 -0.07613 1.35876  -0.75799 121 DG B C5    
491 C C6    . DG B 3  ? 4.39895  7.34038  11.47079 -0.17254 1.27035  -0.80523 121 DG B C6    
492 O O6    . DG B 3  ? 4.31329  7.20062  11.26350 -0.27842 1.24937  -0.90630 121 DG B O6    
493 N N1    . DG B 3  ? 4.53476  7.40610  11.51549 -0.13087 1.18742  -0.71343 121 DG B N1    
494 C C2    . DG B 3  ? 4.67497  7.56223  11.70902 -0.01075 1.18701  -0.59090 121 DG B C2    
495 N N2    . DG B 3  ? 4.78962  7.59634  11.71382 0.01185  1.09904  -0.51498 121 DG B N2    
496 N N3    . DG B 3  ? 4.69705  7.67165  11.88026 0.08314  1.26757  -0.54557 121 DG B N3    
497 C C4    . DG B 3  ? 4.56016  7.60322  11.83436 0.04357  1.35176  -0.63426 121 DG B C4    
498 P P     . DC B 4  ? 3.67778  6.79440  11.45794 0.65664  1.74865  -0.30066 122 DC B P     
499 O OP1   . DC B 4  ? 3.80773  6.98173  11.66362 0.80051  1.73047  -0.16309 122 DC B OP1   
500 O OP2   . DC B 4  ? 3.66820  6.71601  11.49149 0.63922  1.90911  -0.41212 122 DC B OP2   
501 O "O5'" . DC B 4  ? 3.75017  6.61856  11.31473 0.60114  1.72117  -0.33736 122 DC B "O5'" 
502 C "C5'" . DC B 4  ? 3.80363  6.68852  11.28645 0.60098  1.57202  -0.24744 122 DC B "C5'" 
503 C "C4'" . DC B 4  ? 3.96270  6.57588  11.24104 0.56104  1.58567  -0.29390 122 DC B "C4'" 
504 O "O4'" . DC B 4  ? 3.82640  6.42645  11.02619 0.41387  1.55145  -0.40931 122 DC B "O4'" 
505 C "C3'" . DC B 4  ? 4.15122  6.49253  11.36277 0.62898  1.76453  -0.34039 122 DC B "C3'" 
506 O "O3'" . DC B 4  ? 4.32280  6.45144  11.36809 0.64855  1.74347  -0.30836 122 DC B "O3'" 
507 C "C2'" . DC B 4  ? 4.04616  6.32127  11.22702 0.51734  1.84866  -0.49340 122 DC B "C2'" 
508 C "C1'" . DC B 4  ? 3.91759  6.27302  11.01909 0.39129  1.69273  -0.51765 122 DC B "C1'" 
509 N N1    . DC B 4  ? 3.57786  5.98187  10.68268 0.26368  1.70582  -0.64740 122 DC B N1    
510 C C2    . DC B 4  ? 3.48260  5.84728  10.46023 0.14593  1.61326  -0.70688 122 DC B C2    
511 O O2    . DC B 4  ? 3.53422  5.82338  10.39971 0.14942  1.52546  -0.65037 122 DC B O2    
512 N N3    . DC B 4  ? 3.34168  5.75003  10.32004 0.03352  1.62209  -0.82398 122 DC B N3    
513 C C4    . DC B 4  ? 3.29625  5.78129  10.39319 0.03332  1.71875  -0.88097 122 DC B C4    
514 N N4    . DC B 4  ? 3.19048  5.68307  10.22213 -0.07975 1.70766  -0.98986 122 DC B N4    
515 C C5    . DC B 4  ? 3.39161  5.91644  10.61886 0.15055  1.81668  -0.82227 122 DC B C5    
516 C C6    . DC B 4  ? 3.52998  6.01373  10.75767 0.26407  1.80631  -0.70646 122 DC B C6    
517 P P     . DG B 5  ? 5.57258  7.50724  12.57941 0.79624  1.84108  -0.23147 123 DG B P     
518 O OP1   . DG B 5  ? 5.60016  7.70128  12.68997 0.89059  1.73039  -0.08352 123 DG B OP1   
519 O OP2   . DG B 5  ? 5.64227  7.47053  12.70061 0.84036  2.02764  -0.30231 123 DG B OP2   
520 O "O5'" . DG B 5  ? 5.70625  7.37057  12.49424 0.75577  1.83790  -0.26030 123 DG B "O5'" 
521 C "C5'" . DG B 5  ? 5.69139  7.38895  12.38605 0.71133  1.67572  -0.20232 123 DG B "C5'" 
522 C "C4'" . DG B 5  ? 5.66110  7.21466  12.19796 0.58265  1.66319  -0.30953 123 DG B "C4'" 
523 O "O4'" . DG B 5  ? 5.47781  7.15100  12.08069 0.47464  1.67559  -0.42164 123 DG B "O4'" 
524 C "C3'" . DG B 5  ? 5.83232  7.07023  12.22438 0.59498  1.80634  -0.37635 123 DG B "C3'" 
525 O "O3'" . DG B 5  ? 5.85590  6.96472  12.07713 0.51692  1.73546  -0.40160 123 DG B "O3'" 
526 C "C2'" . DG B 5  ? 5.74502  6.96958  12.19174 0.53395  1.93419  -0.51115 123 DG B "C2'" 
527 C "C1'" . DG B 5  ? 5.51883  6.98102  12.03084 0.42266  1.80784  -0.54731 123 DG B "C1'" 
528 N N9    . DG B 5  ? 4.49194  6.05866  11.12024 0.37762  1.88554  -0.64025 123 DG B N9    
529 C C8    . DG B 5  ? 4.52983  6.15869  11.29751 0.45551  1.99093  -0.63019 123 DG B C8    
530 N N7    . DG B 5  ? 4.40668  6.12072  11.24953 0.38594  2.04185  -0.72839 123 DG B N7    
531 C C5    . DG B 5  ? 4.27843  5.98900  11.02703 0.25547  1.96285  -0.80807 123 DG B C5    
532 C C6    . DG B 5  ? 4.11941  5.89895  10.88558 0.13818  1.96784  -0.92817 123 DG B C6    
533 O O6    . DG B 5  ? 4.05828  5.91683  10.92865 0.12306  2.04599  -0.98984 123 DG B O6    
534 N N1    . DG B 5  ? 4.03361  5.77987  10.67662 0.03241  1.86914  -0.97644 123 DG B N1    
535 C C2    . DG B 5  ? 4.09407  5.74965  10.61160 0.03718  1.77968  -0.91697 123 DG B C2    
536 N N2    . DG B 5  ? 3.99737  5.63234  10.40634 -0.07232 1.69383  -0.97872 123 DG B N2    
537 N N3    . DG B 5  ? 4.24380  5.83132  10.74058 0.14342  1.77417  -0.80441 123 DG B N3    
538 C C4    . DG B 5  ? 4.32865  5.94935  10.94558 0.24935  1.86735  -0.75553 123 DG B C4    
539 P P     . DC B 6  ? 4.58391  5.36493  10.62330 0.54655  1.83260  -0.41926 124 DC B P     
540 O OP1   . DC B 6  ? 4.52931  5.24084  10.41869 0.44407  1.73773  -0.45526 124 DC B OP1   
541 O OP2   . DC B 6  ? 4.77582  5.49036  10.82282 0.69053  1.85605  -0.29589 124 DC B OP2   
542 O "O5'" . DC B 6  ? 4.60860  5.24580  10.65320 0.52226  2.02154  -0.55076 124 DC B "O5'" 
543 C "C5'" . DC B 6  ? 4.60057  5.05625  10.51023 0.42406  2.07889  -0.67015 124 DC B "C5'" 
544 C "C4'" . DC B 6  ? 4.37657  4.98764  10.33153 0.29339  2.02484  -0.77350 124 DC B "C4'" 
545 O "O4'" . DC B 6  ? 4.27643  5.08804  10.40887 0.31025  2.04813  -0.78022 124 DC B "O4'" 
546 C "C3'" . DC B 6  ? 4.36066  4.80304  10.22288 0.19835  2.13030  -0.92324 124 DC B "C3'" 
547 O "O3'" . DC B 6  ? 4.29912  4.69871  10.03230 0.10554  2.03259  -0.95655 124 DC B "O3'" 
548 C "C2'" . DC B 6  ? 4.20039  4.80364  10.19576 0.13977  2.16876  -1.01375 124 DC B "C2'" 
549 C "C1'" . DC B 6  ? 4.12386  4.98505  10.27508 0.19644  2.07270  -0.91040 124 DC B "C1'" 
550 N N1    . DC B 6  ? 4.08990  5.05298  10.39467 0.22762  2.17176  -0.94204 124 DC B N1    
551 C C2    . DC B 6  ? 3.92642  4.99521  10.28983 0.12831  2.18522  -1.05342 124 DC B C2    
552 O O2    . DC B 6  ? 3.81206  4.88949  10.10042 0.01830  2.11399  -1.12454 124 DC B O2    
553 N N3    . DC B 6  ? 3.90345  5.05828  10.40128 0.15702  2.27749  -1.08097 124 DC B N3    
554 C C4    . DC B 6  ? 4.03398  5.17584  10.60959 0.28079  2.35406  -1.00220 124 DC B C4    
555 N N4    . DC B 6  ? 4.00887  5.23617  10.71493 0.30528  2.44591  -1.03370 124 DC B N4    
556 C C5    . DC B 6  ? 4.20155  5.23875  10.72104 0.38656  2.34007  -0.88777 124 DC B C5    
557 C C6    . DC B 6  ? 4.22375  5.17370  10.60743 0.35455  2.24806  -0.86162 124 DC B C6    
558 P P     . DA B 7  ? 4.70400  4.81462  10.24608 0.09856  2.09373  -0.98291 125 DA B P     
559 O OP1   . DA B 7  ? 4.71275  4.84145  10.15954 0.08424  1.93911  -0.90513 125 DA B OP1   
560 O OP2   . DA B 7  ? 4.90363  4.83264  10.43588 0.20304  2.24465  -0.95487 125 DA B OP2   
561 O "O5'" . DA B 7  ? 4.61243  4.65146  10.10006 -0.02672 2.15904  -1.14761 125 DA B "O5'" 
562 C "C5'" . DA B 7  ? 4.48169  4.64070  10.08583 -0.07636 2.21386  -1.24057 125 DA B "C5'" 
563 C "C4'" . DA B 7  ? 4.57179  4.53786  10.14902 -0.07844 2.40444  -1.34187 125 DA B "C4'" 
564 O "O4'" . DA B 7  ? 4.50396  4.58329  10.23082 -0.05257 2.48103  -1.36665 125 DA B "O4'" 
565 C "C3'" . DA B 7  ? 4.84207  4.56357  10.32591 0.01375  2.51277  -1.29075 125 DA B "C3'" 
566 O "O3'" . DA B 7  ? 4.95005  4.45541  10.32833 -0.04173 2.64290  -1.40615 125 DA B "O3'" 
567 C "C2'" . DA B 7  ? 4.90263  4.67691  10.51653 0.11992  2.59340  -1.23301 125 DA B "C2'" 
568 C "C1'" . DA B 7  ? 4.71103  4.63565  10.44199 0.04752  2.62462  -1.33545 125 DA B "C1'" 
569 N N9    . DA B 7  ? 4.65716  4.74843  10.55201 0.12129  2.63793  -1.27883 125 DA B N9    
570 C C8    . DA B 7  ? 4.75133  4.89016  10.70757 0.24396  2.61571  -1.14615 125 DA B C8    
571 N N7    . DA B 7  ? 4.67278  4.97472  10.78503 0.28768  2.63874  -1.12570 125 DA B N7    
572 C C5    . DA B 7  ? 4.51837  4.87677  10.66887 0.18517  2.67932  -1.25353 125 DA B C5    
573 C C6    . DA B 7  ? 4.38127  4.89624  10.67351 0.16846  2.71968  -1.30083 125 DA B C6    
574 N N6    . DA B 7  ? 4.37804  5.03060  10.80957 0.25971  2.72814  -1.22110 125 DA B N6    
575 N N1    . DA B 7  ? 4.26546  4.77785  10.51845 0.04919  2.73611  -1.42693 125 DA B N1    
576 C C2    . DA B 7  ? 4.26345  4.65112  10.39606 -0.03709 2.73384  -1.50989 125 DA B C2    
577 N N3    . DA B 7  ? 4.37587  4.62147  10.38969 -0.02922 2.70849  -1.48227 125 DA B N3    
578 C C4    . DA B 7  ? 4.50618  4.73793  10.52511 0.08298  2.67801  -1.34895 125 DA B C4    
579 P P     . DG C 1  ? 3.44237  4.19183  8.51913  1.42351  0.44365  0.19421  209 DG C P     
580 O OP1   . DG C 1  ? 3.49240  4.17303  8.49309  1.35226  0.46875  0.18931  209 DG C OP1   
581 O OP2   . DG C 1  ? 3.44204  4.33390  8.49357  1.51588  0.37094  0.27411  209 DG C OP2   
582 O "O5'" . DG C 1  ? 3.60509  4.13723  8.66247  1.46505  0.54390  0.19549  209 DG C "O5'" 
583 C "C5'" . DG C 1  ? 3.77037  4.23465  8.74912  1.57555  0.56334  0.28258  209 DG C "C5'" 
584 C "C4'" . DG C 1  ? 3.99459  4.25076  8.83343  1.58698  0.63976  0.33361  209 DG C "C4'" 
585 O "O4'" . DG C 1  ? 4.03015  4.11533  8.89149  1.51514  0.72778  0.26203  209 DG C "O4'" 
586 C "C3'" . DG C 1  ? 4.03081  4.31490  8.76760  1.55259  0.61054  0.37359  209 DG C "C3'" 
587 O "O3'" . DG C 1  ? 4.10922  4.46671  8.76420  1.64155  0.55358  0.47480  209 DG C "O3'" 
588 C "C2'" . DG C 1  ? 4.21421  4.25747  8.85455  1.51764  0.71364  0.37149  209 DG C "C2'" 
589 C "C1'" . DG C 1  ? 4.16500  4.11566  8.91333  1.47562  0.77848  0.28319  209 DG C "C1'" 
590 N N9    . DG C 1  ? 4.05216  4.00023  8.87079  1.35825  0.79824  0.19207  209 DG C N9    
591 C C8    . DG C 1  ? 3.86147  3.89868  8.83021  1.29599  0.77606  0.10041  209 DG C C8    
592 N N7    . DG C 1  ? 3.79981  3.81132  8.80995  1.19524  0.80038  0.03372  209 DG C N7    
593 C C5    . DG C 1  ? 3.96144  3.85679  8.83717  1.18881  0.84680  0.08204  209 DG C C5    
594 C C6    . DG C 1  ? 3.98587  3.80492  8.83898  1.09921  0.89425  0.04513  209 DG C C6    
595 O O6    . DG C 1  ? 3.86192  3.70627  8.82122  1.00739  0.90298  -0.03902 209 DG C O6    
596 N N1    . DG C 1  ? 4.18346  3.88298  8.87155  1.12354  0.93477  0.11760  209 DG C N1    
597 C C2    . DG C 1  ? 4.33665  3.99694  8.90061  1.22294  0.92447  0.21553  209 DG C C2    
598 N N2    . DG C 1  ? 4.52589  4.06057  8.93045  1.22820  0.96474  0.27601  209 DG C N2    
599 N N3    . DG C 1  ? 4.31140  4.04761  8.90593  1.31046  0.87848  0.25194  209 DG C N3    
600 C C4    . DG C 1  ? 4.12009  3.97232  8.87213  1.28728  0.84404  0.18008  209 DG C C4    
601 P P     . DG C 2  ? 4.73100  5.30478  9.37427  1.62708  0.44497  0.50506  210 DG C P     
602 O OP1   . DG C 2  ? 4.70200  5.39548  9.34447  1.73303  0.37854  0.58590  210 DG C OP1   
603 O OP2   . DG C 2  ? 4.51226  5.21121  9.27294  1.53110  0.41271  0.40815  210 DG C OP2   
604 O "O5'" . DG C 2  ? 4.91921  5.37699  9.39935  1.59504  0.46955  0.55372  210 DG C "O5'" 
605 C "C5'" . DG C 2  ? 5.18431  5.42156  9.53857  1.63611  0.54768  0.60938  210 DG C "C5'" 
606 C "C4'" . DG C 2  ? 5.33079  5.44830  9.56122  1.56125  0.58890  0.61022  210 DG C "C4'" 
607 O "O4'" . DG C 2  ? 5.37045  5.35393  9.65055  1.48017  0.67933  0.52099  210 DG C "O4'" 
608 C "C3'" . DG C 2  ? 5.20796  5.48692  9.42697  1.49904  0.51211  0.60179  210 DG C "C3'" 
609 O "O3'" . DG C 2  ? 5.29038  5.59127  9.37033  1.55103  0.45844  0.70465  210 DG C "O3'" 
610 C "C2'" . DG C 2  ? 5.33029  5.48638  9.52153  1.39059  0.58556  0.53490  210 DG C "C2'" 
611 C "C1'" . DG C 2  ? 5.35663  5.38008  9.63839  1.37733  0.67445  0.46799  210 DG C "C1'" 
612 N N9    . DG C 2  ? 5.16276  5.29678  9.62029  1.31404  0.66025  0.36501  210 DG C N9    
613 C C8    . DG C 2  ? 4.95362  5.22470  9.54501  1.34862  0.60986  0.33706  210 DG C C8    
614 N N7    . DG C 2  ? 4.81591  5.15000  9.54288  1.27279  0.60750  0.24110  210 DG C N7    
615 C C5    . DG C 2  ? 4.96303  5.19987  9.65408  1.18448  0.66140  0.20228  210 DG C C5    
616 C C6    . DG C 2  ? 4.94905  5.19809  9.74956  1.08071  0.68216  0.10347  210 DG C C6    
617 O O6    . DG C 2  ? 4.76624  5.11445  9.71541  1.04414  0.65165  0.02996  210 DG C O6    
618 N N1    . DG C 2  ? 5.16722  5.29465  9.88920  1.01583  0.74500  0.09451  210 DG C N1    
619 C C2    . DG C 2  ? 5.38136  5.38298  9.92914  1.04436  0.78340  0.17089  210 DG C C2    
620 N N2    . DG C 2  ? 5.57504  5.46932  10.06512 0.96790  0.84589  0.14654  210 DG C N2    
621 N N3    . DG C 2  ? 5.38888  5.37519  9.82603  1.14009  0.75876  0.26596  210 DG C N3    
622 C C4    . DG C 2  ? 5.17193  5.28238  9.69499  1.20742  0.69797  0.27615  210 DG C C4    
623 P P     . DC C 3  ? 7.33936  7.88429  11.43322 1.55330  0.33375  0.73516  211 DC C P     
624 O OP1   . DC C 3  ? 7.29869  7.92407  11.38744 1.66741  0.27236  0.82432  211 DC C OP1   
625 O OP2   . DC C 3  ? 7.14594  7.84157  11.38977 1.47765  0.30484  0.63522  211 DC C OP2   
626 O "O5'" . DC C 3  ? 7.50630  7.98087  11.42416 1.50171  0.33110  0.77820  211 DC C "O5'" 
627 C "C5'" . DC C 3  ? 7.51595  8.02468  11.44287 1.39193  0.33548  0.70766  211 DC C "C5'" 
628 C "C4'" . DC C 3  ? 7.82304  8.11261  11.60296 1.33493  0.42515  0.71025  211 DC C "C4'" 
629 O "O4'" . DC C 3  ? 7.88349  8.02439  11.73461 1.29938  0.53077  0.63566  211 DC C "O4'" 
630 C "C3'" . DC C 3  ? 7.97760  8.30624  11.69698 1.23814  0.40873  0.68108  211 DC C "C3'" 
631 O "O3'" . DC C 3  ? 8.14059  8.39330  11.65843 1.25441  0.39059  0.77364  211 DC C "O3'" 
632 C "C2'" . DC C 3  ? 8.11395  8.29720  11.87173 1.14791  0.51801  0.58874  211 DC C "C2'" 
633 C "C1'" . DC C 3  ? 8.02097  8.12357  11.88783 1.18942  0.57842  0.55661  211 DC C "C1'" 
634 N N1    . DC C 3  ? 7.83941  8.05025  11.91262 1.14529  0.57582  0.45220  211 DC C N1    
635 C C2    . DC C 3  ? 7.94493  8.06827  12.08463 1.05240  0.65434  0.36053  211 DC C C2    
636 O O2    . DC C 3  ? 8.19889  8.16248  12.22791 1.00539  0.72829  0.36382  211 DC C O2    
637 N N3    . DC C 3  ? 7.75001  7.96724  12.07563 1.01481  0.64560  0.27065  211 DC C N3    
638 C C4    . DC C 3  ? 7.48147  7.86452  11.91414 1.06472  0.56750  0.26921  211 DC C C4    
639 N N4    . DC C 3  ? 7.29315  7.75613  11.89826 1.02206  0.55926  0.18023  211 DC C N4    
640 C C5    . DC C 3  ? 7.38476  7.85761  11.75390 1.15959  0.49410  0.35950  211 DC C C5    
641 C C6    . DC C 3  ? 7.56079  7.94654  11.75613 1.19727  0.49927  0.44872  211 DC C C6    
642 P P     . DT C 4  ? 5.58369  5.79266  8.97165  1.15685  0.40208  0.76169  212 DT C P     
643 O OP1   . DT C 4  ? 5.83090  5.79611  9.13809  1.10809  0.52816  0.73430  212 DT C OP1   
644 O OP2   . DT C 4  ? 5.55693  5.83470  8.80096  1.19339  0.31004  0.86094  212 DT C OP2   
645 O "O5'" . DT C 4  ? 5.46936  5.86387  9.01974  1.07937  0.36440  0.66143  212 DT C "O5'" 
646 C "C5'" . DT C 4  ? 5.58268  6.01303  9.06737  0.99238  0.34858  0.63680  212 DT C "C5'" 
647 C "C4'" . DT C 4  ? 5.83995  6.06365  9.25631  0.91141  0.46837  0.58862  212 DT C "C4'" 
648 O "O4'" . DT C 4  ? 5.82059  5.93711  9.35245  0.91513  0.55741  0.53109  212 DT C "O4'" 
649 C "C3'" . DT C 4  ? 5.79080  6.06944  9.23790  0.80396  0.47568  0.51152  212 DT C "C3'" 
650 O "O3'" . DT C 4  ? 6.02346  6.16102  9.26676  0.75788  0.51603  0.54935  212 DT C "O3'" 
651 C "C2'" . DT C 4  ? 5.69966  5.92362  9.31599  0.74965  0.56370  0.40300  212 DT C "C2'" 
652 C "C1'" . DT C 4  ? 5.73065  5.86996  9.39994  0.82622  0.60212  0.42147  212 DT C "C1'" 
653 N N1    . DT C 4  ? 5.41860  5.70611  9.30241  0.85058  0.56109  0.36445  212 DT C N1    
654 C C2    . DT C 4  ? 5.28532  5.55189  9.32745  0.78889  0.61980  0.26254  212 DT C C2    
655 O O2    . DT C 4  ? 5.38160  5.52261  9.41194  0.71469  0.70582  0.21297  212 DT C O2    
656 N N3    . DT C 4  ? 5.01089  5.40963  9.22832  0.81629  0.57304  0.22085  212 DT C N3    
657 C C4    . DT C 4  ? 4.85640  5.40233  9.10691  0.89769  0.48173  0.26806  212 DT C C4    
658 O O4    . DT C 4  ? 4.61528  5.26569  9.01960  0.91385  0.44927  0.22387  212 DT C O4    
659 C C5    . DT C 4  ? 4.98642  5.55161  9.07730  0.96095  0.42736  0.37372  212 DT C C5    
660 C C7    . DT C 4  ? 4.80574  5.53066  8.92840  1.05190  0.32971  0.43259  212 DT C C7    
661 C C6    . DT C 4  ? 5.25733  5.69396  9.17443  0.93427  0.46624  0.41685  212 DT C C6    
662 P P     . DC C 5  ? 7.39558  7.52857  10.62127 0.64211  0.55038  0.47893  213 DC C P     
663 O OP1   . DC C 5  ? 7.49222  7.44392  10.75606 0.58557  0.68388  0.40978  213 DC C OP1   
664 O OP2   . DC C 5  ? 7.46200  7.57664  10.47332 0.63044  0.50559  0.55436  213 DC C OP2   
665 O "O5'" . DC C 5  ? 6.95496  7.33500  10.38196 0.61804  0.46682  0.40771  213 DC C "O5'" 
666 C "C5'" . DC C 5  ? 6.67750  7.09800  10.17047 0.51979  0.48932  0.32134  213 DC C "C5'" 
667 C "C4'" . DC C 5  ? 6.60190  6.93629  10.25236 0.47380  0.58997  0.22519  213 DC C "C4'" 
668 O "O4'" . DC C 5  ? 6.59059  6.96858  10.38082 0.54124  0.57465  0.21918  213 DC C "O4'" 
669 C "C3'" . DC C 5  ? 6.17901  6.62229  9.98696  0.38868  0.58650  0.12234  213 DC C "C3'" 
670 O "O3'" . DC C 5  ? 6.20539  6.50545  10.09113 0.32830  0.70466  0.04712  213 DC C "O3'" 
671 C "C2'" . DC C 5  ? 5.90519  6.54403  9.89709  0.43300  0.49628  0.09802  213 DC C "C2'" 
672 C "C1'" . DC C 5  ? 6.19377  6.73178  10.19502 0.51023  0.53428  0.13437  213 DC C "C1'" 
673 N N1    . DC C 5  ? 4.50188  5.20037  8.58513  0.59040  0.43735  0.16537  213 DC C N1    
674 C C2    . DC C 5  ? 4.30871  5.09592  8.59721  0.58825  0.42455  0.09346  213 DC C C2    
675 O O2    . DC C 5  ? 4.24962  4.97873  8.64791  0.52121  0.49090  0.00902  213 DC C O2    
676 N N3    . DC C 5  ? 4.19772  5.12865  8.55889  0.65808  0.34075  0.11853  213 DC C N3    
677 C C4    . DC C 5  ? 4.26740  5.26123  8.51557  0.72976  0.27095  0.21146  213 DC C C4    
678 N N4    . DC C 5  ? 4.15436  5.29198  8.48738  0.79723  0.19429  0.23151  213 DC C N4    
679 C C5    . DC C 5  ? 4.46211  5.37155  8.50459  0.73387  0.27650  0.28860  213 DC C C5    
680 C C6    . DC C 5  ? 4.57576  5.33588  8.53667  0.66189  0.36041  0.26206  213 DC C C6    
681 P P     . DC C 6  ? 5.85739  6.20801  9.87887  0.22557  0.73425  -0.05921 214 DC C P     
682 O OP1   . DC C 6  ? 5.99488  6.15999  10.06001 0.17777  0.86769  -0.11324 214 DC C OP1   
683 O OP2   . DC C 6  ? 5.71728  6.13195  9.61679  0.18569  0.68724  -0.03901 214 DC C OP2   
684 O "O5'" . DC C 6  ? 5.48501  6.03625  9.74059  0.23772  0.65170  -0.11874 214 DC C "O5'" 
685 C "C5'" . DC C 6  ? 5.52845  6.04905  9.93241  0.26529  0.68290  -0.15400 214 DC C "C5'" 
686 C "C4'" . DC C 6  ? 5.15783  5.86318  9.77843  0.24803  0.60941  -0.22616 214 DC C "C4'" 
687 O "O4'" . DC C 6  ? 5.15930  5.99453  9.79722  0.33036  0.51296  -0.17822 214 DC C "O4'" 
688 C "C3'" . DC C 6  ? 4.78254  5.62798  9.44680  0.18131  0.55326  -0.27150 214 DC C "C3'" 
689 O "O3'" . DC C 6  ? 4.53351  5.41958  9.40643  0.11855  0.57101  -0.37258 214 DC C "O3'" 
690 C "C2'" . DC C 6  ? 4.65497  5.69625  9.30281  0.23774  0.42031  -0.22310 214 DC C "C2'" 
691 C "C1'" . DC C 6  ? 4.79850  5.84119  9.52239  0.31117  0.40911  -0.20673 214 DC C "C1'" 
692 N N1    . DC C 6  ? 4.83373  6.00545  9.49710  0.39448  0.30759  -0.12995 214 DC C N1    
693 C C2    . DC C 6  ? 4.64495  5.96634  9.45398  0.42700  0.23291  -0.15420 214 DC C C2    
694 O O2    . DC C 6  ? 4.47547  5.81331  9.45262  0.38474  0.24937  -0.23727 214 DC C O2    
695 N N3    . DC C 6  ? 4.66409  6.10541  9.42586  0.50232  0.14517  -0.08559 214 DC C N3    
696 C C4    . DC C 6  ? 4.86923  6.28727  9.45160  0.54495  0.12593  0.00565  214 DC C C4    
697 N N4    . DC C 6  ? 4.86570  6.41044  9.41926  0.61964  0.03751  0.07201  214 DC C N4    
698 C C5    . DC C 6  ? 5.07579  6.33821  9.49988  0.51070  0.19601  0.03313  214 DC C C5    
699 C C6    . DC C 6  ? 5.04657  6.18933  9.51550  0.43565  0.28769  -0.03746 214 DC C C6    
700 O "O5'" . DT D 1  ? 6.92533  13.52739 13.50525 -1.77084 -1.31431 -0.00528 201 DT D "O5'" 
701 C "C5'" . DT D 1  ? 6.86600  13.48174 13.51302 -1.78637 -1.34634 0.05831  201 DT D "C5'" 
702 C "C4'" . DT D 1  ? 6.74082  13.30867 13.33942 -1.82634 -1.31423 0.03681  201 DT D "C4'" 
703 O "O4'" . DT D 1  ? 6.79193  13.24700 13.36841 -1.89338 -1.30308 -0.00855 201 DT D "O4'" 
704 C "C3'" . DT D 1  ? 6.59414  13.20131 13.11694 -1.77420 -1.25524 -0.02980 201 DT D "C3'" 
705 O "O3'" . DT D 1  ? 6.49527  13.11751 13.01389 -1.78750 -1.24632 -0.00992 201 DT D "O3'" 
706 C "C2'" . DT D 1  ? 6.61074  13.10344 13.10119 -1.79663 -1.21992 -0.11291 201 DT D "C2'" 
707 C "C1'" . DT D 1  ? 6.69416  13.11075 13.18827 -1.89042 -1.24677 -0.07810 201 DT D "C1'" 
708 N N1    . DT D 1  ? 6.76344  13.08149 13.22555 -1.92622 -1.23136 -0.13609 201 DT D N1    
709 C C2    . DT D 1  ? 6.81874  13.03536 13.26092 -2.00069 -1.22487 -0.15709 201 DT D C2    
710 O O2    . DT D 1  ? 6.81975  13.02016 13.27809 -2.03857 -1.23206 -0.13238 201 DT D O2    
711 N N3    . DT D 1  ? 6.91420  13.04436 13.32281 -2.02809 -1.21086 -0.21100 201 DT D N3    
712 C C4    . DT D 1  ? 6.94834  13.07848 13.35023 -1.98810 -1.20386 -0.24385 201 DT D C4    
713 O O4    . DT D 1  ? 7.03856  13.08135 13.41338 -2.01783 -1.19302 -0.28968 201 DT D O4    
714 C C5    . DT D 1  ? 6.88004  13.11613 13.31345 -1.90762 -1.21151 -0.22201 201 DT D C5    
715 C C7    . DT D 1  ? 6.90775  13.14692 13.35118 -1.85434 -1.20680 -0.25717 201 DT D C7    
716 C C6    . DT D 1  ? 6.79076  13.11634 13.24824 -1.88142 -1.22402 -0.17119 201 DT D C6    
717 P P     . DC D 2  ? 5.30500  11.92873 11.81103 -1.72998 -1.19423 -0.08976 202 DC D P     
718 O OP1   . DC D 2  ? 5.38093  12.11334 11.89389 -1.70114 -1.20353 -0.04478 202 DC D OP1   
719 O OP2   . DC D 2  ? 5.14523  11.71829 11.68738 -1.65815 -1.17148 -0.16942 202 DC D OP2   
720 O "O5'" . DC D 2  ? 5.28082  11.79122 11.76424 -1.80048 -1.17141 -0.11645 202 DC D "O5'" 
721 C "C5'" . DC D 2  ? 5.43282  11.93452 11.91283 -1.87577 -1.19899 -0.04465 202 DC D "C5'" 
722 C "C4'" . DC D 2  ? 5.42055  11.79420 11.87897 -1.94662 -1.18208 -0.08344 202 DC D "C4'" 
723 O "O4'" . DC D 2  ? 5.46947  11.77614 11.91381 -1.95877 -1.17928 -0.12654 202 DC D "O4'" 
724 C "C3'" . DC D 2  ? 5.28511  11.59968 11.72885 -1.93387 -1.13200 -0.15572 202 DC D "C3'" 
725 O "O3'" . DC D 2  ? 5.32231  11.57274 11.75162 -2.00953 -1.13242 -0.13965 202 DC D "O3'" 
726 C "C2'" . DC D 2  ? 5.23643  11.45267 11.68904 -1.90761 -1.10585 -0.23869 202 DC D "C2'" 
727 C "C1'" . DC D 2  ? 5.38328  11.58369 11.80735 -1.96334 -1.13618 -0.20993 202 DC D "C1'" 
728 N N1    . DC D 2  ? 5.38459  11.53922 11.81450 -1.93005 -1.12740 -0.26208 202 DC D N1    
729 C C2    . DC D 2  ? 5.46998  11.50556 11.87490 -1.97935 -1.11575 -0.30887 202 DC D C2    
730 O O2    . DC D 2  ? 5.54239  11.51240 11.91920 -2.04875 -1.11160 -0.31104 202 DC D O2    
731 N N3    . DC D 2  ? 5.48278  11.45520 11.88555 -1.94109 -1.10659 -0.35563 202 DC D N3    
732 C C4    . DC D 2  ? 5.40524  11.43541 11.84106 -1.86028 -1.11182 -0.35457 202 DC D C4    
733 N N4    . DC D 2  ? 5.42408  11.35906 11.85038 -1.81587 -1.10069 -0.40309 202 DC D N4    
734 C C5    . DC D 2  ? 5.30313  11.48405 11.78305 -1.81916 -1.12933 -0.30453 202 DC D C5    
735 C C6    . DC D 2  ? 5.30759  11.53344 11.77087 -1.85185 -1.13342 -0.26254 202 DC D C6    
736 P P     . DC D 3  ? 6.74934  12.86606 13.16188 -2.03813 -1.08995 -0.22079 203 DC D P     
737 O OP1   . DC D 3  ? 6.58613  12.68842 13.04267 -1.96180 -1.05375 -0.27814 203 DC D OP1   
738 O OP2   . DC D 3  ? 6.83567  12.86558 13.22563 -2.08094 -1.09561 -0.24972 203 DC D OP2   
739 O "O5'" . DC D 3  ? 6.80010  12.89044 13.20372 -2.11107 -1.09815 -0.18329 203 DC D "O5'" 
740 C "C5'" . DC D 3  ? 6.71433  12.74744 13.11514 -2.11718 -1.06083 -0.22681 203 DC D "C5'" 
741 C "C4'" . DC D 3  ? 6.73053  12.62035 13.11333 -2.15736 -1.03535 -0.29877 203 DC D "C4'" 
742 O "O4'" . DC D 3  ? 6.78029  12.63572 13.15818 -2.14049 -1.03904 -0.33025 203 DC D "O4'" 
743 C "C3'" . DC D 3  ? 6.64125  12.41191 13.03430 -2.10604 -0.98425 -0.37539 203 DC D "C3'" 
744 O "O3'" . DC D 3  ? 6.70539  12.40734 13.07632 -2.16943 -0.97095 -0.38598 203 DC D "O3'" 
745 C "C2'" . DC D 3  ? 6.63591  12.23316 13.01153 -2.04452 -0.95545 -0.45804 203 DC D "C2'" 
746 C "C1'" . DC D 3  ? 6.75677  12.42092 13.10694 -2.10020 -0.99224 -0.42473 203 DC D "C1'" 
747 N N1    . DC D 3  ? 5.11959  10.74019 11.47829 -2.02435 -0.98681 -0.45959 203 DC D N1    
748 C C2    . DC D 3  ? 5.14056  10.62050 11.46183 -2.03000 -0.97374 -0.51500 203 DC D C2    
749 O O2    . DC D 3  ? 5.19569  10.58629 11.47282 -2.09653 -0.96476 -0.53952 203 DC D O2    
750 N N3    . DC D 3  ? 5.10176  10.54248 11.43785 -1.95978 -0.97179 -0.54142 203 DC D N3    
751 C C4    . DC D 3  ? 5.04769  10.57958 11.43320 -1.88619 -0.98275 -0.51661 203 DC D C4    
752 N N4    . DC D 3  ? 5.01437  10.49510 11.41698 -1.81727 -0.98233 -0.54325 203 DC D N4    
753 C C5    . DC D 3  ? 5.02851  10.70586 11.44865 -1.87945 -0.99580 -0.46328 203 DC D C5    
754 C C6    . DC D 3  ? 5.06437  10.78445 11.46914 -1.95073 -0.99740 -0.43502 203 DC D C6    
755 P P     . DT D 4  ? 3.70043  9.29204  10.08539 -2.11654 -0.92346 -0.43990 204 DT D P     
756 O OP1   . DT D 4  ? 3.74371  9.35354  10.11305 -2.20360 -0.92823 -0.41264 204 DT D OP1   
757 O OP2   . DT D 4  ? 3.55964  9.21871  9.99822  -2.02539 -0.91976 -0.42845 204 DT D OP2   
758 O "O5'" . DT D 4  ? 3.70992  9.06086  10.07726 -2.06195 -0.88135 -0.54033 204 DT D "O5'" 
759 C "C5'" . DT D 4  ? 3.85053  9.09885  10.16195 -2.13134 -0.87535 -0.57451 204 DT D "C5'" 
760 C "C4'" . DT D 4  ? 3.82706  8.84704  10.13583 -2.06187 -0.83541 -0.66672 204 DT D "C4'" 
761 O "O4'" . DT D 4  ? 3.80720  8.81145  10.12793 -2.00521 -0.84473 -0.67723 204 DT D "O4'" 
762 C "C3'" . DT D 4  ? 3.66007  8.54094  10.02468 -1.96666 -0.79674 -0.71361 204 DT D "C3'" 
763 O "O3'" . DT D 4  ? 3.68576  8.36401  10.02973 -1.96201 -0.76300 -0.78728 204 DT D "O3'" 
764 C "C2'" . DT D 4  ? 3.52584  8.37145  9.94833  -1.85493 -0.79869 -0.72163 204 DT D "C2'" 
765 C "C1'" . DT D 4  ? 3.64656  8.49022  10.02472 -1.88523 -0.81507 -0.73042 204 DT D "C1'" 
766 N N1    . DT D 4  ? 3.38283  8.28019  9.79563  -1.81895 -0.83441 -0.71147 204 DT D N1    
767 C C2    . DT D 4  ? 3.36685  8.12265  9.78411  -1.76378 -0.82589 -0.75913 204 DT D C2    
768 O O2    . DT D 4  ? 3.38962  7.97689  9.78458  -1.76448 -0.80271 -0.81688 204 DT D O2    
769 N N3    . DT D 4  ? 3.32490  8.14376  9.77450  -1.70651 -0.84625 -0.73653 204 DT D N3    
770 C C4    . DT D 4  ? 3.29914  8.30570  9.77535  -1.69736 -0.87332 -0.67486 204 DT D C4    
771 O O4    . DT D 4  ? 3.26545  8.31174  9.76911  -1.64232 -0.89006 -0.66194 204 DT D O4    
772 C C5    . DT D 4  ? 3.31649  8.46758  9.78695  -1.75564 -0.88099 -0.62694 204 DT D C5    
773 C C7    . DT D 4  ? 3.29206  8.65460  9.79088  -1.74890 -0.91048 -0.55838 204 DT D C7    
774 C C6    . DT D 4  ? 3.35673  8.44601  9.79652  -1.81405 -0.86166 -0.64606 204 DT D C6    
775 P P     . DC D 5  ? 4.18874  8.69864  10.58336 -1.88862 -0.72190 -0.83856 205 DC D P     
776 O OP1   . DC D 5  ? 4.26868  8.76042  10.61511 -1.97389 -0.70829 -0.85328 205 DC D OP1   
777 O OP2   . DC D 5  ? 4.03063  8.60165  10.49689 -1.81418 -0.72574 -0.80364 205 DC D OP2   
778 O "O5'" . DC D 5  ? 4.16324  8.44046  10.57988 -1.80134 -0.69716 -0.91438 205 DC D "O5'" 
779 C "C5'" . DC D 5  ? 4.19863  8.47322  10.60490 -1.78126 -0.71451 -0.91624 205 DC D "C5'" 
780 C "C4'" . DC D 5  ? 4.06150  8.15703  10.54194 -1.64798 -0.69867 -0.95706 205 DC D "C4'" 
781 O "O4'" . DC D 5  ? 4.02718  8.21317  10.52921 -1.61006 -0.72663 -0.92014 205 DC D "O4'" 
782 C "C3'" . DC D 5  ? 3.91974  7.92234  10.48004 -1.55980 -0.67798 -0.96558 205 DC D "C3'" 
783 O "O3'" . DC D 5  ? 3.87033  7.63307  10.48159 -1.45906 -0.65305 -1.02731 205 DC D "O3'" 
784 C "C2'" . DC D 5  ? 3.82623  7.96193  10.43057 -1.51686 -0.70524 -0.90657 205 DC D "C2'" 
785 C "C1'" . DC D 5  ? 3.87975  8.01171  10.46608 -1.50360 -0.72314 -0.91180 205 DC D "C1'" 
786 N N1    . DC D 5  ? 3.76533  8.06457  10.36725 -1.49032 -0.75643 -0.85405 205 DC D N1    
787 C C2    . DC D 5  ? 3.73773  7.98622  10.35724 -1.43161 -0.76860 -0.86337 205 DC D C2    
788 O O2    . DC D 5  ? 3.73772  7.80701  10.35808 -1.39539 -0.75217 -0.91709 205 DC D O2    
789 N N3    . DC D 5  ? 3.71367  8.11343  10.34818 -1.41653 -0.79847 -0.81364 205 DC D N3    
790 C C4    . DC D 5  ? 3.71476  8.30971  10.34915 -1.45462 -0.81612 -0.75649 205 DC D C4    
791 N N4    . DC D 5  ? 3.69192  8.43353  10.34249 -1.43448 -0.84563 -0.71096 205 DC D N4    
792 C C5    . DC D 5  ? 3.74094  8.39145  10.35867 -1.51489 -0.80465 -0.74372 205 DC D C5    
793 C C6    . DC D 5  ? 3.76607  8.26364  10.36763 -1.53139 -0.77468 -0.79365 205 DC D C6    
794 P P     . DT D 6  ? 3.18511  6.76577  9.77124  -1.46747 -0.61796 -1.09730 206 DT D P     
795 O OP1   . DT D 6  ? 3.26014  6.93604  9.75367  -1.59443 -0.62226 -1.09832 206 DT D OP1   
796 O OP2   . DT D 6  ? 3.15319  6.63646  9.77944  -1.40939 -0.59311 -1.10479 206 DT D OP2   
797 O "O5'" . DT D 6  ? 3.15559  6.55013  9.76219  -1.38298 -0.61171 -1.14394 206 DT D "O5'" 
798 C "C5'" . DT D 6  ? 3.16510  6.62499  9.74582  -1.40641 -0.63596 -1.13410 206 DT D "C5'" 
799 C "C4'" . DT D 6  ? 3.10902  6.42028  9.75514  -1.28857 -0.63743 -1.15475 206 DT D "C4'" 
800 O "O4'" . DT D 6  ? 3.07298  6.51258  9.74410  -1.26437 -0.66738 -1.09824 206 DT D "O4'" 
801 C "C3'" . DT D 6  ? 3.05872  6.16006  9.76823  -1.17543 -0.61163 -1.18522 206 DT D "C3'" 
802 O "O3'" . DT D 6  ? 3.03223  5.95514  9.76059  -1.09805 -0.60533 -1.22568 206 DT D "O3'" 
803 C "C2'" . DT D 6  ? 3.01597  6.18714  9.79179  -1.12230 -0.62868 -1.13485 206 DT D "C2'" 
804 C "C1'" . DT D 6  ? 3.01770  6.33443  9.77876  -1.14852 -0.66243 -1.09898 206 DT D "C1'" 
805 N N1    . DT D 6  ? 2.99720  6.48831  9.77772  -1.15165 -0.68765 -1.03245 206 DT D N1    
806 C C2    . DT D 6  ? 2.97710  6.55593  9.76040  -1.13359 -0.71635 -0.99917 206 DT D C2    
807 O O2    . DT D 6  ? 2.97461  6.49422  9.74482  -1.11671 -0.72194 -1.02085 206 DT D O2    
808 N N3    . DT D 6  ? 2.96122  6.70372  9.76341  -1.13561 -0.73852 -0.93970 206 DT D N3    
809 C C4    . DT D 6  ? 2.96274  6.78959  9.78077  -1.15475 -0.73533 -0.90894 206 DT D C4    
810 O O4    . DT D 6  ? 2.94839  6.92607  9.78346  -1.15321 -0.75739 -0.85522 206 DT D O4    
811 C C5    . DT D 6  ? 2.98395  6.71233  9.79711  -1.17624 -0.70431 -0.94522 206 DT D C5    
812 C C7    . DT D 6  ? 2.98866  6.79894  9.81701  -1.20085 -0.69769 -0.91609 206 DT D C7    
813 C C6    . DT D 6  ? 3.00044  6.56724  9.79533  -1.17312 -0.68202 -1.00554 206 DT D C6    
814 P P     . DG D 7  ? 2.99327  5.66227  9.75607  -0.99633 -0.57316 -1.27535 207 DG D P     
815 O OP1   . DG D 7  ? 3.03085  5.61890  9.73318  -1.03568 -0.55292 -1.32642 207 DG D OP1   
816 O OP2   . DG D 7  ? 2.96901  5.62627  9.76939  -0.96481 -0.56126 -1.25642 207 DG D OP2   
817 O "O5'" . DG D 7  ? 2.94174  5.48522  9.76335  -0.88873 -0.58588 -1.27908 207 DG D "O5'" 
818 C "C5'" . DG D 7  ? 2.95125  5.59291  9.76349  -0.91266 -0.61408 -1.26031 207 DG D "C5'" 
819 C "C4'" . DG D 7  ? 2.90992  5.57785  9.78244  -0.84727 -0.63816 -1.21772 207 DG D "C4'" 
820 O "O4'" . DG D 7  ? 2.91776  5.76371  9.79650  -0.89242 -0.65044 -1.16624 207 DG D "O4'" 
821 C "C3'" . DG D 7  ? 2.85594  5.30114  9.79014  -0.72296 -0.62649 -1.23286 207 DG D "C3'" 
822 O "O3'" . DG D 7  ? 2.83296  5.18001  9.78873  -0.66022 -0.63999 -1.24321 207 DG D "O3'" 
823 C "C2'" . DG D 7  ? 2.83729  5.36255  9.80995  -0.70576 -0.63833 -1.18046 207 DG D "C2'" 
824 C "C1'" . DG D 7  ? 2.87351  5.66894  9.81326  -0.80722 -0.66217 -1.13658 207 DG D "C1'" 
825 N N9    . DG D 7  ? 2.87481  5.80153  9.82777  -0.83421 -0.66670 -1.09105 207 DG D N9    
826 C C8    . DG D 7  ? 2.88329  5.80046  9.82887  -0.85753 -0.64379 -1.09620 207 DG D C8    
827 N N7    . DG D 7  ? 2.88178  5.93810  9.84399  -0.87790 -0.65528 -1.04645 207 DG D N7    
828 C C5    . DG D 7  ? 2.87116  6.03523  9.85286  -0.86455 -0.68805 -1.00633 207 DG D C5    
829 C C6    . DG D 7  ? 2.86496  6.20157  9.86888  -0.87305 -0.71358 -0.94515 207 DG D C6    
830 O O6    . DG D 7  ? 2.86746  6.30000  9.87968  -0.89617 -0.71261 -0.91190 207 DG D O6    
831 N N1    . DG D 7  ? 2.85565  6.25742  9.87092  -0.85159 -0.74286 -0.92276 207 DG D N1    
832 C C2    . DG D 7  ? 2.85155  6.16456  9.85410  -0.82815 -0.74642 -0.95351 207 DG D C2    
833 N N2    . DG D 7  ? 2.83957  6.24165  9.84189  -0.81221 -0.77493 -0.92228 207 DG D N2    
834 N N3    . DG D 7  ? 2.85831  6.00951  9.84593  -0.82021 -0.72341 -1.01056 207 DG D N3    
835 C C4    . DG D 7  ? 2.86707  5.95242  9.84287  -0.83829 -0.69502 -1.03368 207 DG D C4    
836 P P     . DT D 8  ? 3.04353  5.10943  10.03126 -0.55191 -0.62024 -1.29209 208 DT D P     
837 O OP1   . DT D 8  ? 3.05908  5.08371  10.01470 -0.56688 -0.61752 -1.33109 208 DT D OP1   
838 O OP2   . DT D 8  ? 3.03062  4.98618  10.03214 -0.52203 -0.59170 -1.31087 208 DT D OP2   
839 O "O5'" . DT D 8  ? 3.00732  5.00084  10.04526 -0.46999 -0.64261 -1.26272 208 DT D "O5'" 
840 C "C5'" . DT D 8  ? 2.99384  5.03654  10.06233 -0.45318 -0.65271 -1.21636 208 DT D "C5'" 
841 C "C4'" . DT D 8  ? 3.00019  5.22454  10.07165 -0.47978 -0.68784 -1.16418 208 DT D "C4'" 
842 O "O4'" . DT D 8  ? 3.02687  5.48927  10.07714 -0.56666 -0.69550 -1.12631 208 DT D "O4'" 
843 C "C3'" . DT D 8  ? 2.97207  5.12567  10.08599 -0.40737 -0.70444 -1.12937 208 DT D "C3'" 
844 O "O3'" . DT D 8  ? 2.95556  4.95360  10.08130 -0.34446 -0.71237 -1.15021 208 DT D "O3'" 
845 C "C2'" . DT D 8  ? 2.98689  5.39893  10.09551 -0.46270 -0.73347 -1.07063 208 DT D "C2'" 
846 C "C1'" . DT D 8  ? 3.01792  5.60317  10.09182 -0.55779 -0.72272 -1.06966 208 DT D "C1'" 
847 N N1    . DT D 8  ? 3.01642  5.66232  10.10383 -0.57053 -0.71554 -1.03891 208 DT D N1    
848 C C2    . DT D 8  ? 3.01342  5.81544  10.11779 -0.57735 -0.73994 -0.98025 208 DT D C2    
849 O O2    . DT D 8  ? 3.01159  5.90607  10.12040 -0.57156 -0.76726 -0.95252 208 DT D O2    
850 N N3    . DT D 8  ? 3.01279  5.86217  10.12793 -0.59010 -0.73097 -0.95524 208 DT D N3    
851 C C4    . DT D 8  ? 3.01546  5.77600  10.12535 -0.59864 -0.70006 -0.98334 208 DT D C4    
852 O O4    . DT D 8  ? 3.01542  5.83409  10.13509 -0.61237 -0.69410 -0.95674 208 DT D O4    
853 C C5    . DT D 8  ? 3.01883  5.61924  10.10959 -0.59012 -0.67535 -1.04611 208 DT D C5    
854 C C7    . DT D 8  ? 3.02244  5.52106  10.10362 -0.59634 -0.64048 -1.08286 208 DT D C7    
855 C C6    . DT D 8  ? 3.01897  5.57028  10.09982 -0.57605 -0.68450 -1.07002 208 DT D C6    
# 
loop_
_pdbx_poly_seq_scheme.asym_id 
_pdbx_poly_seq_scheme.entity_id 
_pdbx_poly_seq_scheme.seq_id 
_pdbx_poly_seq_scheme.mon_id 
_pdbx_poly_seq_scheme.ndb_seq_num 
_pdbx_poly_seq_scheme.pdb_seq_num 
_pdbx_poly_seq_scheme.auth_seq_num 
_pdbx_poly_seq_scheme.pdb_mon_id 
_pdbx_poly_seq_scheme.auth_mon_id 
_pdbx_poly_seq_scheme.pdb_strand_id 
_pdbx_poly_seq_scheme.pdb_ins_code 
_pdbx_poly_seq_scheme.hetero 
A 1 1  DG 1  101 101 DG DG A . n 
A 1 2  DA 2  102 102 DA DA A . n 
A 1 3  DG 3  103 103 DG DG A . n 
A 1 4  DG 4  104 104 DG DG A . n 
A 1 5  DA 5  105 105 DA DA A . n 
A 1 6  DG 6  106 106 DG DG A . n 
A 1 7  DC 7  107 107 DC DC A . n 
A 1 8  DC 8  108 108 DC DC A . n 
A 1 9  DT 9  109 109 DT DT A . n 
A 1 10 DG 10 110 110 DG DG A . n 
A 1 11 DC 11 111 111 DC DC A . n 
A 1 12 DG 12 112 112 DG DG A . n 
A 1 13 DC 13 113 113 DC DC A . n 
A 1 14 DG 14 114 114 DG DG A . n 
A 1 15 DG 15 115 115 DG DG A . n 
A 1 16 DA 16 116 116 DA DA A . n 
A 1 17 DC 17 117 117 DC DC A . n 
A 1 18 DA 18 118 118 DA DA A . n 
A 1 19 DG 19 119 119 DG DG A . n 
A 1 20 DA 20 120 120 DA DA A . n 
A 1 21 DG 21 121 121 DG DG A . n 
B 2 1  DC 1  119 119 DC DC B . n 
B 2 2  DC 2  120 120 DC DC B . n 
B 2 3  DG 3  121 121 DG DG B . n 
B 2 4  DC 4  122 122 DC DC B . n 
B 2 5  DG 5  123 123 DG DG B . n 
B 2 6  DC 6  124 124 DC DC B . n 
B 2 7  DA 7  125 125 DA DA B . n 
C 3 1  DG 1  209 209 DG DG C . n 
C 3 2  DG 2  210 210 DG DG C . n 
C 3 3  DC 3  211 211 DC DC C . n 
C 3 4  DT 4  212 212 DT DT C . n 
C 3 5  DC 5  213 213 DC DC C . n 
C 3 6  DC 6  214 214 DC DC C . n 
D 4 1  DT 1  201 201 DT DT D . n 
D 4 2  DC 2  202 202 DC DC D . n 
D 4 3  DC 3  203 203 DC DC D . n 
D 4 4  DT 4  204 204 DT DT D . n 
D 4 5  DC 5  205 205 DC DC D . n 
D 4 6  DT 6  206 206 DT DT D . n 
D 4 7  DG 7  207 207 DG DG D . n 
D 4 8  DT 8  208 208 DT DT D . n 
# 
_pdbx_contact_author.id                 2 
_pdbx_contact_author.email              ruojie.sha@nyu.edu 
_pdbx_contact_author.name_first         Ruojie 
_pdbx_contact_author.name_last          Sha 
_pdbx_contact_author.name_mi            ? 
_pdbx_contact_author.role               'principal investigator/group leader' 
_pdbx_contact_author.identifier_ORCID   0000-0002-0807-734X 
# 
_pdbx_struct_assembly.id                   1 
_pdbx_struct_assembly.details              author_defined_assembly 
_pdbx_struct_assembly.method_details       ? 
_pdbx_struct_assembly.oligomeric_details   dodecameric 
_pdbx_struct_assembly.oligomeric_count     12 
# 
loop_
_pdbx_struct_assembly_gen.assembly_id 
_pdbx_struct_assembly_gen.oper_expression 
_pdbx_struct_assembly_gen.asym_id_list 
1 1 A,B,C,D 
1 2 A,B,C,D 
1 3 A,B,C,D 
# 
loop_
_pdbx_struct_oper_list.id 
_pdbx_struct_oper_list.type 
_pdbx_struct_oper_list.name 
_pdbx_struct_oper_list.symmetry_operation 
_pdbx_struct_oper_list.matrix[1][1] 
_pdbx_struct_oper_list.matrix[1][2] 
_pdbx_struct_oper_list.matrix[1][3] 
_pdbx_struct_oper_list.vector[1] 
_pdbx_struct_oper_list.matrix[2][1] 
_pdbx_struct_oper_list.matrix[2][2] 
_pdbx_struct_oper_list.matrix[2][3] 
_pdbx_struct_oper_list.vector[2] 
_pdbx_struct_oper_list.matrix[3][1] 
_pdbx_struct_oper_list.matrix[3][2] 
_pdbx_struct_oper_list.matrix[3][3] 
_pdbx_struct_oper_list.vector[3] 
1 'identity operation'         1_555 x,y,z       1.0000000000  0.0000000000  0.0000000000 0.0000000000   0.0000000000  1.0000000000  0.0000000000  0.0000000000  0.0000000000 0.0000000000  1.0000000000 0.0000000000  
2 'crystal symmetry operation' 2_565 -y,x-y+1,z  -0.1980098193 0.8568168904  0.4760850006 -24.6139448307 -0.6728925309 -0.4719956374 0.5695926265  1.4235195087  0.7127466264 -0.2075691079 0.6700054567 12.2847668665 
3 'crystal symmetry operation' 3_455 -x+y-1,-x,z -0.1980098193 -0.6728925309 0.7127466264 -12.6718532641 0.8568168904  -0.4719956374 -0.2075691079 24.3114767669 0.4760850006 0.5695926265  0.6700054567 2.6766428884 
# 
loop_
_pdbx_audit_revision_history.ordinal 
_pdbx_audit_revision_history.data_content_type 
_pdbx_audit_revision_history.major_revision 
_pdbx_audit_revision_history.minor_revision 
_pdbx_audit_revision_history.revision_date 
1 'Structure model' 1 0 2022-12-28 
2 'Structure model' 1 1 2023-01-18 
3 'Structure model' 1 2 2023-02-08 
4 'Structure model' 1 3 2023-08-16 
5 'Structure model' 1 4 2023-10-25 
# 
_pdbx_audit_revision_details.ordinal             1 
_pdbx_audit_revision_details.revision_ordinal    1 
_pdbx_audit_revision_details.data_content_type   'Structure model' 
_pdbx_audit_revision_details.provider            repository 
_pdbx_audit_revision_details.type                'Initial release' 
_pdbx_audit_revision_details.description         ? 
_pdbx_audit_revision_details.details             ? 
# 
loop_
_pdbx_audit_revision_group.ordinal 
_pdbx_audit_revision_group.revision_ordinal 
_pdbx_audit_revision_group.data_content_type 
_pdbx_audit_revision_group.group 
1 2 'Structure model' 'Database references'    
2 3 'Structure model' 'Database references'    
3 4 'Structure model' 'Data collection'        
4 4 'Structure model' Other                    
5 5 'Structure model' 'Refinement description' 
# 
loop_
_pdbx_audit_revision_category.ordinal 
_pdbx_audit_revision_category.revision_ordinal 
_pdbx_audit_revision_category.data_content_type 
_pdbx_audit_revision_category.category 
1 2 'Structure model' citation                      
2 2 'Structure model' citation_author               
3 3 'Structure model' citation                      
4 4 'Structure model' chem_comp_atom                
5 4 'Structure model' chem_comp_bond                
6 4 'Structure model' pdbx_database_status          
7 5 'Structure model' pdbx_initial_refinement_model 
# 
loop_
_pdbx_audit_revision_item.ordinal 
_pdbx_audit_revision_item.revision_ordinal 
_pdbx_audit_revision_item.data_content_type 
_pdbx_audit_revision_item.item 
1 2 'Structure model' '_citation.page_first'                        
2 2 'Structure model' '_citation.page_last'                         
3 2 'Structure model' '_citation_author.identifier_ORCID'           
4 3 'Structure model' '_citation.journal_volume'                    
5 3 'Structure model' '_citation.year'                              
6 4 'Structure model' '_pdbx_database_status.pdb_format_compatible' 
# 
loop_
_space_group_symop.id 
_space_group_symop.operation_xyz 
1 x,y,z        
2 x-y,x,z+1/2  
3 y,-x+y,z+1/2 
4 -y,x-y,z     
5 -x+y,-x,z    
6 -x,-y,z+1/2  
# 
loop_
_pdbx_refine_tls.id 
_pdbx_refine_tls.pdbx_refine_id 
_pdbx_refine_tls.details 
_pdbx_refine_tls.method 
_pdbx_refine_tls.origin_x 
_pdbx_refine_tls.origin_y 
_pdbx_refine_tls.origin_z 
_pdbx_refine_tls.T[1][1] 
_pdbx_refine_tls.T[1][1]_esd 
_pdbx_refine_tls.T[1][2] 
_pdbx_refine_tls.T[1][2]_esd 
_pdbx_refine_tls.T[1][3] 
_pdbx_refine_tls.T[1][3]_esd 
_pdbx_refine_tls.T[2][2] 
_pdbx_refine_tls.T[2][2]_esd 
_pdbx_refine_tls.T[2][3] 
_pdbx_refine_tls.T[2][3]_esd 
_pdbx_refine_tls.T[3][3] 
_pdbx_refine_tls.T[3][3]_esd 
_pdbx_refine_tls.L[1][1] 
_pdbx_refine_tls.L[1][1]_esd 
_pdbx_refine_tls.L[1][2] 
_pdbx_refine_tls.L[1][2]_esd 
_pdbx_refine_tls.L[1][3] 
_pdbx_refine_tls.L[1][3]_esd 
_pdbx_refine_tls.L[2][2] 
_pdbx_refine_tls.L[2][2]_esd 
_pdbx_refine_tls.L[2][3] 
_pdbx_refine_tls.L[2][3]_esd 
_pdbx_refine_tls.L[3][3] 
_pdbx_refine_tls.L[3][3]_esd 
_pdbx_refine_tls.S[1][1] 
_pdbx_refine_tls.S[1][1]_esd 
_pdbx_refine_tls.S[1][2] 
_pdbx_refine_tls.S[1][2]_esd 
_pdbx_refine_tls.S[1][3] 
_pdbx_refine_tls.S[1][3]_esd 
_pdbx_refine_tls.S[2][1] 
_pdbx_refine_tls.S[2][1]_esd 
_pdbx_refine_tls.S[2][2] 
_pdbx_refine_tls.S[2][2]_esd 
_pdbx_refine_tls.S[2][3] 
_pdbx_refine_tls.S[2][3]_esd 
_pdbx_refine_tls.S[3][1] 
_pdbx_refine_tls.S[3][1]_esd 
_pdbx_refine_tls.S[3][2] 
_pdbx_refine_tls.S[3][2]_esd 
_pdbx_refine_tls.S[3][3] 
_pdbx_refine_tls.S[3][3]_esd 
1 'X-RAY DIFFRACTION' ? refined -1.2830599036 -2.3505030484  -0.3511655041 4.17770596135  ? -1.404884493279 ? -0.838638682289 ? 5.32766482494 ? 0.13024624719  ? 8.37815495103  ? 4.35218705415  ? 7.37061812322  ? 0.51972325661  ? 11.2959357548 ? 4.17923632246   ? -1.1172725158 ? 0.702823581565 ? 4.62413579220   ? 1.14534948985   ? 1.16823490343  ? 2.66452750362   ? -3.922325867874 ? 0.40595452747   ? 0.51550593523  ? -1.284890348686 ? 
2 'X-RAY DIFFRACTION' ? refined -1.1733205244 0.9389438547   0.697830740   3.29065559155  ? 0.06476083398   ? 1.569770515578  ? 5.63762481453 ? -0.76155885851 ? 10.20001590491 ? 0.2768173619   ? 0.652615014472 ? -0.66583544365 ? 3.23348708659 ? 0.63659154326   ? 5.13479097774 ? -2.86520593672 ? -0.16808440728  ? -3.802032981129 ? 2.04486403762  ? -0.914829394238 ? -2.96065386630  ? 2.95861514072   ? 4.00997460921  ? 3.20700974248   ? 
3 'X-RAY DIFFRACTION' ? refined -10.950081711 -17.3943201444 -5.3804867868 3.93546363167  ? 0.999385510515  ? 0.510216107930  ? 4.40017377200 ? 0.30629506899  ? 8.21523618292  ? 0.96681320883  ? 2.14985536935  ? -0.23640606934 ? 5.90075014571 ? -0.316404794326 ? 2.62425543738 ? 0.85102238872  ? 1.63679213722   ? 2.55348510767   ? -3.64716061930 ? 1.259866281162  ? -0.89763292113  ? -3.317692327700 ? -2.46598948346 ? -1.75202997122  ? 
4 'X-RAY DIFFRACTION' ? refined 13.0694998993 19.4478492144  4.55865077539 -1.15547169224 ? -2.78801086140  ? -1.579149270856 ? 7.4906867058  ? -1.66429596717 ? 11.81667123923 ? 1.853510615892 ? 0.349091421775 ? 1.179394830890 ? 0.81754102368 ? 1.594377911082  ? 2.85086035636 ? 0.796844324716 ? -3.225473927533 ? -1.91173035175  ? 1.58102520966  ? -1.276595722887 ? 0.732165801197  ? -3.65841755093  ? 4.955251118858 ? -2.23584837417  ? 
# 
loop_
_pdbx_refine_tls_group.id 
_pdbx_refine_tls_group.pdbx_refine_id 
_pdbx_refine_tls_group.refine_tls_id 
_pdbx_refine_tls_group.beg_label_asym_id 
_pdbx_refine_tls_group.beg_label_seq_id 
_pdbx_refine_tls_group.beg_auth_asym_id 
_pdbx_refine_tls_group.beg_auth_seq_id 
_pdbx_refine_tls_group.beg_PDB_ins_code 
_pdbx_refine_tls_group.end_label_asym_id 
_pdbx_refine_tls_group.end_label_seq_id 
_pdbx_refine_tls_group.end_auth_asym_id 
_pdbx_refine_tls_group.end_auth_seq_id 
_pdbx_refine_tls_group.end_PDB_ins_code 
_pdbx_refine_tls_group.selection 
_pdbx_refine_tls_group.selection_details 
1 'X-RAY DIFFRACTION' 1 A ? A 101 ? A ? A 121 ? ? 
;(chain 'A' and resid 101 through 121)
;
2 'X-RAY DIFFRACTION' 2 B ? B 119 ? B ? B 125 ? ? 
;(chain 'B' and resid 119 through 125)
;
3 'X-RAY DIFFRACTION' 3 C ? C 209 ? C ? C 214 ? ? 
;(chain 'C' and resid 209 through 214)
;
4 'X-RAY DIFFRACTION' 4 D ? D 201 ? D ? D 208 ? ? 
;(chain 'D' and resid 201 through 208)
;
# 
loop_
_software.citation_id 
_software.classification 
_software.compiler_name 
_software.compiler_version 
_software.contact_author 
_software.contact_author_email 
_software.date 
_software.description 
_software.dependencies 
_software.hardware 
_software.language 
_software.location 
_software.mods 
_software.name 
_software.os 
_software.os_version 
_software.type 
_software.version 
_software.pdbx_ordinal 
? refinement       ? ? ? ? ? ? ? ? ? ? ? PHENIX    ? ? ? 1.19.2_4158 1 
? 'data reduction' ? ? ? ? ? ? ? ? ? ? ? autoPROC  ? ? ? .           2 
? 'data scaling'   ? ? ? ? ? ? ? ? ? ? ? STARANISO ? ? ? .           3 
? phasing          ? ? ? ? ? ? ? ? ? ? ? PHASER    ? ? ? .           4 
# 
loop_
_pdbx_validate_rmsd_angle.id 
_pdbx_validate_rmsd_angle.PDB_model_num 
_pdbx_validate_rmsd_angle.auth_atom_id_1 
_pdbx_validate_rmsd_angle.auth_asym_id_1 
_pdbx_validate_rmsd_angle.auth_comp_id_1 
_pdbx_validate_rmsd_angle.auth_seq_id_1 
_pdbx_validate_rmsd_angle.PDB_ins_code_1 
_pdbx_validate_rmsd_angle.label_alt_id_1 
_pdbx_validate_rmsd_angle.auth_atom_id_2 
_pdbx_validate_rmsd_angle.auth_asym_id_2 
_pdbx_validate_rmsd_angle.auth_comp_id_2 
_pdbx_validate_rmsd_angle.auth_seq_id_2 
_pdbx_validate_rmsd_angle.PDB_ins_code_2 
_pdbx_validate_rmsd_angle.label_alt_id_2 
_pdbx_validate_rmsd_angle.auth_atom_id_3 
_pdbx_validate_rmsd_angle.auth_asym_id_3 
_pdbx_validate_rmsd_angle.auth_comp_id_3 
_pdbx_validate_rmsd_angle.auth_seq_id_3 
_pdbx_validate_rmsd_angle.PDB_ins_code_3 
_pdbx_validate_rmsd_angle.label_alt_id_3 
_pdbx_validate_rmsd_angle.angle_value 
_pdbx_validate_rmsd_angle.angle_target_value 
_pdbx_validate_rmsd_angle.angle_deviation 
_pdbx_validate_rmsd_angle.angle_standard_deviation 
_pdbx_validate_rmsd_angle.linker_flag 
1 1 "O3'" A DA 102 ? ? P     A DG 103 ? ? OP2 A DG 103 ? ? 73.67  105.20 -31.53 2.20 Y 
2 1 "O3'" A DA 102 ? ? P     A DG 103 ? ? OP1 A DG 103 ? ? 72.27  105.20 -32.93 2.20 Y 
3 1 OP1   A DG 103 ? ? P     A DG 103 ? ? OP2 A DG 103 ? ? 145.91 119.60 26.31  1.50 N 
4 1 "O5'" A DG 103 ? ? P     A DG 103 ? ? OP1 A DG 103 ? ? 100.27 105.70 -5.43  0.90 N 
5 1 "O5'" A DG 103 ? ? P     A DG 103 ? ? OP2 A DG 103 ? ? 92.73  105.70 -12.97 0.90 N 
6 1 "O4'" A DC 117 ? ? "C1'" A DC 117 ? ? N1  A DC 117 ? ? 110.50 108.30 2.20   0.30 N 
# 
loop_
_chem_comp_atom.comp_id 
_chem_comp_atom.atom_id 
_chem_comp_atom.type_symbol 
_chem_comp_atom.pdbx_aromatic_flag 
_chem_comp_atom.pdbx_stereo_config 
_chem_comp_atom.pdbx_ordinal 
DA OP3    O N N 1   
DA P      P N N 2   
DA OP1    O N N 3   
DA OP2    O N N 4   
DA "O5'"  O N N 5   
DA "C5'"  C N N 6   
DA "C4'"  C N R 7   
DA "O4'"  O N N 8   
DA "C3'"  C N S 9   
DA "O3'"  O N N 10  
DA "C2'"  C N N 11  
DA "C1'"  C N R 12  
DA N9     N Y N 13  
DA C8     C Y N 14  
DA N7     N Y N 15  
DA C5     C Y N 16  
DA C6     C Y N 17  
DA N6     N N N 18  
DA N1     N Y N 19  
DA C2     C Y N 20  
DA N3     N Y N 21  
DA C4     C Y N 22  
DA HOP3   H N N 23  
DA HOP2   H N N 24  
DA "H5'"  H N N 25  
DA "H5''" H N N 26  
DA "H4'"  H N N 27  
DA "H3'"  H N N 28  
DA "HO3'" H N N 29  
DA "H2'"  H N N 30  
DA "H2''" H N N 31  
DA "H1'"  H N N 32  
DA H8     H N N 33  
DA H61    H N N 34  
DA H62    H N N 35  
DA H2     H N N 36  
DC OP3    O N N 37  
DC P      P N N 38  
DC OP1    O N N 39  
DC OP2    O N N 40  
DC "O5'"  O N N 41  
DC "C5'"  C N N 42  
DC "C4'"  C N R 43  
DC "O4'"  O N N 44  
DC "C3'"  C N S 45  
DC "O3'"  O N N 46  
DC "C2'"  C N N 47  
DC "C1'"  C N R 48  
DC N1     N N N 49  
DC C2     C N N 50  
DC O2     O N N 51  
DC N3     N N N 52  
DC C4     C N N 53  
DC N4     N N N 54  
DC C5     C N N 55  
DC C6     C N N 56  
DC HOP3   H N N 57  
DC HOP2   H N N 58  
DC "H5'"  H N N 59  
DC "H5''" H N N 60  
DC "H4'"  H N N 61  
DC "H3'"  H N N 62  
DC "HO3'" H N N 63  
DC "H2'"  H N N 64  
DC "H2''" H N N 65  
DC "H1'"  H N N 66  
DC H41    H N N 67  
DC H42    H N N 68  
DC H5     H N N 69  
DC H6     H N N 70  
DG OP3    O N N 71  
DG P      P N N 72  
DG OP1    O N N 73  
DG OP2    O N N 74  
DG "O5'"  O N N 75  
DG "C5'"  C N N 76  
DG "C4'"  C N R 77  
DG "O4'"  O N N 78  
DG "C3'"  C N S 79  
DG "O3'"  O N N 80  
DG "C2'"  C N N 81  
DG "C1'"  C N R 82  
DG N9     N Y N 83  
DG C8     C Y N 84  
DG N7     N Y N 85  
DG C5     C Y N 86  
DG C6     C N N 87  
DG O6     O N N 88  
DG N1     N N N 89  
DG C2     C N N 90  
DG N2     N N N 91  
DG N3     N N N 92  
DG C4     C Y N 93  
DG HOP3   H N N 94  
DG HOP2   H N N 95  
DG "H5'"  H N N 96  
DG "H5''" H N N 97  
DG "H4'"  H N N 98  
DG "H3'"  H N N 99  
DG "HO3'" H N N 100 
DG "H2'"  H N N 101 
DG "H2''" H N N 102 
DG "H1'"  H N N 103 
DG H8     H N N 104 
DG H1     H N N 105 
DG H21    H N N 106 
DG H22    H N N 107 
DT OP3    O N N 108 
DT P      P N N 109 
DT OP1    O N N 110 
DT OP2    O N N 111 
DT "O5'"  O N N 112 
DT "C5'"  C N N 113 
DT "C4'"  C N R 114 
DT "O4'"  O N N 115 
DT "C3'"  C N S 116 
DT "O3'"  O N N 117 
DT "C2'"  C N N 118 
DT "C1'"  C N R 119 
DT N1     N N N 120 
DT C2     C N N 121 
DT O2     O N N 122 
DT N3     N N N 123 
DT C4     C N N 124 
DT O4     O N N 125 
DT C5     C N N 126 
DT C7     C N N 127 
DT C6     C N N 128 
DT HOP3   H N N 129 
DT HOP2   H N N 130 
DT "H5'"  H N N 131 
DT "H5''" H N N 132 
DT "H4'"  H N N 133 
DT "H3'"  H N N 134 
DT "HO3'" H N N 135 
DT "H2'"  H N N 136 
DT "H2''" H N N 137 
DT "H1'"  H N N 138 
DT H3     H N N 139 
DT H71    H N N 140 
DT H72    H N N 141 
DT H73    H N N 142 
DT H6     H N N 143 
# 
loop_
_chem_comp_bond.comp_id 
_chem_comp_bond.atom_id_1 
_chem_comp_bond.atom_id_2 
_chem_comp_bond.value_order 
_chem_comp_bond.pdbx_aromatic_flag 
_chem_comp_bond.pdbx_stereo_config 
_chem_comp_bond.pdbx_ordinal 
DA OP3   P      sing N N 1   
DA OP3   HOP3   sing N N 2   
DA P     OP1    doub N N 3   
DA P     OP2    sing N N 4   
DA P     "O5'"  sing N N 5   
DA OP2   HOP2   sing N N 6   
DA "O5'" "C5'"  sing N N 7   
DA "C5'" "C4'"  sing N N 8   
DA "C5'" "H5'"  sing N N 9   
DA "C5'" "H5''" sing N N 10  
DA "C4'" "O4'"  sing N N 11  
DA "C4'" "C3'"  sing N N 12  
DA "C4'" "H4'"  sing N N 13  
DA "O4'" "C1'"  sing N N 14  
DA "C3'" "O3'"  sing N N 15  
DA "C3'" "C2'"  sing N N 16  
DA "C3'" "H3'"  sing N N 17  
DA "O3'" "HO3'" sing N N 18  
DA "C2'" "C1'"  sing N N 19  
DA "C2'" "H2'"  sing N N 20  
DA "C2'" "H2''" sing N N 21  
DA "C1'" N9     sing N N 22  
DA "C1'" "H1'"  sing N N 23  
DA N9    C8     sing Y N 24  
DA N9    C4     sing Y N 25  
DA C8    N7     doub Y N 26  
DA C8    H8     sing N N 27  
DA N7    C5     sing Y N 28  
DA C5    C6     sing Y N 29  
DA C5    C4     doub Y N 30  
DA C6    N6     sing N N 31  
DA C6    N1     doub Y N 32  
DA N6    H61    sing N N 33  
DA N6    H62    sing N N 34  
DA N1    C2     sing Y N 35  
DA C2    N3     doub Y N 36  
DA C2    H2     sing N N 37  
DA N3    C4     sing Y N 38  
DC OP3   P      sing N N 39  
DC OP3   HOP3   sing N N 40  
DC P     OP1    doub N N 41  
DC P     OP2    sing N N 42  
DC P     "O5'"  sing N N 43  
DC OP2   HOP2   sing N N 44  
DC "O5'" "C5'"  sing N N 45  
DC "C5'" "C4'"  sing N N 46  
DC "C5'" "H5'"  sing N N 47  
DC "C5'" "H5''" sing N N 48  
DC "C4'" "O4'"  sing N N 49  
DC "C4'" "C3'"  sing N N 50  
DC "C4'" "H4'"  sing N N 51  
DC "O4'" "C1'"  sing N N 52  
DC "C3'" "O3'"  sing N N 53  
DC "C3'" "C2'"  sing N N 54  
DC "C3'" "H3'"  sing N N 55  
DC "O3'" "HO3'" sing N N 56  
DC "C2'" "C1'"  sing N N 57  
DC "C2'" "H2'"  sing N N 58  
DC "C2'" "H2''" sing N N 59  
DC "C1'" N1     sing N N 60  
DC "C1'" "H1'"  sing N N 61  
DC N1    C2     sing N N 62  
DC N1    C6     sing N N 63  
DC C2    O2     doub N N 64  
DC C2    N3     sing N N 65  
DC N3    C4     doub N N 66  
DC C4    N4     sing N N 67  
DC C4    C5     sing N N 68  
DC N4    H41    sing N N 69  
DC N4    H42    sing N N 70  
DC C5    C6     doub N N 71  
DC C5    H5     sing N N 72  
DC C6    H6     sing N N 73  
DG OP3   P      sing N N 74  
DG OP3   HOP3   sing N N 75  
DG P     OP1    doub N N 76  
DG P     OP2    sing N N 77  
DG P     "O5'"  sing N N 78  
DG OP2   HOP2   sing N N 79  
DG "O5'" "C5'"  sing N N 80  
DG "C5'" "C4'"  sing N N 81  
DG "C5'" "H5'"  sing N N 82  
DG "C5'" "H5''" sing N N 83  
DG "C4'" "O4'"  sing N N 84  
DG "C4'" "C3'"  sing N N 85  
DG "C4'" "H4'"  sing N N 86  
DG "O4'" "C1'"  sing N N 87  
DG "C3'" "O3'"  sing N N 88  
DG "C3'" "C2'"  sing N N 89  
DG "C3'" "H3'"  sing N N 90  
DG "O3'" "HO3'" sing N N 91  
DG "C2'" "C1'"  sing N N 92  
DG "C2'" "H2'"  sing N N 93  
DG "C2'" "H2''" sing N N 94  
DG "C1'" N9     sing N N 95  
DG "C1'" "H1'"  sing N N 96  
DG N9    C8     sing Y N 97  
DG N9    C4     sing Y N 98  
DG C8    N7     doub Y N 99  
DG C8    H8     sing N N 100 
DG N7    C5     sing Y N 101 
DG C5    C6     sing N N 102 
DG C5    C4     doub Y N 103 
DG C6    O6     doub N N 104 
DG C6    N1     sing N N 105 
DG N1    C2     sing N N 106 
DG N1    H1     sing N N 107 
DG C2    N2     sing N N 108 
DG C2    N3     doub N N 109 
DG N2    H21    sing N N 110 
DG N2    H22    sing N N 111 
DG N3    C4     sing N N 112 
DT OP3   P      sing N N 113 
DT OP3   HOP3   sing N N 114 
DT P     OP1    doub N N 115 
DT P     OP2    sing N N 116 
DT P     "O5'"  sing N N 117 
DT OP2   HOP2   sing N N 118 
DT "O5'" "C5'"  sing N N 119 
DT "C5'" "C4'"  sing N N 120 
DT "C5'" "H5'"  sing N N 121 
DT "C5'" "H5''" sing N N 122 
DT "C4'" "O4'"  sing N N 123 
DT "C4'" "C3'"  sing N N 124 
DT "C4'" "H4'"  sing N N 125 
DT "O4'" "C1'"  sing N N 126 
DT "C3'" "O3'"  sing N N 127 
DT "C3'" "C2'"  sing N N 128 
DT "C3'" "H3'"  sing N N 129 
DT "O3'" "HO3'" sing N N 130 
DT "C2'" "C1'"  sing N N 131 
DT "C2'" "H2'"  sing N N 132 
DT "C2'" "H2''" sing N N 133 
DT "C1'" N1     sing N N 134 
DT "C1'" "H1'"  sing N N 135 
DT N1    C2     sing N N 136 
DT N1    C6     sing N N 137 
DT C2    O2     doub N N 138 
DT C2    N3     sing N N 139 
DT N3    C4     sing N N 140 
DT N3    H3     sing N N 141 
DT C4    O4     doub N N 142 
DT C4    C5     sing N N 143 
DT C5    C7     sing N N 144 
DT C5    C6     doub N N 145 
DT C7    H71    sing N N 146 
DT C7    H72    sing N N 147 
DT C7    H73    sing N N 148 
DT C6    H6     sing N N 149 
# 
loop_
_ndb_struct_conf_na.entry_id 
_ndb_struct_conf_na.feature 
8CS8 'double helix'        
8CS8 'b-form double helix' 
# 
loop_
_ndb_struct_na_base_pair.model_number 
_ndb_struct_na_base_pair.i_label_asym_id 
_ndb_struct_na_base_pair.i_label_comp_id 
_ndb_struct_na_base_pair.i_label_seq_id 
_ndb_struct_na_base_pair.i_symmetry 
_ndb_struct_na_base_pair.j_label_asym_id 
_ndb_struct_na_base_pair.j_label_comp_id 
_ndb_struct_na_base_pair.j_label_seq_id 
_ndb_struct_na_base_pair.j_symmetry 
_ndb_struct_na_base_pair.shear 
_ndb_struct_na_base_pair.stretch 
_ndb_struct_na_base_pair.stagger 
_ndb_struct_na_base_pair.buckle 
_ndb_struct_na_base_pair.propeller 
_ndb_struct_na_base_pair.opening 
_ndb_struct_na_base_pair.pair_number 
_ndb_struct_na_base_pair.pair_name 
_ndb_struct_na_base_pair.i_auth_asym_id 
_ndb_struct_na_base_pair.i_auth_seq_id 
_ndb_struct_na_base_pair.i_PDB_ins_code 
_ndb_struct_na_base_pair.j_auth_asym_id 
_ndb_struct_na_base_pair.j_auth_seq_id 
_ndb_struct_na_base_pair.j_PDB_ins_code 
_ndb_struct_na_base_pair.hbond_type_28 
_ndb_struct_na_base_pair.hbond_type_12 
1 A DG 3  1_555 C DC 6 1_555 -0.219 -0.079 0.248  8.041   1.427   1.618   1  A_DG103:DC214_C A 103 ? C 214 ? 19 1 
1 A DG 4  1_555 C DC 5 1_555 -0.179 -0.158 -0.311 -0.100  -0.675  1.969   2  A_DG104:DC213_C A 104 ? C 213 ? 19 1 
1 A DA 5  1_555 C DT 4 1_555 0.194  -0.187 -0.994 -14.068 -6.410  -6.976  3  A_DA105:DT212_C A 105 ? C 212 ? 20 1 
1 A DG 6  1_555 C DC 3 1_555 -0.157 -0.104 -0.305 -15.534 -4.298  -0.198  4  A_DG106:DC211_C A 106 ? C 211 ? 19 1 
1 A DC 7  1_555 C DG 2 1_555 1.193  1.725  1.975  -5.880  1.568   51.748  5  A_DC107:DG210_C A 107 ? C 210 ? ?  ? 
1 A DC 8  1_555 C DG 1 1_555 -3.755 0.588  -0.498 -6.869  -10.276 5.119   6  A_DC108:DG209_C A 108 ? C 209 ? ?  ? 
1 A DT 9  1_555 B DA 7 1_555 -0.132 -0.160 -0.463 -6.893  7.946   -3.243  7  A_DT109:DA125_B A 109 ? B 125 ? 20 1 
1 A DG 10 1_555 B DC 6 1_555 -0.222 -0.180 -0.754 -5.122  -5.715  2.040   8  A_DG110:DC124_B A 110 ? B 124 ? 19 1 
1 A DC 11 1_555 B DG 5 1_555 0.204  -0.173 -0.520 -2.294  -2.974  1.219   9  A_DC111:DG123_B A 111 ? B 123 ? 19 1 
1 A DG 12 1_555 B DC 4 1_555 -0.241 -0.117 -0.169 -1.942  -2.146  1.071   10 A_DG112:DC122_B A 112 ? B 122 ? 19 1 
1 A DC 13 1_555 B DG 3 1_555 0.185  -0.181 0.337  1.180   -4.443  0.535   11 A_DC113:DG121_B A 113 ? B 121 ? 19 1 
1 A DG 15 1_555 B DC 1 1_555 -0.138 -0.142 0.387  9.008   -7.919  -0.381  12 A_DG115:DC119_B A 115 ? B 119 ? 19 1 
1 A DA 16 1_555 D DT 8 1_555 0.205  -0.295 0.984  3.749   -14.077 -10.381 13 A_DA116:DT208_D A 116 ? D 208 ? 20 1 
1 A DC 17 1_555 D DG 7 1_555 0.229  -0.126 0.606  -0.834  -7.170  2.509   14 A_DC117:DG207_D A 117 ? D 207 ? 19 1 
1 A DA 18 1_555 D DT 6 1_555 -0.019 -0.138 -0.021 -15.513 -15.628 0.422   15 A_DA118:DT206_D A 118 ? D 206 ? 20 1 
1 A DG 19 1_555 D DC 5 1_555 -0.248 -0.206 0.631  -5.635  8.116   5.939   16 A_DG119:DC205_D A 119 ? D 205 ? 19 1 
1 A DA 20 1_555 D DT 4 1_555 0.100  -0.226 0.780  0.643   7.704   1.964   17 A_DA120:DT204_D A 120 ? D 204 ? 20 1 
1 A DG 21 1_555 D DC 3 1_555 -0.157 -0.249 -0.786 -0.595  -2.611  1.078   18 A_DG121:DC203_D A 121 ? D 203 ? 19 1 
# 
loop_
_ndb_struct_na_base_pair_step.model_number 
_ndb_struct_na_base_pair_step.i_label_asym_id_1 
_ndb_struct_na_base_pair_step.i_label_comp_id_1 
_ndb_struct_na_base_pair_step.i_label_seq_id_1 
_ndb_struct_na_base_pair_step.i_symmetry_1 
_ndb_struct_na_base_pair_step.j_label_asym_id_1 
_ndb_struct_na_base_pair_step.j_label_comp_id_1 
_ndb_struct_na_base_pair_step.j_label_seq_id_1 
_ndb_struct_na_base_pair_step.j_symmetry_1 
_ndb_struct_na_base_pair_step.i_label_asym_id_2 
_ndb_struct_na_base_pair_step.i_label_comp_id_2 
_ndb_struct_na_base_pair_step.i_label_seq_id_2 
_ndb_struct_na_base_pair_step.i_symmetry_2 
_ndb_struct_na_base_pair_step.j_label_asym_id_2 
_ndb_struct_na_base_pair_step.j_label_comp_id_2 
_ndb_struct_na_base_pair_step.j_label_seq_id_2 
_ndb_struct_na_base_pair_step.j_symmetry_2 
_ndb_struct_na_base_pair_step.shift 
_ndb_struct_na_base_pair_step.slide 
_ndb_struct_na_base_pair_step.rise 
_ndb_struct_na_base_pair_step.tilt 
_ndb_struct_na_base_pair_step.roll 
_ndb_struct_na_base_pair_step.twist 
_ndb_struct_na_base_pair_step.x_displacement 
_ndb_struct_na_base_pair_step.y_displacement 
_ndb_struct_na_base_pair_step.helical_rise 
_ndb_struct_na_base_pair_step.inclination 
_ndb_struct_na_base_pair_step.tip 
_ndb_struct_na_base_pair_step.helical_twist 
_ndb_struct_na_base_pair_step.step_number 
_ndb_struct_na_base_pair_step.step_name 
_ndb_struct_na_base_pair_step.i_auth_asym_id_1 
_ndb_struct_na_base_pair_step.i_auth_seq_id_1 
_ndb_struct_na_base_pair_step.i_PDB_ins_code_1 
_ndb_struct_na_base_pair_step.j_auth_asym_id_1 
_ndb_struct_na_base_pair_step.j_auth_seq_id_1 
_ndb_struct_na_base_pair_step.j_PDB_ins_code_1 
_ndb_struct_na_base_pair_step.i_auth_asym_id_2 
_ndb_struct_na_base_pair_step.i_auth_seq_id_2 
_ndb_struct_na_base_pair_step.i_PDB_ins_code_2 
_ndb_struct_na_base_pair_step.j_auth_asym_id_2 
_ndb_struct_na_base_pair_step.j_auth_seq_id_2 
_ndb_struct_na_base_pair_step.j_PDB_ins_code_2 
1 A DG 3  1_555 C DC 6 1_555 A DG 4  1_555 C DC 5 1_555 -0.143 -1.810 3.476 2.671   -0.794 33.242 -3.013 0.723  3.495 -1.385  
-4.659  33.356 1  AA_DG103DG104:DC213DC214_CC A 103 ? C 214 ? A 104 ? C 213 ? 
1 A DG 4  1_555 C DC 5 1_555 A DA 5  1_555 C DT 4 1_555 -1.484 -0.150 3.982 -6.770  -1.941 38.589 0.068  1.195  4.176 -2.907  
10.142  39.202 2  AA_DG104DA105:DT212DC213_CC A 104 ? C 213 ? A 105 ? C 212 ? 
1 A DA 5  1_555 C DT 4 1_555 A DG 6  1_555 C DC 3 1_555 0.712  -0.444 3.296 -8.160  6.968  32.568 -1.819 -2.457 2.886 12.025  
14.082  34.244 3  AA_DA105DG106:DC211DT212_CC A 105 ? C 212 ? A 106 ? C 211 ? 
1 A DG 6  1_555 C DC 3 1_555 A DC 7  1_555 C DG 2 1_555 3.098  -0.123 3.253 -13.631 1.669  32.340 -0.407 -6.800 1.829 2.842   
23.210  35.063 4  AA_DG106DC107:DG210DC211_CC A 106 ? C 211 ? A 107 ? C 210 ? 
1 A DC 7  1_555 C DG 2 1_555 A DC 8  1_555 C DG 1 1_555 -3.593 -1.191 2.033 -3.364  -6.928 27.052 -1.259 6.820  2.668 -14.442 
7.013   28.107 5  AA_DC107DC108:DG209DG210_CC A 107 ? C 210 ? A 108 ? C 209 ? 
1 A DC 8  1_555 C DG 1 1_555 A DT 9  1_555 B DA 7 1_555 -0.981 -1.082 3.634 -1.432  -7.982 34.235 -0.414 1.377  3.819 -13.328 
2.392   35.155 6  AA_DC108DT109:DA125DG209_BC A 108 ? C 209 ? A 109 ? B 125 ? 
1 A DT 9  1_555 B DA 7 1_555 A DG 10 1_555 B DC 6 1_555 0.269  0.507  3.689 0.673   23.394 26.276 -3.384 -0.326 3.122 42.324  
-1.218  35.050 7  AA_DT109DG110:DC124DA125_BB A 109 ? B 125 ? A 110 ? B 124 ? 
1 A DG 10 1_555 B DC 6 1_555 A DC 11 1_555 B DG 5 1_555 -1.170 -0.446 3.281 -0.241  2.112  32.578 -1.161 2.040  3.254 3.761   
0.428   32.646 8  AA_DG110DC111:DG123DC124_BB A 110 ? B 124 ? A 111 ? B 123 ? 
1 A DC 11 1_555 B DG 5 1_555 A DG 12 1_555 B DC 4 1_555 -0.278 1.621  3.466 -0.338  1.323  39.571 2.227  0.368  3.519 1.954   
0.499   39.594 9  AA_DC111DG112:DC122DG123_BB A 111 ? B 123 ? A 112 ? B 122 ? 
1 A DG 12 1_555 B DC 4 1_555 A DC 13 1_555 B DG 3 1_555 -0.457 0.306  3.157 -3.916  2.755  32.156 0.076  0.146  3.203 4.939   
7.021   32.501 10 AA_DG112DC113:DG121DC122_BB A 112 ? B 122 ? A 113 ? B 121 ? 
1 A DC 13 1_555 B DG 3 1_555 A DG 15 1_555 B DC 1 1_555 0.967  2.992  6.277 -10.256 0.596  77.054 2.354  -1.326 6.149 0.477   
8.198   77.630 11 AA_DC113DG115:DC119DG121_BB A 113 ? B 121 ? A 115 ? B 119 ? 
1 A DG 15 1_555 B DC 1 1_555 A DA 16 1_555 D DT 8 1_555 -2.998 -0.616 2.989 -18.595 1.146  28.907 -1.257 1.629  4.103 2.048   
33.249  34.282 12 AA_DG115DA116:DT208DC119_DB A 115 ? B 119 ? A 116 ? D 208 ? 
1 A DA 16 1_555 D DT 8 1_555 A DC 17 1_555 D DG 7 1_555 0.990  -0.966 3.282 2.277   -2.451 26.752 -1.427 -1.524 3.425 -5.270  
-4.896  26.956 13 AA_DA116DC117:DG207DT208_DD A 116 ? D 208 ? A 117 ? D 207 ? 
1 A DC 17 1_555 D DG 7 1_555 A DA 18 1_555 D DT 6 1_555 -1.796 0.805  3.435 -4.595  -4.627 40.199 1.703  2.039  3.501 -6.679  
6.632   40.703 14 AA_DC117DA118:DT206DG207_DD A 117 ? D 207 ? A 118 ? D 206 ? 
1 A DA 18 1_555 D DT 6 1_555 A DG 19 1_555 D DC 5 1_555 0.637  0.186  3.171 -5.772  -7.978 35.565 1.322  -1.751 2.928 -12.761 
9.233   36.861 15 AA_DA118DG119:DC205DT206_DD A 118 ? D 206 ? A 119 ? D 205 ? 
1 A DG 19 1_555 D DC 5 1_555 A DA 20 1_555 D DT 4 1_555 -1.037 -0.526 3.067 -3.187  7.915  30.020 -2.388 1.363  2.928 14.905  
6.001   31.182 16 AA_DG119DA120:DT204DC205_DD A 119 ? D 205 ? A 120 ? D 204 ? 
1 A DA 20 1_555 D DT 4 1_555 A DG 21 1_555 D DC 3 1_555 0.089  -0.218 3.805 8.913   15.748 27.487 -3.521 1.616  3.121 29.444  
-16.664 32.813 17 AA_DA120DG121:DC203DT204_DD A 120 ? D 204 ? A 121 ? D 203 ? 
# 
loop_
_pdbx_audit_support.funding_organization 
_pdbx_audit_support.country 
_pdbx_audit_support.grant_number 
_pdbx_audit_support.ordinal 
'National Science Foundation (NSF, United States)' 'United States' CTS1120890    1 
'National Science Foundation (NSF, United States)' 'United States' CCF-1117210   2 
'National Science Foundation (NSF, United States)' 'United States' EFRI-1332411  3 
'National Science Foundation (NSF, United States)' 'United States' CHE-1708776   4 
'Office of Naval Research (ONR)'                   'United States' N000141110729 5 
'Office of Naval Research (ONR)'                   'United States' N000140911118 6 
'Department of Energy (DOE, United States)'        'United States' DESC0007991   7 
# 
_pdbx_initial_refinement_model.id               1 
_pdbx_initial_refinement_model.entity_id_list   ? 
_pdbx_initial_refinement_model.type             'experimental model' 
_pdbx_initial_refinement_model.source_name      PDB 
_pdbx_initial_refinement_model.accession_code   7R96 
_pdbx_initial_refinement_model.details          ? 
# 
_pdbx_struct_assembly_auth_evidence.id                     1 
_pdbx_struct_assembly_auth_evidence.assembly_id            1 
_pdbx_struct_assembly_auth_evidence.experimental_support   'native gel electrophoresis' 
_pdbx_struct_assembly_auth_evidence.details                ? 
# 
_space_group.name_H-M_alt     'P 63' 
_space_group.name_Hall        'P 6c' 
_space_group.IT_number        173 
_space_group.crystal_system   hexagonal 
_space_group.id               1 
# 
